data_2ZOV
# 
_entry.id   2ZOV 
# 
_audit_conform.dict_name       mmcif_pdbx.dic 
_audit_conform.dict_version    5.398 
_audit_conform.dict_location   http://mmcif.pdb.org/dictionaries/ascii/mmcif_pdbx.dic 
# 
loop_
_database_2.database_id 
_database_2.database_code 
_database_2.pdbx_database_accession 
_database_2.pdbx_DOI 
PDB   2ZOV         pdb_00002zov 10.2210/pdb2zov/pdb 
RCSB  RCSB028239   ?            ?                   
WWPDB D_1000028239 ?            ?                   
# 
loop_
_pdbx_audit_revision_history.ordinal 
_pdbx_audit_revision_history.data_content_type 
_pdbx_audit_revision_history.major_revision 
_pdbx_audit_revision_history.minor_revision 
_pdbx_audit_revision_history.revision_date 
1 'Structure model' 1 0 2009-06-09 
2 'Structure model' 1 1 2011-07-13 
3 'Structure model' 1 2 2024-11-06 
# 
_pdbx_audit_revision_details.ordinal             1 
_pdbx_audit_revision_details.revision_ordinal    1 
_pdbx_audit_revision_details.data_content_type   'Structure model' 
_pdbx_audit_revision_details.provider            repository 
_pdbx_audit_revision_details.type                'Initial release' 
_pdbx_audit_revision_details.description         ? 
_pdbx_audit_revision_details.details             ? 
# 
loop_
_pdbx_audit_revision_group.ordinal 
_pdbx_audit_revision_group.revision_ordinal 
_pdbx_audit_revision_group.data_content_type 
_pdbx_audit_revision_group.group 
1 2 'Structure model' 'Version format compliance' 
2 3 'Structure model' 'Data collection'           
3 3 'Structure model' 'Database references'       
4 3 'Structure model' 'Derived calculations'      
5 3 'Structure model' 'Structure summary'         
# 
loop_
_pdbx_audit_revision_category.ordinal 
_pdbx_audit_revision_category.revision_ordinal 
_pdbx_audit_revision_category.data_content_type 
_pdbx_audit_revision_category.category 
1 3 'Structure model' chem_comp_atom            
2 3 'Structure model' chem_comp_bond            
3 3 'Structure model' database_2                
4 3 'Structure model' pdbx_entry_details        
5 3 'Structure model' pdbx_modification_feature 
6 3 'Structure model' struct_conn               
7 3 'Structure model' struct_ref_seq_dif        
# 
loop_
_pdbx_audit_revision_item.ordinal 
_pdbx_audit_revision_item.revision_ordinal 
_pdbx_audit_revision_item.data_content_type 
_pdbx_audit_revision_item.item 
1 3 'Structure model' '_database_2.pdbx_DOI'                
2 3 'Structure model' '_database_2.pdbx_database_accession' 
3 3 'Structure model' '_struct_conn.pdbx_leaving_atom_flag' 
4 3 'Structure model' '_struct_ref_seq_dif.details'         
# 
_pdbx_database_status.status_code                     REL 
_pdbx_database_status.entry_id                        2ZOV 
_pdbx_database_status.recvd_initial_deposition_date   2008-06-09 
_pdbx_database_status.deposit_site                    PDBJ 
_pdbx_database_status.process_site                    PDBJ 
_pdbx_database_status.status_code_sf                  REL 
_pdbx_database_status.status_code_mr                  ? 
_pdbx_database_status.SG_entry                        ? 
_pdbx_database_status.pdb_format_compatible           Y 
_pdbx_database_status.status_code_cs                  ? 
_pdbx_database_status.status_code_nmr_data            ? 
_pdbx_database_status.methods_development_category    ? 
# 
loop_
_pdbx_database_related.db_name 
_pdbx_database_related.db_id 
_pdbx_database_related.details 
_pdbx_database_related.content_type 
PDB 2zvy . unspecified 
PDB 2zvz . unspecified 
# 
loop_
_audit_author.name 
_audit_author.pdbx_ordinal 
'Imada, K.'  1 
'Kojima, S.' 2 
'Namba, K.'  3 
'Homma, M.'  4 
# 
_citation.id                        primary 
_citation.title                     
'Stator assembly and activation mechanism of the flagellar motor by the periplasmic region of MotB' 
_citation.journal_abbrev            Mol.Microbiol. 
_citation.journal_volume            73 
_citation.page_first                710 
_citation.page_last                 718 
_citation.year                      2009 
_citation.journal_id_ASTM           MOMIEE 
_citation.country                   UK 
_citation.journal_id_ISSN           0950-382X 
_citation.journal_id_CSD            2007 
_citation.book_publisher            ? 
_citation.pdbx_database_id_PubMed   19627504 
_citation.pdbx_database_id_DOI      10.1111/j.1365-2958.2009.06802.x 
# 
loop_
_citation_author.citation_id 
_citation_author.name 
_citation_author.ordinal 
_citation_author.identifier_ORCID 
primary 'Kojima, S.'   1 ? 
primary 'Imada, K.'    2 ? 
primary 'Sakuma, M.'   3 ? 
primary 'Sudo, Y.'     4 ? 
primary 'Kojima, C.'   5 ? 
primary 'Minamino, T.' 6 ? 
primary 'Homma, M.'    7 ? 
primary 'Namba, K.'    8 ? 
# 
loop_
_entity.id 
_entity.type 
_entity.src_method 
_entity.pdbx_description 
_entity.formula_weight 
_entity.pdbx_number_of_molecules 
_entity.pdbx_ec 
_entity.pdbx_mutation 
_entity.pdbx_fragment 
_entity.details 
1 polymer man 'Chemotaxis protein motB' 23982.191 1   ? ? 'C-terminal fragment 1, UNP Residues 88-291' ? 
2 water   nat water                     18.015    204 ? ? ?                                            ? 
# 
_entity_name_com.entity_id   1 
_entity_name_com.name        'Motility protein B' 
# 
_entity_poly.entity_id                      1 
_entity_poly.type                           'polypeptide(L)' 
_entity_poly.nstd_linkage                   no 
_entity_poly.nstd_monomer                   yes 
_entity_poly.pdbx_seq_one_letter_code       
;GDDYTQQQGEVEKQPNIDELKKR(MSE)EQSRLNKLRGDLDQLIESDPKLRALRPHLKIDLVQEGLRIQIIDSQNRP
(MSE)FKTGSAEVEPY(MSE)RDILRAIAPVLNGIPNRISLAGHTDDFPYANGEKGYSNWELSADRANASRRELVAGGLD
NGKVLRVVG(MSE)AAT(MSE)RLSDRGPDDAINRRISLLVLNKQAEQAILHENAESQNEPVSVLQQHHHHHH
;
_entity_poly.pdbx_seq_one_letter_code_can   
;GDDYTQQQGEVEKQPNIDELKKRMEQSRLNKLRGDLDQLIESDPKLRALRPHLKIDLVQEGLRIQIIDSQNRPMFKTGSA
EVEPYMRDILRAIAPVLNGIPNRISLAGHTDDFPYANGEKGYSNWELSADRANASRRELVAGGLDNGKVLRVVGMAATMR
LSDRGPDDAINRRISLLVLNKQAEQAILHENAESQNEPVSVLQQHHHHHH
;
_entity_poly.pdbx_strand_id                 A 
_entity_poly.pdbx_target_identifier         ? 
# 
_pdbx_entity_nonpoly.entity_id   2 
_pdbx_entity_nonpoly.name        water 
_pdbx_entity_nonpoly.comp_id     HOH 
# 
loop_
_entity_poly_seq.entity_id 
_entity_poly_seq.num 
_entity_poly_seq.mon_id 
_entity_poly_seq.hetero 
1 1   GLY n 
1 2   ASP n 
1 3   ASP n 
1 4   TYR n 
1 5   THR n 
1 6   GLN n 
1 7   GLN n 
1 8   GLN n 
1 9   GLY n 
1 10  GLU n 
1 11  VAL n 
1 12  GLU n 
1 13  LYS n 
1 14  GLN n 
1 15  PRO n 
1 16  ASN n 
1 17  ILE n 
1 18  ASP n 
1 19  GLU n 
1 20  LEU n 
1 21  LYS n 
1 22  LYS n 
1 23  ARG n 
1 24  MSE n 
1 25  GLU n 
1 26  GLN n 
1 27  SER n 
1 28  ARG n 
1 29  LEU n 
1 30  ASN n 
1 31  LYS n 
1 32  LEU n 
1 33  ARG n 
1 34  GLY n 
1 35  ASP n 
1 36  LEU n 
1 37  ASP n 
1 38  GLN n 
1 39  LEU n 
1 40  ILE n 
1 41  GLU n 
1 42  SER n 
1 43  ASP n 
1 44  PRO n 
1 45  LYS n 
1 46  LEU n 
1 47  ARG n 
1 48  ALA n 
1 49  LEU n 
1 50  ARG n 
1 51  PRO n 
1 52  HIS n 
1 53  LEU n 
1 54  LYS n 
1 55  ILE n 
1 56  ASP n 
1 57  LEU n 
1 58  VAL n 
1 59  GLN n 
1 60  GLU n 
1 61  GLY n 
1 62  LEU n 
1 63  ARG n 
1 64  ILE n 
1 65  GLN n 
1 66  ILE n 
1 67  ILE n 
1 68  ASP n 
1 69  SER n 
1 70  GLN n 
1 71  ASN n 
1 72  ARG n 
1 73  PRO n 
1 74  MSE n 
1 75  PHE n 
1 76  LYS n 
1 77  THR n 
1 78  GLY n 
1 79  SER n 
1 80  ALA n 
1 81  GLU n 
1 82  VAL n 
1 83  GLU n 
1 84  PRO n 
1 85  TYR n 
1 86  MSE n 
1 87  ARG n 
1 88  ASP n 
1 89  ILE n 
1 90  LEU n 
1 91  ARG n 
1 92  ALA n 
1 93  ILE n 
1 94  ALA n 
1 95  PRO n 
1 96  VAL n 
1 97  LEU n 
1 98  ASN n 
1 99  GLY n 
1 100 ILE n 
1 101 PRO n 
1 102 ASN n 
1 103 ARG n 
1 104 ILE n 
1 105 SER n 
1 106 LEU n 
1 107 ALA n 
1 108 GLY n 
1 109 HIS n 
1 110 THR n 
1 111 ASP n 
1 112 ASP n 
1 113 PHE n 
1 114 PRO n 
1 115 TYR n 
1 116 ALA n 
1 117 ASN n 
1 118 GLY n 
1 119 GLU n 
1 120 LYS n 
1 121 GLY n 
1 122 TYR n 
1 123 SER n 
1 124 ASN n 
1 125 TRP n 
1 126 GLU n 
1 127 LEU n 
1 128 SER n 
1 129 ALA n 
1 130 ASP n 
1 131 ARG n 
1 132 ALA n 
1 133 ASN n 
1 134 ALA n 
1 135 SER n 
1 136 ARG n 
1 137 ARG n 
1 138 GLU n 
1 139 LEU n 
1 140 VAL n 
1 141 ALA n 
1 142 GLY n 
1 143 GLY n 
1 144 LEU n 
1 145 ASP n 
1 146 ASN n 
1 147 GLY n 
1 148 LYS n 
1 149 VAL n 
1 150 LEU n 
1 151 ARG n 
1 152 VAL n 
1 153 VAL n 
1 154 GLY n 
1 155 MSE n 
1 156 ALA n 
1 157 ALA n 
1 158 THR n 
1 159 MSE n 
1 160 ARG n 
1 161 LEU n 
1 162 SER n 
1 163 ASP n 
1 164 ARG n 
1 165 GLY n 
1 166 PRO n 
1 167 ASP n 
1 168 ASP n 
1 169 ALA n 
1 170 ILE n 
1 171 ASN n 
1 172 ARG n 
1 173 ARG n 
1 174 ILE n 
1 175 SER n 
1 176 LEU n 
1 177 LEU n 
1 178 VAL n 
1 179 LEU n 
1 180 ASN n 
1 181 LYS n 
1 182 GLN n 
1 183 ALA n 
1 184 GLU n 
1 185 GLN n 
1 186 ALA n 
1 187 ILE n 
1 188 LEU n 
1 189 HIS n 
1 190 GLU n 
1 191 ASN n 
1 192 ALA n 
1 193 GLU n 
1 194 SER n 
1 195 GLN n 
1 196 ASN n 
1 197 GLU n 
1 198 PRO n 
1 199 VAL n 
1 200 SER n 
1 201 VAL n 
1 202 LEU n 
1 203 GLN n 
1 204 GLN n 
1 205 HIS n 
1 206 HIS n 
1 207 HIS n 
1 208 HIS n 
1 209 HIS n 
1 210 HIS n 
# 
_entity_src_gen.entity_id                          1 
_entity_src_gen.pdbx_src_id                        1 
_entity_src_gen.pdbx_alt_source_flag               sample 
_entity_src_gen.pdbx_seq_type                      ? 
_entity_src_gen.pdbx_beg_seq_num                   ? 
_entity_src_gen.pdbx_end_seq_num                   ? 
_entity_src_gen.gene_src_common_name               ? 
_entity_src_gen.gene_src_genus                     ? 
_entity_src_gen.pdbx_gene_src_gene                 ? 
_entity_src_gen.gene_src_species                   ? 
_entity_src_gen.gene_src_strain                    ? 
_entity_src_gen.gene_src_tissue                    ? 
_entity_src_gen.gene_src_tissue_fraction           ? 
_entity_src_gen.gene_src_details                   ? 
_entity_src_gen.pdbx_gene_src_fragment             ? 
_entity_src_gen.pdbx_gene_src_scientific_name      'Salmonella typhimurium' 
_entity_src_gen.pdbx_gene_src_ncbi_taxonomy_id     602 
_entity_src_gen.pdbx_gene_src_variant              ? 
_entity_src_gen.pdbx_gene_src_cell_line            ? 
_entity_src_gen.pdbx_gene_src_atcc                 ? 
_entity_src_gen.pdbx_gene_src_organ                ? 
_entity_src_gen.pdbx_gene_src_organelle            ? 
_entity_src_gen.pdbx_gene_src_cell                 ? 
_entity_src_gen.pdbx_gene_src_cellular_location    ? 
_entity_src_gen.host_org_common_name               ? 
_entity_src_gen.pdbx_host_org_scientific_name      'Escherichia coli' 
_entity_src_gen.pdbx_host_org_ncbi_taxonomy_id     562 
_entity_src_gen.host_org_genus                     ? 
_entity_src_gen.pdbx_host_org_gene                 ? 
_entity_src_gen.pdbx_host_org_organ                ? 
_entity_src_gen.host_org_species                   ? 
_entity_src_gen.pdbx_host_org_tissue               ? 
_entity_src_gen.pdbx_host_org_tissue_fraction      ? 
_entity_src_gen.pdbx_host_org_strain               ? 
_entity_src_gen.pdbx_host_org_variant              ? 
_entity_src_gen.pdbx_host_org_cell_line            ? 
_entity_src_gen.pdbx_host_org_atcc                 ? 
_entity_src_gen.pdbx_host_org_culture_collection   ? 
_entity_src_gen.pdbx_host_org_cell                 ? 
_entity_src_gen.pdbx_host_org_organelle            ? 
_entity_src_gen.pdbx_host_org_cellular_location    ? 
_entity_src_gen.pdbx_host_org_vector_type          plasmid 
_entity_src_gen.pdbx_host_org_vector               ? 
_entity_src_gen.host_org_details                   ? 
_entity_src_gen.expression_system_id               ? 
_entity_src_gen.plasmid_name                       pET19b 
_entity_src_gen.plasmid_details                    ? 
_entity_src_gen.pdbx_description                   ? 
# 
loop_
_chem_comp.id 
_chem_comp.type 
_chem_comp.mon_nstd_flag 
_chem_comp.name 
_chem_comp.pdbx_synonyms 
_chem_comp.formula 
_chem_comp.formula_weight 
ALA 'L-peptide linking' y ALANINE          ? 'C3 H7 N O2'     89.093  
ARG 'L-peptide linking' y ARGININE         ? 'C6 H15 N4 O2 1' 175.209 
ASN 'L-peptide linking' y ASPARAGINE       ? 'C4 H8 N2 O3'    132.118 
ASP 'L-peptide linking' y 'ASPARTIC ACID'  ? 'C4 H7 N O4'     133.103 
GLN 'L-peptide linking' y GLUTAMINE        ? 'C5 H10 N2 O3'   146.144 
GLU 'L-peptide linking' y 'GLUTAMIC ACID'  ? 'C5 H9 N O4'     147.129 
GLY 'peptide linking'   y GLYCINE          ? 'C2 H5 N O2'     75.067  
HIS 'L-peptide linking' y HISTIDINE        ? 'C6 H10 N3 O2 1' 156.162 
HOH non-polymer         . WATER            ? 'H2 O'           18.015  
ILE 'L-peptide linking' y ISOLEUCINE       ? 'C6 H13 N O2'    131.173 
LEU 'L-peptide linking' y LEUCINE          ? 'C6 H13 N O2'    131.173 
LYS 'L-peptide linking' y LYSINE           ? 'C6 H15 N2 O2 1' 147.195 
MSE 'L-peptide linking' n SELENOMETHIONINE ? 'C5 H11 N O2 Se' 196.106 
PHE 'L-peptide linking' y PHENYLALANINE    ? 'C9 H11 N O2'    165.189 
PRO 'L-peptide linking' y PROLINE          ? 'C5 H9 N O2'     115.130 
SER 'L-peptide linking' y SERINE           ? 'C3 H7 N O3'     105.093 
THR 'L-peptide linking' y THREONINE        ? 'C4 H9 N O3'     119.119 
TRP 'L-peptide linking' y TRYPTOPHAN       ? 'C11 H12 N2 O2'  204.225 
TYR 'L-peptide linking' y TYROSINE         ? 'C9 H11 N O3'    181.189 
VAL 'L-peptide linking' y VALINE           ? 'C5 H11 N O2'    117.146 
# 
loop_
_pdbx_poly_seq_scheme.asym_id 
_pdbx_poly_seq_scheme.entity_id 
_pdbx_poly_seq_scheme.seq_id 
_pdbx_poly_seq_scheme.mon_id 
_pdbx_poly_seq_scheme.ndb_seq_num 
_pdbx_poly_seq_scheme.pdb_seq_num 
_pdbx_poly_seq_scheme.auth_seq_num 
_pdbx_poly_seq_scheme.pdb_mon_id 
_pdbx_poly_seq_scheme.auth_mon_id 
_pdbx_poly_seq_scheme.pdb_strand_id 
_pdbx_poly_seq_scheme.pdb_ins_code 
_pdbx_poly_seq_scheme.hetero 
A 1 1   GLY 1   88  ?   ?   ?   A . n 
A 1 2   ASP 2   89  ?   ?   ?   A . n 
A 1 3   ASP 3   90  ?   ?   ?   A . n 
A 1 4   TYR 4   91  ?   ?   ?   A . n 
A 1 5   THR 5   92  ?   ?   ?   A . n 
A 1 6   GLN 6   93  ?   ?   ?   A . n 
A 1 7   GLN 7   94  ?   ?   ?   A . n 
A 1 8   GLN 8   95  ?   ?   ?   A . n 
A 1 9   GLY 9   96  ?   ?   ?   A . n 
A 1 10  GLU 10  97  ?   ?   ?   A . n 
A 1 11  VAL 11  98  ?   ?   ?   A . n 
A 1 12  GLU 12  99  ?   ?   ?   A . n 
A 1 13  LYS 13  100 ?   ?   ?   A . n 
A 1 14  GLN 14  101 ?   ?   ?   A . n 
A 1 15  PRO 15  102 ?   ?   ?   A . n 
A 1 16  ASN 16  103 ?   ?   ?   A . n 
A 1 17  ILE 17  104 ?   ?   ?   A . n 
A 1 18  ASP 18  105 ?   ?   ?   A . n 
A 1 19  GLU 19  106 ?   ?   ?   A . n 
A 1 20  LEU 20  107 ?   ?   ?   A . n 
A 1 21  LYS 21  108 108 LYS LYS A . n 
A 1 22  LYS 22  109 109 LYS LYS A . n 
A 1 23  ARG 23  110 110 ARG ARG A . n 
A 1 24  MSE 24  111 111 MSE MSE A . n 
A 1 25  GLU 25  112 112 GLU GLU A . n 
A 1 26  GLN 26  113 113 GLN GLN A . n 
A 1 27  SER 27  114 114 SER SER A . n 
A 1 28  ARG 28  115 115 ARG ARG A . n 
A 1 29  LEU 29  116 116 LEU LEU A . n 
A 1 30  ASN 30  117 117 ASN ASN A . n 
A 1 31  LYS 31  118 118 LYS LYS A . n 
A 1 32  LEU 32  119 119 LEU LEU A . n 
A 1 33  ARG 33  120 120 ARG ARG A . n 
A 1 34  GLY 34  121 121 GLY GLY A . n 
A 1 35  ASP 35  122 122 ASP ASP A . n 
A 1 36  LEU 36  123 123 LEU LEU A . n 
A 1 37  ASP 37  124 124 ASP ASP A . n 
A 1 38  GLN 38  125 125 GLN GLN A . n 
A 1 39  LEU 39  126 126 LEU LEU A . n 
A 1 40  ILE 40  127 127 ILE ILE A . n 
A 1 41  GLU 41  128 128 GLU GLU A . n 
A 1 42  SER 42  129 129 SER SER A . n 
A 1 43  ASP 43  130 130 ASP ASP A . n 
A 1 44  PRO 44  131 131 PRO PRO A . n 
A 1 45  LYS 45  132 132 LYS LYS A . n 
A 1 46  LEU 46  133 133 LEU LEU A . n 
A 1 47  ARG 47  134 134 ARG ARG A . n 
A 1 48  ALA 48  135 135 ALA ALA A . n 
A 1 49  LEU 49  136 136 LEU LEU A . n 
A 1 50  ARG 50  137 137 ARG ARG A . n 
A 1 51  PRO 51  138 138 PRO PRO A . n 
A 1 52  HIS 52  139 139 HIS HIS A . n 
A 1 53  LEU 53  140 140 LEU LEU A . n 
A 1 54  LYS 54  141 141 LYS LYS A . n 
A 1 55  ILE 55  142 142 ILE ILE A . n 
A 1 56  ASP 56  143 143 ASP ASP A . n 
A 1 57  LEU 57  144 144 LEU LEU A . n 
A 1 58  VAL 58  145 145 VAL VAL A . n 
A 1 59  GLN 59  146 146 GLN GLN A . n 
A 1 60  GLU 60  147 147 GLU GLU A . n 
A 1 61  GLY 61  148 148 GLY GLY A . n 
A 1 62  LEU 62  149 149 LEU LEU A . n 
A 1 63  ARG 63  150 150 ARG ARG A . n 
A 1 64  ILE 64  151 151 ILE ILE A . n 
A 1 65  GLN 65  152 152 GLN GLN A . n 
A 1 66  ILE 66  153 153 ILE ILE A . n 
A 1 67  ILE 67  154 154 ILE ILE A . n 
A 1 68  ASP 68  155 155 ASP ASP A . n 
A 1 69  SER 69  156 156 SER SER A . n 
A 1 70  GLN 70  157 157 GLN GLN A . n 
A 1 71  ASN 71  158 158 ASN ASN A . n 
A 1 72  ARG 72  159 159 ARG ARG A . n 
A 1 73  PRO 73  160 160 PRO PRO A . n 
A 1 74  MSE 74  161 161 MSE MSE A . n 
A 1 75  PHE 75  162 162 PHE PHE A . n 
A 1 76  LYS 76  163 163 LYS LYS A . n 
A 1 77  THR 77  164 164 THR THR A . n 
A 1 78  GLY 78  165 165 GLY GLY A . n 
A 1 79  SER 79  166 166 SER SER A . n 
A 1 80  ALA 80  167 167 ALA ALA A . n 
A 1 81  GLU 81  168 168 GLU GLU A . n 
A 1 82  VAL 82  169 169 VAL VAL A . n 
A 1 83  GLU 83  170 170 GLU GLU A . n 
A 1 84  PRO 84  171 171 PRO PRO A . n 
A 1 85  TYR 85  172 172 TYR TYR A . n 
A 1 86  MSE 86  173 173 MSE MSE A . n 
A 1 87  ARG 87  174 174 ARG ARG A . n 
A 1 88  ASP 88  175 175 ASP ASP A . n 
A 1 89  ILE 89  176 176 ILE ILE A . n 
A 1 90  LEU 90  177 177 LEU LEU A . n 
A 1 91  ARG 91  178 178 ARG ARG A . n 
A 1 92  ALA 92  179 179 ALA ALA A . n 
A 1 93  ILE 93  180 180 ILE ILE A . n 
A 1 94  ALA 94  181 181 ALA ALA A . n 
A 1 95  PRO 95  182 182 PRO PRO A . n 
A 1 96  VAL 96  183 183 VAL VAL A . n 
A 1 97  LEU 97  184 184 LEU LEU A . n 
A 1 98  ASN 98  185 185 ASN ASN A . n 
A 1 99  GLY 99  186 186 GLY GLY A . n 
A 1 100 ILE 100 187 187 ILE ILE A . n 
A 1 101 PRO 101 188 188 PRO PRO A . n 
A 1 102 ASN 102 189 189 ASN ASN A . n 
A 1 103 ARG 103 190 190 ARG ARG A . n 
A 1 104 ILE 104 191 191 ILE ILE A . n 
A 1 105 SER 105 192 192 SER SER A . n 
A 1 106 LEU 106 193 193 LEU LEU A . n 
A 1 107 ALA 107 194 194 ALA ALA A . n 
A 1 108 GLY 108 195 195 GLY GLY A . n 
A 1 109 HIS 109 196 196 HIS HIS A . n 
A 1 110 THR 110 197 197 THR THR A . n 
A 1 111 ASP 111 198 198 ASP ASP A . n 
A 1 112 ASP 112 199 199 ASP ASP A . n 
A 1 113 PHE 113 200 200 PHE PHE A . n 
A 1 114 PRO 114 201 201 PRO PRO A . n 
A 1 115 TYR 115 202 202 TYR TYR A . n 
A 1 116 ALA 116 203 203 ALA ALA A . n 
A 1 117 ASN 117 204 204 ASN ASN A . n 
A 1 118 GLY 118 205 205 GLY GLY A . n 
A 1 119 GLU 119 206 206 GLU GLU A . n 
A 1 120 LYS 120 207 207 LYS LYS A . n 
A 1 121 GLY 121 208 208 GLY GLY A . n 
A 1 122 TYR 122 209 209 TYR TYR A . n 
A 1 123 SER 123 210 210 SER SER A . n 
A 1 124 ASN 124 211 211 ASN ASN A . n 
A 1 125 TRP 125 212 212 TRP TRP A . n 
A 1 126 GLU 126 213 213 GLU GLU A . n 
A 1 127 LEU 127 214 214 LEU LEU A . n 
A 1 128 SER 128 215 215 SER SER A . n 
A 1 129 ALA 129 216 216 ALA ALA A . n 
A 1 130 ASP 130 217 217 ASP ASP A . n 
A 1 131 ARG 131 218 218 ARG ARG A . n 
A 1 132 ALA 132 219 219 ALA ALA A . n 
A 1 133 ASN 133 220 220 ASN ASN A . n 
A 1 134 ALA 134 221 221 ALA ALA A . n 
A 1 135 SER 135 222 222 SER SER A . n 
A 1 136 ARG 136 223 223 ARG ARG A . n 
A 1 137 ARG 137 224 224 ARG ARG A . n 
A 1 138 GLU 138 225 225 GLU GLU A . n 
A 1 139 LEU 139 226 226 LEU LEU A . n 
A 1 140 VAL 140 227 227 VAL VAL A . n 
A 1 141 ALA 141 228 228 ALA ALA A . n 
A 1 142 GLY 142 229 229 GLY GLY A . n 
A 1 143 GLY 143 230 230 GLY GLY A . n 
A 1 144 LEU 144 231 231 LEU LEU A . n 
A 1 145 ASP 145 232 232 ASP ASP A . n 
A 1 146 ASN 146 233 233 ASN ASN A . n 
A 1 147 GLY 147 234 234 GLY GLY A . n 
A 1 148 LYS 148 235 235 LYS LYS A . n 
A 1 149 VAL 149 236 236 VAL VAL A . n 
A 1 150 LEU 150 237 237 LEU LEU A . n 
A 1 151 ARG 151 238 238 ARG ARG A . n 
A 1 152 VAL 152 239 239 VAL VAL A . n 
A 1 153 VAL 153 240 240 VAL VAL A . n 
A 1 154 GLY 154 241 241 GLY GLY A . n 
A 1 155 MSE 155 242 242 MSE MSE A . n 
A 1 156 ALA 156 243 243 ALA ALA A . n 
A 1 157 ALA 157 244 244 ALA ALA A . n 
A 1 158 THR 158 245 245 THR THR A . n 
A 1 159 MSE 159 246 ?   ?   ?   A . n 
A 1 160 ARG 160 247 ?   ?   ?   A . n 
A 1 161 LEU 161 248 ?   ?   ?   A . n 
A 1 162 SER 162 249 ?   ?   ?   A . n 
A 1 163 ASP 163 250 ?   ?   ?   A . n 
A 1 164 ARG 164 251 ?   ?   ?   A . n 
A 1 165 GLY 165 252 ?   ?   ?   A . n 
A 1 166 PRO 166 253 ?   ?   ?   A . n 
A 1 167 ASP 167 254 ?   ?   ?   A . n 
A 1 168 ASP 168 255 255 ASP ASP A . n 
A 1 169 ALA 169 256 256 ALA ALA A . n 
A 1 170 ILE 170 257 257 ILE ILE A . n 
A 1 171 ASN 171 258 258 ASN ASN A . n 
A 1 172 ARG 172 259 259 ARG ARG A . n 
A 1 173 ARG 173 260 260 ARG ARG A . n 
A 1 174 ILE 174 261 261 ILE ILE A . n 
A 1 175 SER 175 262 262 SER SER A . n 
A 1 176 LEU 176 263 263 LEU LEU A . n 
A 1 177 LEU 177 264 264 LEU LEU A . n 
A 1 178 VAL 178 265 265 VAL VAL A . n 
A 1 179 LEU 179 266 266 LEU LEU A . n 
A 1 180 ASN 180 267 267 ASN ASN A . n 
A 1 181 LYS 181 268 268 LYS LYS A . n 
A 1 182 GLN 182 269 269 GLN GLN A . n 
A 1 183 ALA 183 270 270 ALA ALA A . n 
A 1 184 GLU 184 271 271 GLU GLU A . n 
A 1 185 GLN 185 272 272 GLN GLN A . n 
A 1 186 ALA 186 273 273 ALA ALA A . n 
A 1 187 ILE 187 274 274 ILE ILE A . n 
A 1 188 LEU 188 275 275 LEU LEU A . n 
A 1 189 HIS 189 276 276 HIS HIS A . n 
A 1 190 GLU 190 277 277 GLU GLU A . n 
A 1 191 ASN 191 278 278 ASN ASN A . n 
A 1 192 ALA 192 279 279 ALA ALA A . n 
A 1 193 GLU 193 280 280 GLU GLU A . n 
A 1 194 SER 194 281 281 SER SER A . n 
A 1 195 GLN 195 282 282 GLN GLN A . n 
A 1 196 ASN 196 283 ?   ?   ?   A . n 
A 1 197 GLU 197 284 ?   ?   ?   A . n 
A 1 198 PRO 198 285 ?   ?   ?   A . n 
A 1 199 VAL 199 286 ?   ?   ?   A . n 
A 1 200 SER 200 287 ?   ?   ?   A . n 
A 1 201 VAL 201 288 ?   ?   ?   A . n 
A 1 202 LEU 202 289 ?   ?   ?   A . n 
A 1 203 GLN 203 290 ?   ?   ?   A . n 
A 1 204 GLN 204 291 ?   ?   ?   A . n 
A 1 205 HIS 205 292 ?   ?   ?   A . n 
A 1 206 HIS 206 293 ?   ?   ?   A . n 
A 1 207 HIS 207 294 ?   ?   ?   A . n 
A 1 208 HIS 208 295 ?   ?   ?   A . n 
A 1 209 HIS 209 296 ?   ?   ?   A . n 
A 1 210 HIS 210 297 ?   ?   ?   A . n 
# 
loop_
_pdbx_nonpoly_scheme.asym_id 
_pdbx_nonpoly_scheme.entity_id 
_pdbx_nonpoly_scheme.mon_id 
_pdbx_nonpoly_scheme.ndb_seq_num 
_pdbx_nonpoly_scheme.pdb_seq_num 
_pdbx_nonpoly_scheme.auth_seq_num 
_pdbx_nonpoly_scheme.pdb_mon_id 
_pdbx_nonpoly_scheme.auth_mon_id 
_pdbx_nonpoly_scheme.pdb_strand_id 
_pdbx_nonpoly_scheme.pdb_ins_code 
B 2 HOH 1   298 1   HOH WAT A . 
B 2 HOH 2   299 2   HOH WAT A . 
B 2 HOH 3   300 3   HOH WAT A . 
B 2 HOH 4   301 4   HOH WAT A . 
B 2 HOH 5   302 5   HOH WAT A . 
B 2 HOH 6   303 6   HOH WAT A . 
B 2 HOH 7   304 7   HOH WAT A . 
B 2 HOH 8   305 8   HOH WAT A . 
B 2 HOH 9   306 9   HOH WAT A . 
B 2 HOH 10  307 10  HOH WAT A . 
B 2 HOH 11  308 11  HOH WAT A . 
B 2 HOH 12  309 12  HOH WAT A . 
B 2 HOH 13  310 13  HOH WAT A . 
B 2 HOH 14  311 14  HOH WAT A . 
B 2 HOH 15  312 15  HOH WAT A . 
B 2 HOH 16  313 16  HOH WAT A . 
B 2 HOH 17  314 17  HOH WAT A . 
B 2 HOH 18  315 18  HOH WAT A . 
B 2 HOH 19  316 19  HOH WAT A . 
B 2 HOH 20  317 20  HOH WAT A . 
B 2 HOH 21  318 21  HOH WAT A . 
B 2 HOH 22  319 22  HOH WAT A . 
B 2 HOH 23  320 23  HOH WAT A . 
B 2 HOH 24  321 24  HOH WAT A . 
B 2 HOH 25  322 25  HOH WAT A . 
B 2 HOH 26  323 26  HOH WAT A . 
B 2 HOH 27  324 27  HOH WAT A . 
B 2 HOH 28  325 28  HOH WAT A . 
B 2 HOH 29  326 29  HOH WAT A . 
B 2 HOH 30  327 30  HOH WAT A . 
B 2 HOH 31  328 31  HOH WAT A . 
B 2 HOH 32  329 32  HOH WAT A . 
B 2 HOH 33  330 33  HOH WAT A . 
B 2 HOH 34  331 34  HOH WAT A . 
B 2 HOH 35  332 35  HOH WAT A . 
B 2 HOH 36  333 36  HOH WAT A . 
B 2 HOH 37  334 37  HOH WAT A . 
B 2 HOH 38  335 38  HOH WAT A . 
B 2 HOH 39  336 39  HOH WAT A . 
B 2 HOH 40  337 40  HOH WAT A . 
B 2 HOH 41  338 41  HOH WAT A . 
B 2 HOH 42  339 42  HOH WAT A . 
B 2 HOH 43  340 43  HOH WAT A . 
B 2 HOH 44  341 44  HOH WAT A . 
B 2 HOH 45  342 45  HOH WAT A . 
B 2 HOH 46  343 46  HOH WAT A . 
B 2 HOH 47  344 47  HOH WAT A . 
B 2 HOH 48  345 48  HOH WAT A . 
B 2 HOH 49  346 49  HOH WAT A . 
B 2 HOH 50  347 50  HOH WAT A . 
B 2 HOH 51  348 51  HOH WAT A . 
B 2 HOH 52  349 52  HOH WAT A . 
B 2 HOH 53  350 53  HOH WAT A . 
B 2 HOH 54  351 54  HOH WAT A . 
B 2 HOH 55  352 55  HOH WAT A . 
B 2 HOH 56  353 56  HOH WAT A . 
B 2 HOH 57  354 57  HOH WAT A . 
B 2 HOH 58  355 58  HOH WAT A . 
B 2 HOH 59  356 59  HOH WAT A . 
B 2 HOH 60  357 60  HOH WAT A . 
B 2 HOH 61  358 61  HOH WAT A . 
B 2 HOH 62  359 62  HOH WAT A . 
B 2 HOH 63  360 63  HOH WAT A . 
B 2 HOH 64  361 64  HOH WAT A . 
B 2 HOH 65  362 65  HOH WAT A . 
B 2 HOH 66  363 66  HOH WAT A . 
B 2 HOH 67  364 67  HOH WAT A . 
B 2 HOH 68  365 68  HOH WAT A . 
B 2 HOH 69  366 69  HOH WAT A . 
B 2 HOH 70  367 70  HOH WAT A . 
B 2 HOH 71  368 71  HOH WAT A . 
B 2 HOH 72  369 72  HOH WAT A . 
B 2 HOH 73  370 73  HOH WAT A . 
B 2 HOH 74  371 74  HOH WAT A . 
B 2 HOH 75  372 75  HOH WAT A . 
B 2 HOH 76  373 76  HOH WAT A . 
B 2 HOH 77  374 77  HOH WAT A . 
B 2 HOH 78  375 78  HOH WAT A . 
B 2 HOH 79  376 79  HOH WAT A . 
B 2 HOH 80  377 80  HOH WAT A . 
B 2 HOH 81  378 81  HOH WAT A . 
B 2 HOH 82  379 82  HOH WAT A . 
B 2 HOH 83  380 83  HOH WAT A . 
B 2 HOH 84  381 84  HOH WAT A . 
B 2 HOH 85  382 85  HOH WAT A . 
B 2 HOH 86  383 86  HOH WAT A . 
B 2 HOH 87  384 87  HOH WAT A . 
B 2 HOH 88  385 88  HOH WAT A . 
B 2 HOH 89  386 89  HOH WAT A . 
B 2 HOH 90  387 90  HOH WAT A . 
B 2 HOH 91  388 91  HOH WAT A . 
B 2 HOH 92  389 92  HOH WAT A . 
B 2 HOH 93  390 93  HOH WAT A . 
B 2 HOH 94  391 94  HOH WAT A . 
B 2 HOH 95  392 95  HOH WAT A . 
B 2 HOH 96  393 96  HOH WAT A . 
B 2 HOH 97  394 97  HOH WAT A . 
B 2 HOH 98  395 98  HOH WAT A . 
B 2 HOH 99  396 99  HOH WAT A . 
B 2 HOH 100 397 100 HOH WAT A . 
B 2 HOH 101 398 101 HOH WAT A . 
B 2 HOH 102 399 102 HOH WAT A . 
B 2 HOH 103 400 103 HOH WAT A . 
B 2 HOH 104 401 104 HOH WAT A . 
B 2 HOH 105 402 105 HOH WAT A . 
B 2 HOH 106 403 106 HOH WAT A . 
B 2 HOH 107 404 107 HOH WAT A . 
B 2 HOH 108 405 108 HOH WAT A . 
B 2 HOH 109 406 109 HOH WAT A . 
B 2 HOH 110 407 110 HOH WAT A . 
B 2 HOH 111 408 111 HOH WAT A . 
B 2 HOH 112 409 112 HOH WAT A . 
B 2 HOH 113 410 113 HOH WAT A . 
B 2 HOH 114 411 114 HOH WAT A . 
B 2 HOH 115 412 115 HOH WAT A . 
B 2 HOH 116 413 116 HOH WAT A . 
B 2 HOH 117 414 117 HOH WAT A . 
B 2 HOH 118 415 118 HOH WAT A . 
B 2 HOH 119 416 119 HOH WAT A . 
B 2 HOH 120 417 120 HOH WAT A . 
B 2 HOH 121 418 121 HOH WAT A . 
B 2 HOH 122 419 122 HOH WAT A . 
B 2 HOH 123 420 123 HOH WAT A . 
B 2 HOH 124 421 124 HOH WAT A . 
B 2 HOH 125 422 125 HOH WAT A . 
B 2 HOH 126 423 126 HOH WAT A . 
B 2 HOH 127 424 127 HOH WAT A . 
B 2 HOH 128 425 128 HOH WAT A . 
B 2 HOH 129 426 129 HOH WAT A . 
B 2 HOH 130 427 130 HOH WAT A . 
B 2 HOH 131 428 131 HOH WAT A . 
B 2 HOH 132 429 132 HOH WAT A . 
B 2 HOH 133 430 133 HOH WAT A . 
B 2 HOH 134 431 134 HOH WAT A . 
B 2 HOH 135 432 135 HOH WAT A . 
B 2 HOH 136 433 136 HOH WAT A . 
B 2 HOH 137 434 137 HOH WAT A . 
B 2 HOH 138 435 138 HOH WAT A . 
B 2 HOH 139 436 139 HOH WAT A . 
B 2 HOH 140 437 140 HOH WAT A . 
B 2 HOH 141 438 141 HOH WAT A . 
B 2 HOH 142 439 142 HOH WAT A . 
B 2 HOH 143 440 143 HOH WAT A . 
B 2 HOH 144 441 144 HOH WAT A . 
B 2 HOH 145 442 145 HOH WAT A . 
B 2 HOH 146 443 146 HOH WAT A . 
B 2 HOH 147 444 147 HOH WAT A . 
B 2 HOH 148 445 148 HOH WAT A . 
B 2 HOH 149 446 149 HOH WAT A . 
B 2 HOH 150 447 150 HOH WAT A . 
B 2 HOH 151 448 151 HOH WAT A . 
B 2 HOH 152 449 152 HOH WAT A . 
B 2 HOH 153 450 153 HOH WAT A . 
B 2 HOH 154 451 154 HOH WAT A . 
B 2 HOH 155 452 155 HOH WAT A . 
B 2 HOH 156 453 156 HOH WAT A . 
B 2 HOH 157 454 157 HOH WAT A . 
B 2 HOH 158 455 158 HOH WAT A . 
B 2 HOH 159 456 159 HOH WAT A . 
B 2 HOH 160 457 160 HOH WAT A . 
B 2 HOH 161 458 161 HOH WAT A . 
B 2 HOH 162 459 162 HOH WAT A . 
B 2 HOH 163 460 163 HOH WAT A . 
B 2 HOH 164 461 164 HOH WAT A . 
B 2 HOH 165 462 165 HOH WAT A . 
B 2 HOH 166 463 166 HOH WAT A . 
B 2 HOH 167 464 167 HOH WAT A . 
B 2 HOH 168 465 168 HOH WAT A . 
B 2 HOH 169 466 169 HOH WAT A . 
B 2 HOH 170 467 170 HOH WAT A . 
B 2 HOH 171 468 171 HOH WAT A . 
B 2 HOH 172 469 172 HOH WAT A . 
B 2 HOH 173 470 173 HOH WAT A . 
B 2 HOH 174 471 174 HOH WAT A . 
B 2 HOH 175 472 175 HOH WAT A . 
B 2 HOH 176 473 176 HOH WAT A . 
B 2 HOH 177 474 177 HOH WAT A . 
B 2 HOH 178 475 178 HOH WAT A . 
B 2 HOH 179 476 179 HOH WAT A . 
B 2 HOH 180 477 180 HOH WAT A . 
B 2 HOH 181 478 181 HOH WAT A . 
B 2 HOH 182 479 182 HOH WAT A . 
B 2 HOH 183 480 183 HOH WAT A . 
B 2 HOH 184 481 184 HOH WAT A . 
B 2 HOH 185 482 185 HOH WAT A . 
B 2 HOH 186 483 186 HOH WAT A . 
B 2 HOH 187 484 187 HOH WAT A . 
B 2 HOH 188 485 188 HOH WAT A . 
B 2 HOH 189 486 189 HOH WAT A . 
B 2 HOH 190 487 190 HOH WAT A . 
B 2 HOH 191 488 191 HOH WAT A . 
B 2 HOH 192 489 192 HOH WAT A . 
B 2 HOH 193 490 193 HOH WAT A . 
B 2 HOH 194 491 194 HOH WAT A . 
B 2 HOH 195 492 195 HOH WAT A . 
B 2 HOH 196 493 196 HOH WAT A . 
B 2 HOH 197 494 197 HOH WAT A . 
B 2 HOH 198 495 198 HOH WAT A . 
B 2 HOH 199 496 199 HOH WAT A . 
B 2 HOH 200 497 200 HOH WAT A . 
B 2 HOH 201 498 201 HOH WAT A . 
B 2 HOH 202 499 202 HOH WAT A . 
B 2 HOH 203 500 203 HOH WAT A . 
B 2 HOH 204 501 204 HOH WAT A . 
# 
loop_
_software.name 
_software.classification 
_software.version 
_software.citation_id 
_software.pdbx_ordinal 
CNS    refinement        1.1     ? 1 
ADSC   'data collection' Quantum ? 2 
MOSFLM 'data reduction'  .       ? 3 
SCALA  'data scaling'    .       ? 4 
SOLVE  phasing           .       ? 5 
# 
_cell.entry_id           2ZOV 
_cell.length_a           99.740 
_cell.length_b           99.740 
_cell.length_c           43.960 
_cell.angle_alpha        90.00 
_cell.angle_beta         90.00 
_cell.angle_gamma        120.00 
_cell.Z_PDB              6 
_cell.pdbx_unique_axis   ? 
_cell.length_a_esd       ? 
_cell.length_b_esd       ? 
_cell.length_c_esd       ? 
_cell.angle_alpha_esd    ? 
_cell.angle_beta_esd     ? 
_cell.angle_gamma_esd    ? 
# 
_symmetry.entry_id                         2ZOV 
_symmetry.space_group_name_H-M             'P 32 2 1' 
_symmetry.pdbx_full_space_group_name_H-M   ? 
_symmetry.cell_setting                     ? 
_symmetry.Int_Tables_number                154 
_symmetry.space_group_name_Hall            ? 
# 
_exptl.entry_id          2ZOV 
_exptl.method            'X-RAY DIFFRACTION' 
_exptl.crystals_number   1 
# 
_exptl_crystal.id                    1 
_exptl_crystal.density_meas          ? 
_exptl_crystal.density_Matthews      2.63 
_exptl_crystal.density_percent_sol   53.27 
_exptl_crystal.description           ? 
_exptl_crystal.F_000                 ? 
_exptl_crystal.preparation           ? 
# 
_exptl_crystal_grow.crystal_id      1 
_exptl_crystal_grow.method          'VAPOR DIFFUSION, SITTING DROP' 
_exptl_crystal_grow.temp            293 
_exptl_crystal_grow.temp_details    ? 
_exptl_crystal_grow.pH              4.0 
_exptl_crystal_grow.pdbx_details    
'6% PEG 4000, 0.1M Acetate, 0.22M Zn(OAc)2, pH 4.0, VAPOR DIFFUSION, SITTING DROP, temperature 293K' 
_exptl_crystal_grow.pdbx_pH_range   . 
# 
_diffrn.id                     1 
_diffrn.ambient_temp           100 
_diffrn.ambient_temp_details   ? 
_diffrn.crystal_id             1 
# 
_diffrn_detector.diffrn_id              1 
_diffrn_detector.detector               CCD 
_diffrn_detector.type                   'ADSC QUANTUM 315' 
_diffrn_detector.pdbx_collection_date   2008-04-23 
_diffrn_detector.details                ? 
# 
_diffrn_radiation.diffrn_id                        1 
_diffrn_radiation.wavelength_id                    1 
_diffrn_radiation.pdbx_monochromatic_or_laue_m_l   M 
_diffrn_radiation.monochromator                    'double-crystal monochromator' 
_diffrn_radiation.pdbx_diffrn_protocol             MAD 
_diffrn_radiation.pdbx_scattering_type             x-ray 
# 
loop_
_diffrn_radiation_wavelength.id 
_diffrn_radiation_wavelength.wavelength 
_diffrn_radiation_wavelength.wt 
1 0.979101 1.0 
2 0.979397 1.0 
3 0.9730   1.0 
4 0.9860   1.0 
# 
_diffrn_source.diffrn_id                   1 
_diffrn_source.source                      SYNCHROTRON 
_diffrn_source.type                        'SPRING-8 BEAMLINE BL41XU' 
_diffrn_source.pdbx_synchrotron_site       SPring-8 
_diffrn_source.pdbx_synchrotron_beamline   BL41XU 
_diffrn_source.pdbx_wavelength             ? 
_diffrn_source.pdbx_wavelength_list        0.979101,0.979397,0.9730,0.9860 
# 
_reflns.entry_id                     2ZOV 
_reflns.observed_criterion_sigma_I   0 
_reflns.observed_criterion_sigma_F   0 
_reflns.d_resolution_low             33.0 
_reflns.d_resolution_high            2.0 
_reflns.number_obs                   17162 
_reflns.number_all                   17248 
_reflns.percent_possible_obs         99.5 
_reflns.pdbx_Rmerge_I_obs            ? 
_reflns.pdbx_Rsym_value              0.065 
_reflns.pdbx_netI_over_sigmaI        22.1 
_reflns.B_iso_Wilson_estimate        20.2 
_reflns.pdbx_redundancy              9.7 
_reflns.R_free_details               ? 
_reflns.limit_h_max                  ? 
_reflns.limit_h_min                  ? 
_reflns.limit_k_max                  ? 
_reflns.limit_k_min                  ? 
_reflns.limit_l_max                  ? 
_reflns.limit_l_min                  ? 
_reflns.observed_criterion_F_max     ? 
_reflns.observed_criterion_F_min     ? 
_reflns.pdbx_chi_squared             ? 
_reflns.pdbx_scaling_rejects         ? 
_reflns.pdbx_diffrn_id               1 
_reflns.pdbx_ordinal                 1 
# 
_reflns_shell.d_res_high             2.00 
_reflns_shell.d_res_low              2.11 
_reflns_shell.percent_possible_all   99.4 
_reflns_shell.Rmerge_I_obs           ? 
_reflns_shell.pdbx_Rsym_value        0.26 
_reflns_shell.meanI_over_sigI_obs    8.0 
_reflns_shell.pdbx_redundancy        9.6 
_reflns_shell.percent_possible_obs   ? 
_reflns_shell.number_unique_all      2473 
_reflns_shell.number_measured_all    ? 
_reflns_shell.number_measured_obs    ? 
_reflns_shell.number_unique_obs      ? 
_reflns_shell.pdbx_chi_squared       ? 
_reflns_shell.pdbx_diffrn_id         ? 
_reflns_shell.pdbx_ordinal           1 
# 
_refine.entry_id                                 2ZOV 
_refine.ls_number_reflns_obs                     17140 
_refine.ls_number_reflns_all                     17278 
_refine.pdbx_ls_sigma_I                          ? 
_refine.pdbx_ls_sigma_F                          0.0 
_refine.pdbx_data_cutoff_high_absF               1429599.59 
_refine.pdbx_data_cutoff_low_absF                0.000000 
_refine.pdbx_data_cutoff_high_rms_absF           ? 
_refine.ls_d_res_low                             32.65 
_refine.ls_d_res_high                            2.00 
_refine.ls_percent_reflns_obs                    99.2 
_refine.ls_R_factor_obs                          0.233 
_refine.ls_R_factor_all                          ? 
_refine.ls_R_factor_R_work                       0.233 
_refine.ls_R_factor_R_free                       0.265 
_refine.ls_R_factor_R_free_error                 0.009 
_refine.ls_R_factor_R_free_error_details         ? 
_refine.ls_percent_reflns_R_free                 5.1 
_refine.ls_number_reflns_R_free                  866 
_refine.ls_number_parameters                     ? 
_refine.ls_number_restraints                     ? 
_refine.occupancy_min                            ? 
_refine.occupancy_max                            ? 
_refine.correlation_coeff_Fo_to_Fc               ? 
_refine.correlation_coeff_Fo_to_Fc_free          ? 
_refine.B_iso_mean                               37.3 
_refine.aniso_B[1][1]                            -0.65 
_refine.aniso_B[2][2]                            -0.65 
_refine.aniso_B[3][3]                            1.30 
_refine.aniso_B[1][2]                            2.08 
_refine.aniso_B[1][3]                            0.00 
_refine.aniso_B[2][3]                            0.00 
_refine.solvent_model_details                    'FLAT MODEL' 
_refine.solvent_model_param_ksol                 0.336106 
_refine.solvent_model_param_bsol                 65.913 
_refine.pdbx_solvent_vdw_probe_radii             ? 
_refine.pdbx_solvent_ion_probe_radii             ? 
_refine.pdbx_solvent_shrinkage_radii             ? 
_refine.pdbx_ls_cross_valid_method               THROUGHOUT 
_refine.details                                  ? 
_refine.pdbx_starting_model                      ? 
_refine.pdbx_method_to_determine_struct          MAD 
_refine.pdbx_isotropic_thermal_model             RESTRAINED 
_refine.pdbx_stereochemistry_target_values       'Engh & Huber' 
_refine.pdbx_stereochem_target_val_spec_case     ? 
_refine.pdbx_R_Free_selection_details            RANDOM 
_refine.pdbx_overall_ESU_R                       ? 
_refine.pdbx_overall_ESU_R_Free                  ? 
_refine.overall_SU_ML                            ? 
_refine.overall_SU_B                             ? 
_refine.ls_redundancy_reflns_obs                 ? 
_refine.B_iso_min                                ? 
_refine.B_iso_max                                ? 
_refine.overall_SU_R_Cruickshank_DPI             ? 
_refine.overall_SU_R_free                        ? 
_refine.ls_wR_factor_R_free                      ? 
_refine.ls_wR_factor_R_work                      ? 
_refine.overall_FOM_free_R_set                   ? 
_refine.overall_FOM_work_R_set                   ? 
_refine.pdbx_overall_phase_error                 ? 
_refine.pdbx_refine_id                           'X-RAY DIFFRACTION' 
_refine.pdbx_diffrn_id                           1 
_refine.pdbx_TLS_residual_ADP_flag               ? 
_refine.pdbx_overall_SU_R_free_Cruickshank_DPI   ? 
_refine.pdbx_overall_SU_R_Blow_DPI               ? 
_refine.pdbx_overall_SU_R_free_Blow_DPI          ? 
# 
_refine_analyze.entry_id                        2ZOV 
_refine_analyze.Luzzati_coordinate_error_obs    0.25 
_refine_analyze.Luzzati_sigma_a_obs             0.17 
_refine_analyze.Luzzati_d_res_low_obs           5.00 
_refine_analyze.Luzzati_coordinate_error_free   0.30 
_refine_analyze.Luzzati_sigma_a_free            0.20 
_refine_analyze.Luzzati_d_res_low_free          ? 
_refine_analyze.number_disordered_residues      ? 
_refine_analyze.occupancy_sum_hydrogen          ? 
_refine_analyze.occupancy_sum_non_hydrogen      ? 
_refine_analyze.pdbx_Luzzati_d_res_high_obs     ? 
_refine_analyze.pdbx_refine_id                  'X-RAY DIFFRACTION' 
# 
_refine_hist.pdbx_refine_id                   'X-RAY DIFFRACTION' 
_refine_hist.cycle_id                         LAST 
_refine_hist.pdbx_number_atoms_protein        1304 
_refine_hist.pdbx_number_atoms_nucleic_acid   0 
_refine_hist.pdbx_number_atoms_ligand         0 
_refine_hist.number_atoms_solvent             204 
_refine_hist.number_atoms_total               1508 
_refine_hist.d_res_high                       2.00 
_refine_hist.d_res_low                        32.65 
# 
loop_
_refine_ls_restr.type 
_refine_ls_restr.dev_ideal 
_refine_ls_restr.dev_ideal_target 
_refine_ls_restr.weight 
_refine_ls_restr.number 
_refine_ls_restr.pdbx_refine_id 
_refine_ls_restr.pdbx_restraint_function 
c_bond_d                0.006 ?    ? ? 'X-RAY DIFFRACTION' ? 
c_bond_d_na             ?     ?    ? ? 'X-RAY DIFFRACTION' ? 
c_bond_d_prot           ?     ?    ? ? 'X-RAY DIFFRACTION' ? 
c_angle_d               ?     ?    ? ? 'X-RAY DIFFRACTION' ? 
c_angle_d_na            ?     ?    ? ? 'X-RAY DIFFRACTION' ? 
c_angle_d_prot          ?     ?    ? ? 'X-RAY DIFFRACTION' ? 
c_angle_deg             1.3   ?    ? ? 'X-RAY DIFFRACTION' ? 
c_angle_deg_na          ?     ?    ? ? 'X-RAY DIFFRACTION' ? 
c_angle_deg_prot        ?     ?    ? ? 'X-RAY DIFFRACTION' ? 
c_dihedral_angle_d      24.2  ?    ? ? 'X-RAY DIFFRACTION' ? 
c_dihedral_angle_d_na   ?     ?    ? ? 'X-RAY DIFFRACTION' ? 
c_dihedral_angle_d_prot ?     ?    ? ? 'X-RAY DIFFRACTION' ? 
c_improper_angle_d      0.77  ?    ? ? 'X-RAY DIFFRACTION' ? 
c_improper_angle_d_na   ?     ?    ? ? 'X-RAY DIFFRACTION' ? 
c_improper_angle_d_prot ?     ?    ? ? 'X-RAY DIFFRACTION' ? 
c_mcbond_it             1.71  1.50 ? ? 'X-RAY DIFFRACTION' ? 
c_mcangle_it            2.83  2.00 ? ? 'X-RAY DIFFRACTION' ? 
c_scbond_it             2.42  2.00 ? ? 'X-RAY DIFFRACTION' ? 
c_scangle_it            3.56  2.50 ? ? 'X-RAY DIFFRACTION' ? 
# 
_refine_ls_shell.pdbx_total_number_of_bins_used   6 
_refine_ls_shell.d_res_high                       2.00 
_refine_ls_shell.d_res_low                        2.13 
_refine_ls_shell.number_reflns_R_work             2669 
_refine_ls_shell.R_factor_R_work                  0.251 
_refine_ls_shell.percent_reflns_obs               99.2 
_refine_ls_shell.R_factor_R_free                  0.314 
_refine_ls_shell.R_factor_R_free_error            0.026 
_refine_ls_shell.percent_reflns_R_free            5.1 
_refine_ls_shell.number_reflns_R_free             142 
_refine_ls_shell.number_reflns_all                ? 
_refine_ls_shell.R_factor_all                     ? 
_refine_ls_shell.number_reflns_obs                ? 
_refine_ls_shell.redundancy_reflns_obs            ? 
_refine_ls_shell.pdbx_refine_id                   'X-RAY DIFFRACTION' 
# 
loop_
_pdbx_xplor_file.serial_no 
_pdbx_xplor_file.param_file 
_pdbx_xplor_file.topol_file 
_pdbx_xplor_file.pdbx_refine_id 
1 protein_rep.param protein.top 'X-RAY DIFFRACTION' 
2 water_rep.param   water.top   'X-RAY DIFFRACTION' 
# 
_struct.entry_id                  2ZOV 
_struct.title                     'Structure of the periplasmic domain of MotB from Salmonella (crystal form I)' 
_struct.pdbx_model_details        ? 
_struct.pdbx_CASP_flag            ? 
_struct.pdbx_model_type_details   ? 
# 
_struct_keywords.entry_id        2ZOV 
_struct_keywords.pdbx_keywords   'MEMBRANE PROTEIN' 
_struct_keywords.text            
;2-layer sandwich, Bacterial flagellum, Cell projection, Chemotaxis, Flagellar rotation, Inner membrane, Membrane, Transmembrane, MEMBRANE PROTEIN
;
# 
loop_
_struct_asym.id 
_struct_asym.pdbx_blank_PDB_chainid_flag 
_struct_asym.pdbx_modified 
_struct_asym.entity_id 
_struct_asym.details 
A N N 1 ? 
B N N 2 ? 
# 
_struct_ref.id                         1 
_struct_ref.db_name                    UNP 
_struct_ref.db_code                    MOTB_SALTY 
_struct_ref.pdbx_db_accession          P55892 
_struct_ref.entity_id                  1 
_struct_ref.pdbx_seq_one_letter_code   
;GDDYTQQQGEVEKQPNIDELKKRMEQSRLNKLRGDLDQLIESDPKLRALRPHLKIDLVQEGLRIQIIDSQNRPMFKTGSA
EVEPYMRDILRAIAPVLNGIPNRISLAGHTDDFPYANGEKGYSNWELSADRANASRRELVAGGLDNGKVLRVVGMAATMR
LSDRGPDDAINRRISLLVLNKQAEQAILHENAESQNEPVSVLQQ
;
_struct_ref.pdbx_align_begin           88 
_struct_ref.pdbx_db_isoform            ? 
# 
_struct_ref_seq.align_id                      1 
_struct_ref_seq.ref_id                        1 
_struct_ref_seq.pdbx_PDB_id_code              2ZOV 
_struct_ref_seq.pdbx_strand_id                A 
_struct_ref_seq.seq_align_beg                 1 
_struct_ref_seq.pdbx_seq_align_beg_ins_code   ? 
_struct_ref_seq.seq_align_end                 204 
_struct_ref_seq.pdbx_seq_align_end_ins_code   ? 
_struct_ref_seq.pdbx_db_accession             P55892 
_struct_ref_seq.db_align_beg                  88 
_struct_ref_seq.pdbx_db_align_beg_ins_code    ? 
_struct_ref_seq.db_align_end                  291 
_struct_ref_seq.pdbx_db_align_end_ins_code    ? 
_struct_ref_seq.pdbx_auth_seq_align_beg       88 
_struct_ref_seq.pdbx_auth_seq_align_end       291 
# 
loop_
_struct_ref_seq_dif.align_id 
_struct_ref_seq_dif.pdbx_pdb_id_code 
_struct_ref_seq_dif.mon_id 
_struct_ref_seq_dif.pdbx_pdb_strand_id 
_struct_ref_seq_dif.seq_num 
_struct_ref_seq_dif.pdbx_pdb_ins_code 
_struct_ref_seq_dif.pdbx_seq_db_name 
_struct_ref_seq_dif.pdbx_seq_db_accession_code 
_struct_ref_seq_dif.db_mon_id 
_struct_ref_seq_dif.pdbx_seq_db_seq_num 
_struct_ref_seq_dif.details 
_struct_ref_seq_dif.pdbx_auth_seq_num 
_struct_ref_seq_dif.pdbx_ordinal 
1 2ZOV HIS A 205 ? UNP P55892 ? ? 'expression tag' 292 1 
1 2ZOV HIS A 206 ? UNP P55892 ? ? 'expression tag' 293 2 
1 2ZOV HIS A 207 ? UNP P55892 ? ? 'expression tag' 294 3 
1 2ZOV HIS A 208 ? UNP P55892 ? ? 'expression tag' 295 4 
1 2ZOV HIS A 209 ? UNP P55892 ? ? 'expression tag' 296 5 
1 2ZOV HIS A 210 ? UNP P55892 ? ? 'expression tag' 297 6 
# 
_pdbx_struct_assembly.id                   1 
_pdbx_struct_assembly.details              author_and_software_defined_assembly 
_pdbx_struct_assembly.method_details       PISA 
_pdbx_struct_assembly.oligomeric_details   dimeric 
_pdbx_struct_assembly.oligomeric_count     2 
# 
loop_
_pdbx_struct_assembly_prop.biol_id 
_pdbx_struct_assembly_prop.type 
_pdbx_struct_assembly_prop.value 
_pdbx_struct_assembly_prop.details 
1 'ABSA (A^2)' 2960  ? 
1 MORE         2     ? 
1 'SSA (A^2)'  15910 ? 
# 
_pdbx_struct_assembly_gen.assembly_id       1 
_pdbx_struct_assembly_gen.oper_expression   1,2 
_pdbx_struct_assembly_gen.asym_id_list      A,B 
# 
loop_
_pdbx_struct_oper_list.id 
_pdbx_struct_oper_list.type 
_pdbx_struct_oper_list.name 
_pdbx_struct_oper_list.symmetry_operation 
_pdbx_struct_oper_list.matrix[1][1] 
_pdbx_struct_oper_list.matrix[1][2] 
_pdbx_struct_oper_list.matrix[1][3] 
_pdbx_struct_oper_list.vector[1] 
_pdbx_struct_oper_list.matrix[2][1] 
_pdbx_struct_oper_list.matrix[2][2] 
_pdbx_struct_oper_list.matrix[2][3] 
_pdbx_struct_oper_list.vector[2] 
_pdbx_struct_oper_list.matrix[3][1] 
_pdbx_struct_oper_list.matrix[3][2] 
_pdbx_struct_oper_list.matrix[3][3] 
_pdbx_struct_oper_list.vector[3] 
1 'identity operation'         1_555 x,y,z    1.0000000000  0.0000000000  0.0000000000  0.0000000000 0.0000000000  1.0000000000  0.0000000000 0.0000000000   0.0000000000  0.0000000000 1.0000000000 0.0000000000 
2 'crystal symmetry operation' 4_556 y,x,-z+1 -0.4573768204 -0.0383049663 -0.8884476201 7.2110530509 -0.0383049663 -0.9972959680 0.0627174758 -21.3851762275 -0.8884476201 0.0627174758 0.4546727884 5.3261924315 
# 
_struct_biol.id        1 
_struct_biol.details   ? 
# 
loop_
_struct_conf.conf_type_id 
_struct_conf.id 
_struct_conf.pdbx_PDB_helix_id 
_struct_conf.beg_label_comp_id 
_struct_conf.beg_label_asym_id 
_struct_conf.beg_label_seq_id 
_struct_conf.pdbx_beg_PDB_ins_code 
_struct_conf.end_label_comp_id 
_struct_conf.end_label_asym_id 
_struct_conf.end_label_seq_id 
_struct_conf.pdbx_end_PDB_ins_code 
_struct_conf.beg_auth_comp_id 
_struct_conf.beg_auth_asym_id 
_struct_conf.beg_auth_seq_id 
_struct_conf.end_auth_comp_id 
_struct_conf.end_auth_asym_id 
_struct_conf.end_auth_seq_id 
_struct_conf.pdbx_PDB_helix_class 
_struct_conf.details 
_struct_conf.pdbx_PDB_helix_length 
HELX_P HELX_P1 1 LYS A 21  ? ASP A 43  ? LYS A 108 ASP A 130 1 ? 23 
HELX_P HELX_P2 2 ASP A 43  ? ARG A 50  ? ASP A 130 ARG A 137 1 ? 8  
HELX_P HELX_P3 3 GLU A 83  ? ASN A 98  ? GLU A 170 ASN A 185 1 ? 16 
HELX_P HELX_P4 4 SER A 123 ? GLY A 142 ? SER A 210 GLY A 229 1 ? 20 
HELX_P HELX_P5 5 ASN A 180 ? ALA A 192 ? ASN A 267 ALA A 279 1 ? 13 
# 
_struct_conf_type.id          HELX_P 
_struct_conf_type.criteria    ? 
_struct_conf_type.reference   ? 
# 
loop_
_struct_conn.id 
_struct_conn.conn_type_id 
_struct_conn.pdbx_leaving_atom_flag 
_struct_conn.pdbx_PDB_id 
_struct_conn.ptnr1_label_asym_id 
_struct_conn.ptnr1_label_comp_id 
_struct_conn.ptnr1_label_seq_id 
_struct_conn.ptnr1_label_atom_id 
_struct_conn.pdbx_ptnr1_label_alt_id 
_struct_conn.pdbx_ptnr1_PDB_ins_code 
_struct_conn.pdbx_ptnr1_standard_comp_id 
_struct_conn.ptnr1_symmetry 
_struct_conn.ptnr2_label_asym_id 
_struct_conn.ptnr2_label_comp_id 
_struct_conn.ptnr2_label_seq_id 
_struct_conn.ptnr2_label_atom_id 
_struct_conn.pdbx_ptnr2_label_alt_id 
_struct_conn.pdbx_ptnr2_PDB_ins_code 
_struct_conn.ptnr1_auth_asym_id 
_struct_conn.ptnr1_auth_comp_id 
_struct_conn.ptnr1_auth_seq_id 
_struct_conn.ptnr2_auth_asym_id 
_struct_conn.ptnr2_auth_comp_id 
_struct_conn.ptnr2_auth_seq_id 
_struct_conn.ptnr2_symmetry 
_struct_conn.pdbx_ptnr3_label_atom_id 
_struct_conn.pdbx_ptnr3_label_seq_id 
_struct_conn.pdbx_ptnr3_label_comp_id 
_struct_conn.pdbx_ptnr3_label_asym_id 
_struct_conn.pdbx_ptnr3_label_alt_id 
_struct_conn.pdbx_ptnr3_PDB_ins_code 
_struct_conn.details 
_struct_conn.pdbx_dist_value 
_struct_conn.pdbx_value_order 
_struct_conn.pdbx_role 
covale1 covale both ? A ARG 23  C ? ? ? 1_555 A MSE 24  N ? ? A ARG 110 A MSE 111 1_555 ? ? ? ? ? ? ? 1.330 ? ? 
covale2 covale both ? A MSE 24  C ? ? ? 1_555 A GLU 25  N ? ? A MSE 111 A GLU 112 1_555 ? ? ? ? ? ? ? 1.328 ? ? 
covale3 covale both ? A PRO 73  C ? ? ? 1_555 A MSE 74  N ? ? A PRO 160 A MSE 161 1_555 ? ? ? ? ? ? ? 1.328 ? ? 
covale4 covale both ? A MSE 74  C ? ? ? 1_555 A PHE 75  N ? ? A MSE 161 A PHE 162 1_555 ? ? ? ? ? ? ? 1.330 ? ? 
covale5 covale both ? A TYR 85  C ? ? ? 1_555 A MSE 86  N ? ? A TYR 172 A MSE 173 1_555 ? ? ? ? ? ? ? 1.328 ? ? 
covale6 covale both ? A MSE 86  C ? ? ? 1_555 A ARG 87  N ? ? A MSE 173 A ARG 174 1_555 ? ? ? ? ? ? ? 1.328 ? ? 
covale7 covale both ? A GLY 154 C ? ? ? 1_555 A MSE 155 N ? ? A GLY 241 A MSE 242 1_555 ? ? ? ? ? ? ? 1.327 ? ? 
covale8 covale both ? A MSE 155 C ? ? ? 1_555 A ALA 156 N ? ? A MSE 242 A ALA 243 1_555 ? ? ? ? ? ? ? 1.334 ? ? 
# 
_struct_conn_type.id          covale 
_struct_conn_type.criteria    ? 
_struct_conn_type.reference   ? 
# 
loop_
_pdbx_modification_feature.ordinal 
_pdbx_modification_feature.label_comp_id 
_pdbx_modification_feature.label_asym_id 
_pdbx_modification_feature.label_seq_id 
_pdbx_modification_feature.label_alt_id 
_pdbx_modification_feature.modified_residue_label_comp_id 
_pdbx_modification_feature.modified_residue_label_asym_id 
_pdbx_modification_feature.modified_residue_label_seq_id 
_pdbx_modification_feature.modified_residue_label_alt_id 
_pdbx_modification_feature.auth_comp_id 
_pdbx_modification_feature.auth_asym_id 
_pdbx_modification_feature.auth_seq_id 
_pdbx_modification_feature.PDB_ins_code 
_pdbx_modification_feature.symmetry 
_pdbx_modification_feature.modified_residue_auth_comp_id 
_pdbx_modification_feature.modified_residue_auth_asym_id 
_pdbx_modification_feature.modified_residue_auth_seq_id 
_pdbx_modification_feature.modified_residue_PDB_ins_code 
_pdbx_modification_feature.modified_residue_symmetry 
_pdbx_modification_feature.comp_id_linking_atom 
_pdbx_modification_feature.modified_residue_id_linking_atom 
_pdbx_modification_feature.modified_residue_id 
_pdbx_modification_feature.ref_pcm_id 
_pdbx_modification_feature.ref_comp_id 
_pdbx_modification_feature.type 
_pdbx_modification_feature.category 
1 MSE A 24  ? . . . . MSE A 111 ? 1_555 . . . . . . . MET 1 MSE Selenomethionine 'Named protein modification' 
2 MSE A 74  ? . . . . MSE A 161 ? 1_555 . . . . . . . MET 1 MSE Selenomethionine 'Named protein modification' 
3 MSE A 86  ? . . . . MSE A 173 ? 1_555 . . . . . . . MET 1 MSE Selenomethionine 'Named protein modification' 
4 MSE A 155 ? . . . . MSE A 242 ? 1_555 . . . . . . . MET 1 MSE Selenomethionine 'Named protein modification' 
# 
_struct_sheet.id               A 
_struct_sheet.type             ? 
_struct_sheet.number_strands   5 
_struct_sheet.details          ? 
# 
loop_
_struct_sheet_order.sheet_id 
_struct_sheet_order.range_id_1 
_struct_sheet_order.range_id_2 
_struct_sheet_order.offset 
_struct_sheet_order.sense 
A 1 2 ? anti-parallel 
A 2 3 ? anti-parallel 
A 3 4 ? anti-parallel 
A 4 5 ? parallel      
# 
loop_
_struct_sheet_range.sheet_id 
_struct_sheet_range.id 
_struct_sheet_range.beg_label_comp_id 
_struct_sheet_range.beg_label_asym_id 
_struct_sheet_range.beg_label_seq_id 
_struct_sheet_range.pdbx_beg_PDB_ins_code 
_struct_sheet_range.end_label_comp_id 
_struct_sheet_range.end_label_asym_id 
_struct_sheet_range.end_label_seq_id 
_struct_sheet_range.pdbx_end_PDB_ins_code 
_struct_sheet_range.beg_auth_comp_id 
_struct_sheet_range.beg_auth_asym_id 
_struct_sheet_range.beg_auth_seq_id 
_struct_sheet_range.end_auth_comp_id 
_struct_sheet_range.end_auth_asym_id 
_struct_sheet_range.end_auth_seq_id 
A 1 LEU A 53  ? VAL A 58  ? LEU A 140 VAL A 145 
A 2 GLY A 61  ? ILE A 67  ? GLY A 148 ILE A 154 
A 3 ASN A 171 ? LEU A 179 ? ASN A 258 LEU A 266 
A 4 ILE A 104 ? ASP A 111 ? ILE A 191 ASP A 198 
A 5 VAL A 149 ? MSE A 155 ? VAL A 236 MSE A 242 
# 
loop_
_pdbx_struct_sheet_hbond.sheet_id 
_pdbx_struct_sheet_hbond.range_id_1 
_pdbx_struct_sheet_hbond.range_id_2 
_pdbx_struct_sheet_hbond.range_1_label_atom_id 
_pdbx_struct_sheet_hbond.range_1_label_comp_id 
_pdbx_struct_sheet_hbond.range_1_label_asym_id 
_pdbx_struct_sheet_hbond.range_1_label_seq_id 
_pdbx_struct_sheet_hbond.range_1_PDB_ins_code 
_pdbx_struct_sheet_hbond.range_1_auth_atom_id 
_pdbx_struct_sheet_hbond.range_1_auth_comp_id 
_pdbx_struct_sheet_hbond.range_1_auth_asym_id 
_pdbx_struct_sheet_hbond.range_1_auth_seq_id 
_pdbx_struct_sheet_hbond.range_2_label_atom_id 
_pdbx_struct_sheet_hbond.range_2_label_comp_id 
_pdbx_struct_sheet_hbond.range_2_label_asym_id 
_pdbx_struct_sheet_hbond.range_2_label_seq_id 
_pdbx_struct_sheet_hbond.range_2_PDB_ins_code 
_pdbx_struct_sheet_hbond.range_2_auth_atom_id 
_pdbx_struct_sheet_hbond.range_2_auth_comp_id 
_pdbx_struct_sheet_hbond.range_2_auth_asym_id 
_pdbx_struct_sheet_hbond.range_2_auth_seq_id 
A 1 2 N VAL A 58  ? N VAL A 145 O GLY A 61  ? O GLY A 148 
A 2 3 N LEU A 62  ? N LEU A 149 O VAL A 178 ? O VAL A 265 
A 3 4 O SER A 175 ? O SER A 262 N ALA A 107 ? N ALA A 194 
A 4 5 N GLY A 108 ? N GLY A 195 O VAL A 153 ? O VAL A 240 
# 
_pdbx_entry_details.entry_id                   2ZOV 
_pdbx_entry_details.compound_details           ? 
_pdbx_entry_details.source_details             ? 
_pdbx_entry_details.nonpolymer_details         ? 
_pdbx_entry_details.sequence_details           ? 
_pdbx_entry_details.has_ligand_of_interest     ? 
_pdbx_entry_details.has_protein_modification   Y 
# 
_pdbx_validate_close_contact.id               1 
_pdbx_validate_close_contact.PDB_model_num    1 
_pdbx_validate_close_contact.auth_atom_id_1   O 
_pdbx_validate_close_contact.auth_asym_id_1   A 
_pdbx_validate_close_contact.auth_comp_id_1   HOH 
_pdbx_validate_close_contact.auth_seq_id_1    298 
_pdbx_validate_close_contact.PDB_ins_code_1   ? 
_pdbx_validate_close_contact.label_alt_id_1   ? 
_pdbx_validate_close_contact.auth_atom_id_2   O 
_pdbx_validate_close_contact.auth_asym_id_2   A 
_pdbx_validate_close_contact.auth_comp_id_2   HOH 
_pdbx_validate_close_contact.auth_seq_id_2    355 
_pdbx_validate_close_contact.PDB_ins_code_2   ? 
_pdbx_validate_close_contact.label_alt_id_2   ? 
_pdbx_validate_close_contact.dist             2.07 
# 
_pdbx_validate_symm_contact.id                1 
_pdbx_validate_symm_contact.PDB_model_num     1 
_pdbx_validate_symm_contact.auth_atom_id_1    O 
_pdbx_validate_symm_contact.auth_asym_id_1    A 
_pdbx_validate_symm_contact.auth_comp_id_1    HOH 
_pdbx_validate_symm_contact.auth_seq_id_1     368 
_pdbx_validate_symm_contact.PDB_ins_code_1    ? 
_pdbx_validate_symm_contact.label_alt_id_1    ? 
_pdbx_validate_symm_contact.site_symmetry_1   1_555 
_pdbx_validate_symm_contact.auth_atom_id_2    O 
_pdbx_validate_symm_contact.auth_asym_id_2    A 
_pdbx_validate_symm_contact.auth_comp_id_2    HOH 
_pdbx_validate_symm_contact.auth_seq_id_2     368 
_pdbx_validate_symm_contact.PDB_ins_code_2    ? 
_pdbx_validate_symm_contact.label_alt_id_2    ? 
_pdbx_validate_symm_contact.site_symmetry_2   4_555 
_pdbx_validate_symm_contact.dist              1.36 
# 
loop_
_pdbx_validate_torsion.id 
_pdbx_validate_torsion.PDB_model_num 
_pdbx_validate_torsion.auth_comp_id 
_pdbx_validate_torsion.auth_asym_id 
_pdbx_validate_torsion.auth_seq_id 
_pdbx_validate_torsion.PDB_ins_code 
_pdbx_validate_torsion.label_alt_id 
_pdbx_validate_torsion.phi 
_pdbx_validate_torsion.psi 
1 1 PRO A 201 ? ? -38.55  130.26  
2 1 ASN A 204 ? ? 71.15   -150.51 
3 1 GLU A 206 ? ? -169.08 115.00  
4 1 LYS A 207 ? ? -109.17 55.11   
5 1 SER A 210 ? ? -124.53 -169.26 
# 
loop_
_pdbx_struct_mod_residue.id 
_pdbx_struct_mod_residue.label_asym_id 
_pdbx_struct_mod_residue.label_comp_id 
_pdbx_struct_mod_residue.label_seq_id 
_pdbx_struct_mod_residue.auth_asym_id 
_pdbx_struct_mod_residue.auth_comp_id 
_pdbx_struct_mod_residue.auth_seq_id 
_pdbx_struct_mod_residue.PDB_ins_code 
_pdbx_struct_mod_residue.parent_comp_id 
_pdbx_struct_mod_residue.details 
1 A MSE 24  A MSE 111 ? MET SELENOMETHIONINE 
2 A MSE 74  A MSE 161 ? MET SELENOMETHIONINE 
3 A MSE 86  A MSE 173 ? MET SELENOMETHIONINE 
4 A MSE 155 A MSE 242 ? MET SELENOMETHIONINE 
# 
loop_
_pdbx_unobs_or_zero_occ_residues.id 
_pdbx_unobs_or_zero_occ_residues.PDB_model_num 
_pdbx_unobs_or_zero_occ_residues.polymer_flag 
_pdbx_unobs_or_zero_occ_residues.occupancy_flag 
_pdbx_unobs_or_zero_occ_residues.auth_asym_id 
_pdbx_unobs_or_zero_occ_residues.auth_comp_id 
_pdbx_unobs_or_zero_occ_residues.auth_seq_id 
_pdbx_unobs_or_zero_occ_residues.PDB_ins_code 
_pdbx_unobs_or_zero_occ_residues.label_asym_id 
_pdbx_unobs_or_zero_occ_residues.label_comp_id 
_pdbx_unobs_or_zero_occ_residues.label_seq_id 
1  1 Y 1 A GLY 88  ? A GLY 1   
2  1 Y 1 A ASP 89  ? A ASP 2   
3  1 Y 1 A ASP 90  ? A ASP 3   
4  1 Y 1 A TYR 91  ? A TYR 4   
5  1 Y 1 A THR 92  ? A THR 5   
6  1 Y 1 A GLN 93  ? A GLN 6   
7  1 Y 1 A GLN 94  ? A GLN 7   
8  1 Y 1 A GLN 95  ? A GLN 8   
9  1 Y 1 A GLY 96  ? A GLY 9   
10 1 Y 1 A GLU 97  ? A GLU 10  
11 1 Y 1 A VAL 98  ? A VAL 11  
12 1 Y 1 A GLU 99  ? A GLU 12  
13 1 Y 1 A LYS 100 ? A LYS 13  
14 1 Y 1 A GLN 101 ? A GLN 14  
15 1 Y 1 A PRO 102 ? A PRO 15  
16 1 Y 1 A ASN 103 ? A ASN 16  
17 1 Y 1 A ILE 104 ? A ILE 17  
18 1 Y 1 A ASP 105 ? A ASP 18  
19 1 Y 1 A GLU 106 ? A GLU 19  
20 1 Y 1 A LEU 107 ? A LEU 20  
21 1 Y 1 A MSE 246 ? A MSE 159 
22 1 Y 1 A ARG 247 ? A ARG 160 
23 1 Y 1 A LEU 248 ? A LEU 161 
24 1 Y 1 A SER 249 ? A SER 162 
25 1 Y 1 A ASP 250 ? A ASP 163 
26 1 Y 1 A ARG 251 ? A ARG 164 
27 1 Y 1 A GLY 252 ? A GLY 165 
28 1 Y 1 A PRO 253 ? A PRO 166 
29 1 Y 1 A ASP 254 ? A ASP 167 
30 1 Y 1 A ASN 283 ? A ASN 196 
31 1 Y 1 A GLU 284 ? A GLU 197 
32 1 Y 1 A PRO 285 ? A PRO 198 
33 1 Y 1 A VAL 286 ? A VAL 199 
34 1 Y 1 A SER 287 ? A SER 200 
35 1 Y 1 A VAL 288 ? A VAL 201 
36 1 Y 1 A LEU 289 ? A LEU 202 
37 1 Y 1 A GLN 290 ? A GLN 203 
38 1 Y 1 A GLN 291 ? A GLN 204 
39 1 Y 1 A HIS 292 ? A HIS 205 
40 1 Y 1 A HIS 293 ? A HIS 206 
41 1 Y 1 A HIS 294 ? A HIS 207 
42 1 Y 1 A HIS 295 ? A HIS 208 
43 1 Y 1 A HIS 296 ? A HIS 209 
44 1 Y 1 A HIS 297 ? A HIS 210 
# 
loop_
_chem_comp_atom.comp_id 
_chem_comp_atom.atom_id 
_chem_comp_atom.type_symbol 
_chem_comp_atom.pdbx_aromatic_flag 
_chem_comp_atom.pdbx_stereo_config 
_chem_comp_atom.pdbx_ordinal 
ALA N    N  N N 1   
ALA CA   C  N S 2   
ALA C    C  N N 3   
ALA O    O  N N 4   
ALA CB   C  N N 5   
ALA OXT  O  N N 6   
ALA H    H  N N 7   
ALA H2   H  N N 8   
ALA HA   H  N N 9   
ALA HB1  H  N N 10  
ALA HB2  H  N N 11  
ALA HB3  H  N N 12  
ALA HXT  H  N N 13  
ARG N    N  N N 14  
ARG CA   C  N S 15  
ARG C    C  N N 16  
ARG O    O  N N 17  
ARG CB   C  N N 18  
ARG CG   C  N N 19  
ARG CD   C  N N 20  
ARG NE   N  N N 21  
ARG CZ   C  N N 22  
ARG NH1  N  N N 23  
ARG NH2  N  N N 24  
ARG OXT  O  N N 25  
ARG H    H  N N 26  
ARG H2   H  N N 27  
ARG HA   H  N N 28  
ARG HB2  H  N N 29  
ARG HB3  H  N N 30  
ARG HG2  H  N N 31  
ARG HG3  H  N N 32  
ARG HD2  H  N N 33  
ARG HD3  H  N N 34  
ARG HE   H  N N 35  
ARG HH11 H  N N 36  
ARG HH12 H  N N 37  
ARG HH21 H  N N 38  
ARG HH22 H  N N 39  
ARG HXT  H  N N 40  
ASN N    N  N N 41  
ASN CA   C  N S 42  
ASN C    C  N N 43  
ASN O    O  N N 44  
ASN CB   C  N N 45  
ASN CG   C  N N 46  
ASN OD1  O  N N 47  
ASN ND2  N  N N 48  
ASN OXT  O  N N 49  
ASN H    H  N N 50  
ASN H2   H  N N 51  
ASN HA   H  N N 52  
ASN HB2  H  N N 53  
ASN HB3  H  N N 54  
ASN HD21 H  N N 55  
ASN HD22 H  N N 56  
ASN HXT  H  N N 57  
ASP N    N  N N 58  
ASP CA   C  N S 59  
ASP C    C  N N 60  
ASP O    O  N N 61  
ASP CB   C  N N 62  
ASP CG   C  N N 63  
ASP OD1  O  N N 64  
ASP OD2  O  N N 65  
ASP OXT  O  N N 66  
ASP H    H  N N 67  
ASP H2   H  N N 68  
ASP HA   H  N N 69  
ASP HB2  H  N N 70  
ASP HB3  H  N N 71  
ASP HD2  H  N N 72  
ASP HXT  H  N N 73  
GLN N    N  N N 74  
GLN CA   C  N S 75  
GLN C    C  N N 76  
GLN O    O  N N 77  
GLN CB   C  N N 78  
GLN CG   C  N N 79  
GLN CD   C  N N 80  
GLN OE1  O  N N 81  
GLN NE2  N  N N 82  
GLN OXT  O  N N 83  
GLN H    H  N N 84  
GLN H2   H  N N 85  
GLN HA   H  N N 86  
GLN HB2  H  N N 87  
GLN HB3  H  N N 88  
GLN HG2  H  N N 89  
GLN HG3  H  N N 90  
GLN HE21 H  N N 91  
GLN HE22 H  N N 92  
GLN HXT  H  N N 93  
GLU N    N  N N 94  
GLU CA   C  N S 95  
GLU C    C  N N 96  
GLU O    O  N N 97  
GLU CB   C  N N 98  
GLU CG   C  N N 99  
GLU CD   C  N N 100 
GLU OE1  O  N N 101 
GLU OE2  O  N N 102 
GLU OXT  O  N N 103 
GLU H    H  N N 104 
GLU H2   H  N N 105 
GLU HA   H  N N 106 
GLU HB2  H  N N 107 
GLU HB3  H  N N 108 
GLU HG2  H  N N 109 
GLU HG3  H  N N 110 
GLU HE2  H  N N 111 
GLU HXT  H  N N 112 
GLY N    N  N N 113 
GLY CA   C  N N 114 
GLY C    C  N N 115 
GLY O    O  N N 116 
GLY OXT  O  N N 117 
GLY H    H  N N 118 
GLY H2   H  N N 119 
GLY HA2  H  N N 120 
GLY HA3  H  N N 121 
GLY HXT  H  N N 122 
HIS N    N  N N 123 
HIS CA   C  N S 124 
HIS C    C  N N 125 
HIS O    O  N N 126 
HIS CB   C  N N 127 
HIS CG   C  Y N 128 
HIS ND1  N  Y N 129 
HIS CD2  C  Y N 130 
HIS CE1  C  Y N 131 
HIS NE2  N  Y N 132 
HIS OXT  O  N N 133 
HIS H    H  N N 134 
HIS H2   H  N N 135 
HIS HA   H  N N 136 
HIS HB2  H  N N 137 
HIS HB3  H  N N 138 
HIS HD1  H  N N 139 
HIS HD2  H  N N 140 
HIS HE1  H  N N 141 
HIS HE2  H  N N 142 
HIS HXT  H  N N 143 
HOH O    O  N N 144 
HOH H1   H  N N 145 
HOH H2   H  N N 146 
ILE N    N  N N 147 
ILE CA   C  N S 148 
ILE C    C  N N 149 
ILE O    O  N N 150 
ILE CB   C  N S 151 
ILE CG1  C  N N 152 
ILE CG2  C  N N 153 
ILE CD1  C  N N 154 
ILE OXT  O  N N 155 
ILE H    H  N N 156 
ILE H2   H  N N 157 
ILE HA   H  N N 158 
ILE HB   H  N N 159 
ILE HG12 H  N N 160 
ILE HG13 H  N N 161 
ILE HG21 H  N N 162 
ILE HG22 H  N N 163 
ILE HG23 H  N N 164 
ILE HD11 H  N N 165 
ILE HD12 H  N N 166 
ILE HD13 H  N N 167 
ILE HXT  H  N N 168 
LEU N    N  N N 169 
LEU CA   C  N S 170 
LEU C    C  N N 171 
LEU O    O  N N 172 
LEU CB   C  N N 173 
LEU CG   C  N N 174 
LEU CD1  C  N N 175 
LEU CD2  C  N N 176 
LEU OXT  O  N N 177 
LEU H    H  N N 178 
LEU H2   H  N N 179 
LEU HA   H  N N 180 
LEU HB2  H  N N 181 
LEU HB3  H  N N 182 
LEU HG   H  N N 183 
LEU HD11 H  N N 184 
LEU HD12 H  N N 185 
LEU HD13 H  N N 186 
LEU HD21 H  N N 187 
LEU HD22 H  N N 188 
LEU HD23 H  N N 189 
LEU HXT  H  N N 190 
LYS N    N  N N 191 
LYS CA   C  N S 192 
LYS C    C  N N 193 
LYS O    O  N N 194 
LYS CB   C  N N 195 
LYS CG   C  N N 196 
LYS CD   C  N N 197 
LYS CE   C  N N 198 
LYS NZ   N  N N 199 
LYS OXT  O  N N 200 
LYS H    H  N N 201 
LYS H2   H  N N 202 
LYS HA   H  N N 203 
LYS HB2  H  N N 204 
LYS HB3  H  N N 205 
LYS HG2  H  N N 206 
LYS HG3  H  N N 207 
LYS HD2  H  N N 208 
LYS HD3  H  N N 209 
LYS HE2  H  N N 210 
LYS HE3  H  N N 211 
LYS HZ1  H  N N 212 
LYS HZ2  H  N N 213 
LYS HZ3  H  N N 214 
LYS HXT  H  N N 215 
MSE N    N  N N 216 
MSE CA   C  N S 217 
MSE C    C  N N 218 
MSE O    O  N N 219 
MSE OXT  O  N N 220 
MSE CB   C  N N 221 
MSE CG   C  N N 222 
MSE SE   SE N N 223 
MSE CE   C  N N 224 
MSE H    H  N N 225 
MSE H2   H  N N 226 
MSE HA   H  N N 227 
MSE HXT  H  N N 228 
MSE HB2  H  N N 229 
MSE HB3  H  N N 230 
MSE HG2  H  N N 231 
MSE HG3  H  N N 232 
MSE HE1  H  N N 233 
MSE HE2  H  N N 234 
MSE HE3  H  N N 235 
PHE N    N  N N 236 
PHE CA   C  N S 237 
PHE C    C  N N 238 
PHE O    O  N N 239 
PHE CB   C  N N 240 
PHE CG   C  Y N 241 
PHE CD1  C  Y N 242 
PHE CD2  C  Y N 243 
PHE CE1  C  Y N 244 
PHE CE2  C  Y N 245 
PHE CZ   C  Y N 246 
PHE OXT  O  N N 247 
PHE H    H  N N 248 
PHE H2   H  N N 249 
PHE HA   H  N N 250 
PHE HB2  H  N N 251 
PHE HB3  H  N N 252 
PHE HD1  H  N N 253 
PHE HD2  H  N N 254 
PHE HE1  H  N N 255 
PHE HE2  H  N N 256 
PHE HZ   H  N N 257 
PHE HXT  H  N N 258 
PRO N    N  N N 259 
PRO CA   C  N S 260 
PRO C    C  N N 261 
PRO O    O  N N 262 
PRO CB   C  N N 263 
PRO CG   C  N N 264 
PRO CD   C  N N 265 
PRO OXT  O  N N 266 
PRO H    H  N N 267 
PRO HA   H  N N 268 
PRO HB2  H  N N 269 
PRO HB3  H  N N 270 
PRO HG2  H  N N 271 
PRO HG3  H  N N 272 
PRO HD2  H  N N 273 
PRO HD3  H  N N 274 
PRO HXT  H  N N 275 
SER N    N  N N 276 
SER CA   C  N S 277 
SER C    C  N N 278 
SER O    O  N N 279 
SER CB   C  N N 280 
SER OG   O  N N 281 
SER OXT  O  N N 282 
SER H    H  N N 283 
SER H2   H  N N 284 
SER HA   H  N N 285 
SER HB2  H  N N 286 
SER HB3  H  N N 287 
SER HG   H  N N 288 
SER HXT  H  N N 289 
THR N    N  N N 290 
THR CA   C  N S 291 
THR C    C  N N 292 
THR O    O  N N 293 
THR CB   C  N R 294 
THR OG1  O  N N 295 
THR CG2  C  N N 296 
THR OXT  O  N N 297 
THR H    H  N N 298 
THR H2   H  N N 299 
THR HA   H  N N 300 
THR HB   H  N N 301 
THR HG1  H  N N 302 
THR HG21 H  N N 303 
THR HG22 H  N N 304 
THR HG23 H  N N 305 
THR HXT  H  N N 306 
TRP N    N  N N 307 
TRP CA   C  N S 308 
TRP C    C  N N 309 
TRP O    O  N N 310 
TRP CB   C  N N 311 
TRP CG   C  Y N 312 
TRP CD1  C  Y N 313 
TRP CD2  C  Y N 314 
TRP NE1  N  Y N 315 
TRP CE2  C  Y N 316 
TRP CE3  C  Y N 317 
TRP CZ2  C  Y N 318 
TRP CZ3  C  Y N 319 
TRP CH2  C  Y N 320 
TRP OXT  O  N N 321 
TRP H    H  N N 322 
TRP H2   H  N N 323 
TRP HA   H  N N 324 
TRP HB2  H  N N 325 
TRP HB3  H  N N 326 
TRP HD1  H  N N 327 
TRP HE1  H  N N 328 
TRP HE3  H  N N 329 
TRP HZ2  H  N N 330 
TRP HZ3  H  N N 331 
TRP HH2  H  N N 332 
TRP HXT  H  N N 333 
TYR N    N  N N 334 
TYR CA   C  N S 335 
TYR C    C  N N 336 
TYR O    O  N N 337 
TYR CB   C  N N 338 
TYR CG   C  Y N 339 
TYR CD1  C  Y N 340 
TYR CD2  C  Y N 341 
TYR CE1  C  Y N 342 
TYR CE2  C  Y N 343 
TYR CZ   C  Y N 344 
TYR OH   O  N N 345 
TYR OXT  O  N N 346 
TYR H    H  N N 347 
TYR H2   H  N N 348 
TYR HA   H  N N 349 
TYR HB2  H  N N 350 
TYR HB3  H  N N 351 
TYR HD1  H  N N 352 
TYR HD2  H  N N 353 
TYR HE1  H  N N 354 
TYR HE2  H  N N 355 
TYR HH   H  N N 356 
TYR HXT  H  N N 357 
VAL N    N  N N 358 
VAL CA   C  N S 359 
VAL C    C  N N 360 
VAL O    O  N N 361 
VAL CB   C  N N 362 
VAL CG1  C  N N 363 
VAL CG2  C  N N 364 
VAL OXT  O  N N 365 
VAL H    H  N N 366 
VAL H2   H  N N 367 
VAL HA   H  N N 368 
VAL HB   H  N N 369 
VAL HG11 H  N N 370 
VAL HG12 H  N N 371 
VAL HG13 H  N N 372 
VAL HG21 H  N N 373 
VAL HG22 H  N N 374 
VAL HG23 H  N N 375 
VAL HXT  H  N N 376 
# 
loop_
_chem_comp_bond.comp_id 
_chem_comp_bond.atom_id_1 
_chem_comp_bond.atom_id_2 
_chem_comp_bond.value_order 
_chem_comp_bond.pdbx_aromatic_flag 
_chem_comp_bond.pdbx_stereo_config 
_chem_comp_bond.pdbx_ordinal 
ALA N   CA   sing N N 1   
ALA N   H    sing N N 2   
ALA N   H2   sing N N 3   
ALA CA  C    sing N N 4   
ALA CA  CB   sing N N 5   
ALA CA  HA   sing N N 6   
ALA C   O    doub N N 7   
ALA C   OXT  sing N N 8   
ALA CB  HB1  sing N N 9   
ALA CB  HB2  sing N N 10  
ALA CB  HB3  sing N N 11  
ALA OXT HXT  sing N N 12  
ARG N   CA   sing N N 13  
ARG N   H    sing N N 14  
ARG N   H2   sing N N 15  
ARG CA  C    sing N N 16  
ARG CA  CB   sing N N 17  
ARG CA  HA   sing N N 18  
ARG C   O    doub N N 19  
ARG C   OXT  sing N N 20  
ARG CB  CG   sing N N 21  
ARG CB  HB2  sing N N 22  
ARG CB  HB3  sing N N 23  
ARG CG  CD   sing N N 24  
ARG CG  HG2  sing N N 25  
ARG CG  HG3  sing N N 26  
ARG CD  NE   sing N N 27  
ARG CD  HD2  sing N N 28  
ARG CD  HD3  sing N N 29  
ARG NE  CZ   sing N N 30  
ARG NE  HE   sing N N 31  
ARG CZ  NH1  sing N N 32  
ARG CZ  NH2  doub N N 33  
ARG NH1 HH11 sing N N 34  
ARG NH1 HH12 sing N N 35  
ARG NH2 HH21 sing N N 36  
ARG NH2 HH22 sing N N 37  
ARG OXT HXT  sing N N 38  
ASN N   CA   sing N N 39  
ASN N   H    sing N N 40  
ASN N   H2   sing N N 41  
ASN CA  C    sing N N 42  
ASN CA  CB   sing N N 43  
ASN CA  HA   sing N N 44  
ASN C   O    doub N N 45  
ASN C   OXT  sing N N 46  
ASN CB  CG   sing N N 47  
ASN CB  HB2  sing N N 48  
ASN CB  HB3  sing N N 49  
ASN CG  OD1  doub N N 50  
ASN CG  ND2  sing N N 51  
ASN ND2 HD21 sing N N 52  
ASN ND2 HD22 sing N N 53  
ASN OXT HXT  sing N N 54  
ASP N   CA   sing N N 55  
ASP N   H    sing N N 56  
ASP N   H2   sing N N 57  
ASP CA  C    sing N N 58  
ASP CA  CB   sing N N 59  
ASP CA  HA   sing N N 60  
ASP C   O    doub N N 61  
ASP C   OXT  sing N N 62  
ASP CB  CG   sing N N 63  
ASP CB  HB2  sing N N 64  
ASP CB  HB3  sing N N 65  
ASP CG  OD1  doub N N 66  
ASP CG  OD2  sing N N 67  
ASP OD2 HD2  sing N N 68  
ASP OXT HXT  sing N N 69  
GLN N   CA   sing N N 70  
GLN N   H    sing N N 71  
GLN N   H2   sing N N 72  
GLN CA  C    sing N N 73  
GLN CA  CB   sing N N 74  
GLN CA  HA   sing N N 75  
GLN C   O    doub N N 76  
GLN C   OXT  sing N N 77  
GLN CB  CG   sing N N 78  
GLN CB  HB2  sing N N 79  
GLN CB  HB3  sing N N 80  
GLN CG  CD   sing N N 81  
GLN CG  HG2  sing N N 82  
GLN CG  HG3  sing N N 83  
GLN CD  OE1  doub N N 84  
GLN CD  NE2  sing N N 85  
GLN NE2 HE21 sing N N 86  
GLN NE2 HE22 sing N N 87  
GLN OXT HXT  sing N N 88  
GLU N   CA   sing N N 89  
GLU N   H    sing N N 90  
GLU N   H2   sing N N 91  
GLU CA  C    sing N N 92  
GLU CA  CB   sing N N 93  
GLU CA  HA   sing N N 94  
GLU C   O    doub N N 95  
GLU C   OXT  sing N N 96  
GLU CB  CG   sing N N 97  
GLU CB  HB2  sing N N 98  
GLU CB  HB3  sing N N 99  
GLU CG  CD   sing N N 100 
GLU CG  HG2  sing N N 101 
GLU CG  HG3  sing N N 102 
GLU CD  OE1  doub N N 103 
GLU CD  OE2  sing N N 104 
GLU OE2 HE2  sing N N 105 
GLU OXT HXT  sing N N 106 
GLY N   CA   sing N N 107 
GLY N   H    sing N N 108 
GLY N   H2   sing N N 109 
GLY CA  C    sing N N 110 
GLY CA  HA2  sing N N 111 
GLY CA  HA3  sing N N 112 
GLY C   O    doub N N 113 
GLY C   OXT  sing N N 114 
GLY OXT HXT  sing N N 115 
HIS N   CA   sing N N 116 
HIS N   H    sing N N 117 
HIS N   H2   sing N N 118 
HIS CA  C    sing N N 119 
HIS CA  CB   sing N N 120 
HIS CA  HA   sing N N 121 
HIS C   O    doub N N 122 
HIS C   OXT  sing N N 123 
HIS CB  CG   sing N N 124 
HIS CB  HB2  sing N N 125 
HIS CB  HB3  sing N N 126 
HIS CG  ND1  sing Y N 127 
HIS CG  CD2  doub Y N 128 
HIS ND1 CE1  doub Y N 129 
HIS ND1 HD1  sing N N 130 
HIS CD2 NE2  sing Y N 131 
HIS CD2 HD2  sing N N 132 
HIS CE1 NE2  sing Y N 133 
HIS CE1 HE1  sing N N 134 
HIS NE2 HE2  sing N N 135 
HIS OXT HXT  sing N N 136 
HOH O   H1   sing N N 137 
HOH O   H2   sing N N 138 
ILE N   CA   sing N N 139 
ILE N   H    sing N N 140 
ILE N   H2   sing N N 141 
ILE CA  C    sing N N 142 
ILE CA  CB   sing N N 143 
ILE CA  HA   sing N N 144 
ILE C   O    doub N N 145 
ILE C   OXT  sing N N 146 
ILE CB  CG1  sing N N 147 
ILE CB  CG2  sing N N 148 
ILE CB  HB   sing N N 149 
ILE CG1 CD1  sing N N 150 
ILE CG1 HG12 sing N N 151 
ILE CG1 HG13 sing N N 152 
ILE CG2 HG21 sing N N 153 
ILE CG2 HG22 sing N N 154 
ILE CG2 HG23 sing N N 155 
ILE CD1 HD11 sing N N 156 
ILE CD1 HD12 sing N N 157 
ILE CD1 HD13 sing N N 158 
ILE OXT HXT  sing N N 159 
LEU N   CA   sing N N 160 
LEU N   H    sing N N 161 
LEU N   H2   sing N N 162 
LEU CA  C    sing N N 163 
LEU CA  CB   sing N N 164 
LEU CA  HA   sing N N 165 
LEU C   O    doub N N 166 
LEU C   OXT  sing N N 167 
LEU CB  CG   sing N N 168 
LEU CB  HB2  sing N N 169 
LEU CB  HB3  sing N N 170 
LEU CG  CD1  sing N N 171 
LEU CG  CD2  sing N N 172 
LEU CG  HG   sing N N 173 
LEU CD1 HD11 sing N N 174 
LEU CD1 HD12 sing N N 175 
LEU CD1 HD13 sing N N 176 
LEU CD2 HD21 sing N N 177 
LEU CD2 HD22 sing N N 178 
LEU CD2 HD23 sing N N 179 
LEU OXT HXT  sing N N 180 
LYS N   CA   sing N N 181 
LYS N   H    sing N N 182 
LYS N   H2   sing N N 183 
LYS CA  C    sing N N 184 
LYS CA  CB   sing N N 185 
LYS CA  HA   sing N N 186 
LYS C   O    doub N N 187 
LYS C   OXT  sing N N 188 
LYS CB  CG   sing N N 189 
LYS CB  HB2  sing N N 190 
LYS CB  HB3  sing N N 191 
LYS CG  CD   sing N N 192 
LYS CG  HG2  sing N N 193 
LYS CG  HG3  sing N N 194 
LYS CD  CE   sing N N 195 
LYS CD  HD2  sing N N 196 
LYS CD  HD3  sing N N 197 
LYS CE  NZ   sing N N 198 
LYS CE  HE2  sing N N 199 
LYS CE  HE3  sing N N 200 
LYS NZ  HZ1  sing N N 201 
LYS NZ  HZ2  sing N N 202 
LYS NZ  HZ3  sing N N 203 
LYS OXT HXT  sing N N 204 
MSE N   CA   sing N N 205 
MSE N   H    sing N N 206 
MSE N   H2   sing N N 207 
MSE CA  C    sing N N 208 
MSE CA  CB   sing N N 209 
MSE CA  HA   sing N N 210 
MSE C   O    doub N N 211 
MSE C   OXT  sing N N 212 
MSE OXT HXT  sing N N 213 
MSE CB  CG   sing N N 214 
MSE CB  HB2  sing N N 215 
MSE CB  HB3  sing N N 216 
MSE CG  SE   sing N N 217 
MSE CG  HG2  sing N N 218 
MSE CG  HG3  sing N N 219 
MSE SE  CE   sing N N 220 
MSE CE  HE1  sing N N 221 
MSE CE  HE2  sing N N 222 
MSE CE  HE3  sing N N 223 
PHE N   CA   sing N N 224 
PHE N   H    sing N N 225 
PHE N   H2   sing N N 226 
PHE CA  C    sing N N 227 
PHE CA  CB   sing N N 228 
PHE CA  HA   sing N N 229 
PHE C   O    doub N N 230 
PHE C   OXT  sing N N 231 
PHE CB  CG   sing N N 232 
PHE CB  HB2  sing N N 233 
PHE CB  HB3  sing N N 234 
PHE CG  CD1  doub Y N 235 
PHE CG  CD2  sing Y N 236 
PHE CD1 CE1  sing Y N 237 
PHE CD1 HD1  sing N N 238 
PHE CD2 CE2  doub Y N 239 
PHE CD2 HD2  sing N N 240 
PHE CE1 CZ   doub Y N 241 
PHE CE1 HE1  sing N N 242 
PHE CE2 CZ   sing Y N 243 
PHE CE2 HE2  sing N N 244 
PHE CZ  HZ   sing N N 245 
PHE OXT HXT  sing N N 246 
PRO N   CA   sing N N 247 
PRO N   CD   sing N N 248 
PRO N   H    sing N N 249 
PRO CA  C    sing N N 250 
PRO CA  CB   sing N N 251 
PRO CA  HA   sing N N 252 
PRO C   O    doub N N 253 
PRO C   OXT  sing N N 254 
PRO CB  CG   sing N N 255 
PRO CB  HB2  sing N N 256 
PRO CB  HB3  sing N N 257 
PRO CG  CD   sing N N 258 
PRO CG  HG2  sing N N 259 
PRO CG  HG3  sing N N 260 
PRO CD  HD2  sing N N 261 
PRO CD  HD3  sing N N 262 
PRO OXT HXT  sing N N 263 
SER N   CA   sing N N 264 
SER N   H    sing N N 265 
SER N   H2   sing N N 266 
SER CA  C    sing N N 267 
SER CA  CB   sing N N 268 
SER CA  HA   sing N N 269 
SER C   O    doub N N 270 
SER C   OXT  sing N N 271 
SER CB  OG   sing N N 272 
SER CB  HB2  sing N N 273 
SER CB  HB3  sing N N 274 
SER OG  HG   sing N N 275 
SER OXT HXT  sing N N 276 
THR N   CA   sing N N 277 
THR N   H    sing N N 278 
THR N   H2   sing N N 279 
THR CA  C    sing N N 280 
THR CA  CB   sing N N 281 
THR CA  HA   sing N N 282 
THR C   O    doub N N 283 
THR C   OXT  sing N N 284 
THR CB  OG1  sing N N 285 
THR CB  CG2  sing N N 286 
THR CB  HB   sing N N 287 
THR OG1 HG1  sing N N 288 
THR CG2 HG21 sing N N 289 
THR CG2 HG22 sing N N 290 
THR CG2 HG23 sing N N 291 
THR OXT HXT  sing N N 292 
TRP N   CA   sing N N 293 
TRP N   H    sing N N 294 
TRP N   H2   sing N N 295 
TRP CA  C    sing N N 296 
TRP CA  CB   sing N N 297 
TRP CA  HA   sing N N 298 
TRP C   O    doub N N 299 
TRP C   OXT  sing N N 300 
TRP CB  CG   sing N N 301 
TRP CB  HB2  sing N N 302 
TRP CB  HB3  sing N N 303 
TRP CG  CD1  doub Y N 304 
TRP CG  CD2  sing Y N 305 
TRP CD1 NE1  sing Y N 306 
TRP CD1 HD1  sing N N 307 
TRP CD2 CE2  doub Y N 308 
TRP CD2 CE3  sing Y N 309 
TRP NE1 CE2  sing Y N 310 
TRP NE1 HE1  sing N N 311 
TRP CE2 CZ2  sing Y N 312 
TRP CE3 CZ3  doub Y N 313 
TRP CE3 HE3  sing N N 314 
TRP CZ2 CH2  doub Y N 315 
TRP CZ2 HZ2  sing N N 316 
TRP CZ3 CH2  sing Y N 317 
TRP CZ3 HZ3  sing N N 318 
TRP CH2 HH2  sing N N 319 
TRP OXT HXT  sing N N 320 
TYR N   CA   sing N N 321 
TYR N   H    sing N N 322 
TYR N   H2   sing N N 323 
TYR CA  C    sing N N 324 
TYR CA  CB   sing N N 325 
TYR CA  HA   sing N N 326 
TYR C   O    doub N N 327 
TYR C   OXT  sing N N 328 
TYR CB  CG   sing N N 329 
TYR CB  HB2  sing N N 330 
TYR CB  HB3  sing N N 331 
TYR CG  CD1  doub Y N 332 
TYR CG  CD2  sing Y N 333 
TYR CD1 CE1  sing Y N 334 
TYR CD1 HD1  sing N N 335 
TYR CD2 CE2  doub Y N 336 
TYR CD2 HD2  sing N N 337 
TYR CE1 CZ   doub Y N 338 
TYR CE1 HE1  sing N N 339 
TYR CE2 CZ   sing Y N 340 
TYR CE2 HE2  sing N N 341 
TYR CZ  OH   sing N N 342 
TYR OH  HH   sing N N 343 
TYR OXT HXT  sing N N 344 
VAL N   CA   sing N N 345 
VAL N   H    sing N N 346 
VAL N   H2   sing N N 347 
VAL CA  C    sing N N 348 
VAL CA  CB   sing N N 349 
VAL CA  HA   sing N N 350 
VAL C   O    doub N N 351 
VAL C   OXT  sing N N 352 
VAL CB  CG1  sing N N 353 
VAL CB  CG2  sing N N 354 
VAL CB  HB   sing N N 355 
VAL CG1 HG11 sing N N 356 
VAL CG1 HG12 sing N N 357 
VAL CG1 HG13 sing N N 358 
VAL CG2 HG21 sing N N 359 
VAL CG2 HG22 sing N N 360 
VAL CG2 HG23 sing N N 361 
VAL OXT HXT  sing N N 362 
# 
_atom_sites.entry_id                    2ZOV 
_atom_sites.fract_transf_matrix[1][1]   -0.00104514 
_atom_sites.fract_transf_matrix[1][2]   -0.00260999 
_atom_sites.fract_transf_matrix[1][3]   0.01123071 
_atom_sites.fract_transf_matrix[2][1]   -0.00939983 
_atom_sites.fract_transf_matrix[2][2]   0.00334743 
_atom_sites.fract_transf_matrix[2][3]   0.00587068 
_atom_sites.fract_transf_matrix[3][1]   -0.01037075 
_atom_sites.fract_transf_matrix[3][2]   -0.01948684 
_atom_sites.fract_transf_matrix[3][3]   -0.00549381 
_atom_sites.fract_transf_vector[1]      0.415853 
_atom_sites.fract_transf_vector[2]      0.523930 
_atom_sites.fract_transf_vector[3]      0.343659 
# 
loop_
_atom_type.symbol 
C  
N  
O  
SE 
# 
loop_
_atom_site.group_PDB 
_atom_site.id 
_atom_site.type_symbol 
_atom_site.label_atom_id 
_atom_site.label_alt_id 
_atom_site.label_comp_id 
_atom_site.label_asym_id 
_atom_site.label_entity_id 
_atom_site.label_seq_id 
_atom_site.pdbx_PDB_ins_code 
_atom_site.Cartn_x 
_atom_site.Cartn_y 
_atom_site.Cartn_z 
_atom_site.occupancy 
_atom_site.B_iso_or_equiv 
_atom_site.pdbx_formal_charge 
_atom_site.auth_seq_id 
_atom_site.auth_comp_id 
_atom_site.auth_asym_id 
_atom_site.auth_atom_id 
_atom_site.pdbx_PDB_model_num 
ATOM   1    N  N   . LYS A 1 21  ? -1.095  7.144   25.913  1.00 67.10 ? 108 LYS A N   1 
ATOM   2    C  CA  . LYS A 1 21  ? -1.941  5.903   25.989  1.00 67.27 ? 108 LYS A CA  1 
ATOM   3    C  C   . LYS A 1 21  ? -2.137  5.428   24.562  1.00 67.06 ? 108 LYS A C   1 
ATOM   4    O  O   . LYS A 1 21  ? -1.288  5.655   23.706  1.00 66.40 ? 108 LYS A O   1 
ATOM   5    C  CB  . LYS A 1 21  ? -3.305  6.247   26.584  1.00 67.59 ? 108 LYS A CB  1 
ATOM   6    C  CG  . LYS A 1 21  ? -3.310  6.388   28.089  1.00 68.08 ? 108 LYS A CG  1 
ATOM   7    C  CD  . LYS A 1 21  ? -3.414  5.021   28.725  1.00 68.88 ? 108 LYS A CD  1 
ATOM   8    C  CE  . LYS A 1 21  ? -4.796  4.440   28.463  1.00 69.28 ? 108 LYS A CE  1 
ATOM   9    N  NZ  . LYS A 1 21  ? -4.752  2.988   28.131  1.00 69.29 ? 108 LYS A NZ  1 
ATOM   10   N  N   . LYS A 1 22  ? -3.249  4.753   24.302  1.00 67.15 ? 109 LYS A N   1 
ATOM   11   C  CA  . LYS A 1 22  ? -3.529  4.329   22.938  1.00 66.85 ? 109 LYS A CA  1 
ATOM   12   C  C   . LYS A 1 22  ? -4.111  5.598   22.319  1.00 66.52 ? 109 LYS A C   1 
ATOM   13   O  O   . LYS A 1 22  ? -4.404  5.679   21.121  1.00 66.12 ? 109 LYS A O   1 
ATOM   14   C  CB  . LYS A 1 22  ? -4.530  3.162   22.908  1.00 67.14 ? 109 LYS A CB  1 
ATOM   15   C  CG  . LYS A 1 22  ? -3.833  1.812   23.083  1.00 67.55 ? 109 LYS A CG  1 
ATOM   16   C  CD  . LYS A 1 22  ? -4.731  0.738   23.683  1.00 68.43 ? 109 LYS A CD  1 
ATOM   17   C  CE  . LYS A 1 22  ? -3.886  -0.303  24.435  1.00 69.34 ? 109 LYS A CE  1 
ATOM   18   N  NZ  . LYS A 1 22  ? -4.657  -1.367  25.157  1.00 70.64 ? 109 LYS A NZ  1 
ATOM   19   N  N   . ARG A 1 23  ? -4.208  6.600   23.185  1.00 66.09 ? 110 ARG A N   1 
ATOM   20   C  CA  . ARG A 1 23  ? -4.723  7.920   22.895  1.00 65.80 ? 110 ARG A CA  1 
ATOM   21   C  C   . ARG A 1 23  ? -3.811  8.765   22.024  1.00 64.52 ? 110 ARG A C   1 
ATOM   22   O  O   . ARG A 1 23  ? -4.248  9.296   21.007  1.00 64.58 ? 110 ARG A O   1 
ATOM   23   C  CB  . ARG A 1 23  ? -4.969  8.639   24.217  1.00 67.20 ? 110 ARG A CB  1 
ATOM   24   C  CG  . ARG A 1 23  ? -6.424  8.951   24.520  1.00 69.29 ? 110 ARG A CG  1 
ATOM   25   C  CD  . ARG A 1 23  ? -7.317  7.734   24.348  1.00 71.36 ? 110 ARG A CD  1 
ATOM   26   N  NE  . ARG A 1 23  ? -8.527  7.818   25.162  1.00 73.51 ? 110 ARG A NE  1 
ATOM   27   C  CZ  . ARG A 1 23  ? -8.593  7.464   26.443  1.00 74.51 ? 110 ARG A CZ  1 
ATOM   28   N  NH1 . ARG A 1 23  ? -7.517  7.002   27.066  1.00 75.48 ? 110 ARG A NH1 1 
ATOM   29   N  NH2 . ARG A 1 23  ? -9.744  7.547   27.099  1.00 75.39 ? 110 ARG A NH2 1 
HETATM 30   N  N   . MSE A 1 24  ? -2.549  8.906   22.421  1.00 62.96 ? 111 MSE A N   1 
HETATM 31   C  CA  . MSE A 1 24  ? -1.623  9.727   21.644  1.00 61.73 ? 111 MSE A CA  1 
HETATM 32   C  C   . MSE A 1 24  ? -1.439  9.110   20.271  1.00 58.20 ? 111 MSE A C   1 
HETATM 33   O  O   . MSE A 1 24  ? -1.158  9.806   19.295  1.00 57.80 ? 111 MSE A O   1 
HETATM 34   C  CB  . MSE A 1 24  ? -0.258  9.828   22.332  1.00 65.22 ? 111 MSE A CB  1 
HETATM 35   C  CG  . MSE A 1 24  ? -0.279  10.368  23.753  1.00 69.69 ? 111 MSE A CG  1 
HETATM 36   SE SE  . MSE A 1 24  ? 1.483   10.255  24.555  1.00 78.00 ? 111 MSE A SE  1 
HETATM 37   C  CE  . MSE A 1 24  ? 2.179   11.975  24.031  1.00 73.08 ? 111 MSE A CE  1 
ATOM   38   N  N   . GLU A 1 25  ? -1.607  7.794   20.213  1.00 54.09 ? 112 GLU A N   1 
ATOM   39   C  CA  . GLU A 1 25  ? -1.459  7.056   18.971  1.00 51.03 ? 112 GLU A CA  1 
ATOM   40   C  C   . GLU A 1 25  ? -2.658  7.245   18.052  1.00 48.15 ? 112 GLU A C   1 
ATOM   41   O  O   . GLU A 1 25  ? -2.492  7.425   16.847  1.00 45.82 ? 112 GLU A O   1 
ATOM   42   C  CB  . GLU A 1 25  ? -1.247  5.569   19.270  1.00 50.17 ? 112 GLU A CB  1 
ATOM   43   C  CG  . GLU A 1 25  ? -1.366  4.666   18.053  1.00 50.30 ? 112 GLU A CG  1 
ATOM   44   C  CD  . GLU A 1 25  ? -0.572  3.379   18.196  1.00 50.19 ? 112 GLU A CD  1 
ATOM   45   O  OE1 . GLU A 1 25  ? 0.629   3.377   17.845  1.00 47.77 ? 112 GLU A OE1 1 
ATOM   46   O  OE2 . GLU A 1 25  ? -1.145  2.375   18.670  1.00 48.75 ? 112 GLU A OE2 1 
ATOM   47   N  N   . GLN A 1 26  ? -3.859  7.202   18.621  1.00 45.44 ? 113 GLN A N   1 
ATOM   48   C  CA  . GLN A 1 26  ? -5.074  7.377   17.837  1.00 44.58 ? 113 GLN A CA  1 
ATOM   49   C  C   . GLN A 1 26  ? -5.097  8.804   17.298  1.00 42.15 ? 113 GLN A C   1 
ATOM   50   O  O   . GLN A 1 26  ? -5.483  9.043   16.155  1.00 41.49 ? 113 GLN A O   1 
ATOM   51   C  CB  . GLN A 1 26  ? -6.307  7.122   18.708  1.00 47.80 ? 113 GLN A CB  1 
ATOM   52   C  CG  . GLN A 1 26  ? -7.617  7.064   17.942  1.00 51.30 ? 113 GLN A CG  1 
ATOM   53   C  CD  . GLN A 1 26  ? -7.622  5.984   16.874  1.00 54.10 ? 113 GLN A CD  1 
ATOM   54   O  OE1 . GLN A 1 26  ? -7.533  6.274   15.678  1.00 56.04 ? 113 GLN A OE1 1 
ATOM   55   N  NE2 . GLN A 1 26  ? -7.720  4.729   17.300  1.00 55.21 ? 113 GLN A NE2 1 
ATOM   56   N  N   . SER A 1 27  ? -4.671  9.746   18.132  1.00 40.31 ? 114 SER A N   1 
ATOM   57   C  CA  . SER A 1 27  ? -4.618  11.149  17.744  1.00 38.76 ? 114 SER A CA  1 
ATOM   58   C  C   . SER A 1 27  ? -3.667  11.347  16.576  1.00 36.56 ? 114 SER A C   1 
ATOM   59   O  O   . SER A 1 27  ? -3.941  12.147  15.683  1.00 35.01 ? 114 SER A O   1 
ATOM   60   C  CB  . SER A 1 27  ? -4.151  12.016  18.913  1.00 40.34 ? 114 SER A CB  1 
ATOM   61   O  OG  . SER A 1 27  ? -5.085  11.974  19.975  1.00 43.35 ? 114 SER A OG  1 
ATOM   62   N  N   . ARG A 1 28  ? -2.541  10.634  16.596  1.00 33.31 ? 115 ARG A N   1 
ATOM   63   C  CA  . ARG A 1 28  ? -1.551  10.735  15.527  1.00 33.83 ? 115 ARG A CA  1 
ATOM   64   C  C   . ARG A 1 28  ? -2.128  10.169  14.243  1.00 30.19 ? 115 ARG A C   1 
ATOM   65   O  O   . ARG A 1 28  ? -1.927  10.722  13.166  1.00 29.19 ? 115 ARG A O   1 
ATOM   66   C  CB  . ARG A 1 28  ? -0.267  9.962   15.871  1.00 36.63 ? 115 ARG A CB  1 
ATOM   67   C  CG  . ARG A 1 28  ? 0.581   10.590  16.962  1.00 42.72 ? 115 ARG A CG  1 
ATOM   68   C  CD  . ARG A 1 28  ? 2.028   10.119  16.860  1.00 46.71 ? 115 ARG A CD  1 
ATOM   69   N  NE  . ARG A 1 28  ? 2.846   10.633  17.956  1.00 50.88 ? 115 ARG A NE  1 
ATOM   70   C  CZ  . ARG A 1 28  ? 2.840   10.139  19.190  1.00 52.81 ? 115 ARG A CZ  1 
ATOM   71   N  NH1 . ARG A 1 28  ? 2.062   9.108   19.496  1.00 53.08 ? 115 ARG A NH1 1 
ATOM   72   N  NH2 . ARG A 1 28  ? 3.605   10.687  20.126  1.00 54.13 ? 115 ARG A NH2 1 
ATOM   73   N  N   . LEU A 1 29  ? -2.841  9.055   14.366  1.00 29.19 ? 116 LEU A N   1 
ATOM   74   C  CA  . LEU A 1 29  ? -3.450  8.419   13.210  1.00 29.09 ? 116 LEU A CA  1 
ATOM   75   C  C   . LEU A 1 29  ? -4.554  9.292   12.606  1.00 28.01 ? 116 LEU A C   1 
ATOM   76   O  O   . LEU A 1 29  ? -4.683  9.391   11.380  1.00 25.96 ? 116 LEU A O   1 
ATOM   77   C  CB  . LEU A 1 29  ? -3.989  7.041   13.601  1.00 27.10 ? 116 LEU A CB  1 
ATOM   78   C  CG  . LEU A 1 29  ? -2.909  5.983   13.869  1.00 30.74 ? 116 LEU A CG  1 
ATOM   79   C  CD1 . LEU A 1 29  ? -3.571  4.653   14.238  1.00 29.46 ? 116 LEU A CD1 1 
ATOM   80   C  CD2 . LEU A 1 29  ? -2.029  5.825   12.629  1.00 28.09 ? 116 LEU A CD2 1 
ATOM   81   N  N   . ASN A 1 30  ? -5.338  9.938   13.467  1.00 27.58 ? 117 ASN A N   1 
ATOM   82   C  CA  . ASN A 1 30  ? -6.416  10.821  13.004  1.00 26.76 ? 117 ASN A CA  1 
ATOM   83   C  C   . ASN A 1 30  ? -5.827  12.044  12.326  1.00 25.85 ? 117 ASN A C   1 
ATOM   84   O  O   . ASN A 1 30  ? -6.369  12.555  11.342  1.00 25.49 ? 117 ASN A O   1 
ATOM   85   C  CB  . ASN A 1 30  ? -7.290  11.265  14.173  1.00 28.32 ? 117 ASN A CB  1 
ATOM   86   C  CG  . ASN A 1 30  ? -8.096  10.123  14.746  1.00 31.16 ? 117 ASN A CG  1 
ATOM   87   O  OD1 . ASN A 1 30  ? -8.289  9.096   14.083  1.00 33.38 ? 117 ASN A OD1 1 
ATOM   88   N  ND2 . ASN A 1 30  ? -8.596  10.297  15.964  1.00 31.25 ? 117 ASN A ND2 1 
ATOM   89   N  N   . LYS A 1 31  ? -4.700  12.516  12.851  1.00 25.75 ? 118 LYS A N   1 
ATOM   90   C  CA  . LYS A 1 31  ? -4.037  13.674  12.269  1.00 25.18 ? 118 LYS A CA  1 
ATOM   91   C  C   . LYS A 1 31  ? -3.478  13.270  10.916  1.00 25.27 ? 118 LYS A C   1 
ATOM   92   O  O   . LYS A 1 31  ? -3.576  14.030  9.949   1.00 24.71 ? 118 LYS A O   1 
ATOM   93   C  CB  . LYS A 1 31  ? -2.908  14.171  13.174  1.00 29.25 ? 118 LYS A CB  1 
ATOM   94   C  CG  . LYS A 1 31  ? -2.135  15.329  12.552  1.00 31.38 ? 118 LYS A CG  1 
ATOM   95   C  CD  . LYS A 1 31  ? -1.279  16.091  13.561  1.00 34.71 ? 118 LYS A CD  1 
ATOM   96   C  CE  . LYS A 1 31  ? -0.552  17.253  12.883  1.00 38.36 ? 118 LYS A CE  1 
ATOM   97   N  NZ  . LYS A 1 31  ? 0.365   16.751  11.815  1.00 40.85 ? 118 LYS A NZ  1 
ATOM   98   N  N   . LEU A 1 32  ? -2.894  12.072  10.849  1.00 23.69 ? 119 LEU A N   1 
ATOM   99   C  CA  . LEU A 1 32  ? -2.341  11.569  9.595   1.00 23.16 ? 119 LEU A CA  1 
ATOM   100  C  C   . LEU A 1 32  ? -3.457  11.469  8.574   1.00 22.76 ? 119 LEU A C   1 
ATOM   101  O  O   . LEU A 1 32  ? -3.275  11.815  7.406   1.00 24.44 ? 119 LEU A O   1 
ATOM   102  C  CB  . LEU A 1 32  ? -1.711  10.181  9.759   1.00 22.28 ? 119 LEU A CB  1 
ATOM   103  C  CG  . LEU A 1 32  ? -1.339  9.490   8.438   1.00 21.75 ? 119 LEU A CG  1 
ATOM   104  C  CD1 . LEU A 1 32  ? -0.415  10.408  7.600   1.00 24.35 ? 119 LEU A CD1 1 
ATOM   105  C  CD2 . LEU A 1 32  ? -0.685  8.130   8.765   1.00 22.60 ? 119 LEU A CD2 1 
ATOM   106  N  N   . ARG A 1 33  ? -4.612  10.983  9.013   1.00 22.38 ? 120 ARG A N   1 
ATOM   107  C  CA  . ARG A 1 33  ? -5.766  10.852  8.123   1.00 22.86 ? 120 ARG A CA  1 
ATOM   108  C  C   . ARG A 1 33  ? -6.127  12.221  7.551   1.00 22.78 ? 120 ARG A C   1 
ATOM   109  O  O   . ARG A 1 33  ? -6.370  12.364  6.360   1.00 24.95 ? 120 ARG A O   1 
ATOM   110  C  CB  . ARG A 1 33  ? -6.959  10.278  8.891   1.00 23.90 ? 120 ARG A CB  1 
ATOM   111  C  CG  . ARG A 1 33  ? -8.170  9.976   8.009   1.00 24.76 ? 120 ARG A CG  1 
ATOM   112  C  CD  . ARG A 1 33  ? -9.231  9.234   8.811   1.00 22.95 ? 120 ARG A CD  1 
ATOM   113  N  NE  . ARG A 1 33  ? -10.268 8.684   7.939   1.00 25.42 ? 120 ARG A NE  1 
ATOM   114  C  CZ  . ARG A 1 33  ? -11.250 7.895   8.359   1.00 26.18 ? 120 ARG A CZ  1 
ATOM   115  N  NH1 . ARG A 1 33  ? -11.320 7.561   9.642   1.00 26.48 ? 120 ARG A NH1 1 
ATOM   116  N  NH2 . ARG A 1 33  ? -12.160 7.452   7.502   1.00 28.62 ? 120 ARG A NH2 1 
ATOM   117  N  N   . GLY A 1 34  ? -6.164  13.223  8.420   1.00 23.40 ? 121 GLY A N   1 
ATOM   118  C  CA  . GLY A 1 34  ? -6.492  14.564  7.978   1.00 24.32 ? 121 GLY A CA  1 
ATOM   119  C  C   . GLY A 1 34  ? -5.440  15.126  7.047   1.00 24.55 ? 121 GLY A C   1 
ATOM   120  O  O   . GLY A 1 34  ? -5.764  15.804  6.078   1.00 24.28 ? 121 GLY A O   1 
ATOM   121  N  N   . ASP A 1 35  ? -4.171  14.862  7.330   1.00 24.71 ? 122 ASP A N   1 
ATOM   122  C  CA  . ASP A 1 35  ? -3.121  15.382  6.463   1.00 23.63 ? 122 ASP A CA  1 
ATOM   123  C  C   . ASP A 1 35  ? -3.181  14.769  5.080   1.00 21.31 ? 122 ASP A C   1 
ATOM   124  O  O   . ASP A 1 35  ? -2.930  15.455  4.081   1.00 20.18 ? 122 ASP A O   1 
ATOM   125  C  CB  . ASP A 1 35  ? -1.744  15.159  7.081   1.00 25.88 ? 122 ASP A CB  1 
ATOM   126  C  CG  . ASP A 1 35  ? -1.549  15.969  8.337   1.00 32.05 ? 122 ASP A CG  1 
ATOM   127  O  OD1 . ASP A 1 35  ? -2.206  17.033  8.459   1.00 35.03 ? 122 ASP A OD1 1 
ATOM   128  O  OD2 . ASP A 1 35  ? -0.740  15.571  9.204   1.00 32.65 ? 122 ASP A OD2 1 
ATOM   129  N  N   . LEU A 1 36  ? -3.514  13.479  5.016   1.00 20.01 ? 123 LEU A N   1 
ATOM   130  C  CA  . LEU A 1 36  ? -3.616  12.781  3.728   1.00 20.80 ? 123 LEU A CA  1 
ATOM   131  C  C   . LEU A 1 36  ? -4.791  13.374  2.956   1.00 20.32 ? 123 LEU A C   1 
ATOM   132  O  O   . LEU A 1 36  ? -4.706  13.595  1.753   1.00 21.94 ? 123 LEU A O   1 
ATOM   133  C  CB  . LEU A 1 36  ? -3.823  11.274  3.949   1.00 19.37 ? 123 LEU A CB  1 
ATOM   134  C  CG  . LEU A 1 36  ? -2.582  10.513  4.461   1.00 19.93 ? 123 LEU A CG  1 
ATOM   135  C  CD1 . LEU A 1 36  ? -2.970  9.100   4.914   1.00 22.57 ? 123 LEU A CD1 1 
ATOM   136  C  CD2 . LEU A 1 36  ? -1.541  10.468  3.337   1.00 19.77 ? 123 LEU A CD2 1 
ATOM   137  N  N   . ASP A 1 37  ? -5.878  13.641  3.674   1.00 19.54 ? 124 ASP A N   1 
ATOM   138  C  CA  . ASP A 1 37  ? -7.073  14.236  3.067   1.00 19.28 ? 124 ASP A CA  1 
ATOM   139  C  C   . ASP A 1 37  ? -6.712  15.616  2.506   1.00 19.49 ? 124 ASP A C   1 
ATOM   140  O  O   . ASP A 1 37  ? -7.058  15.946  1.371   1.00 18.40 ? 124 ASP A O   1 
ATOM   141  C  CB  . ASP A 1 37  ? -8.172  14.353  4.127   1.00 19.15 ? 124 ASP A CB  1 
ATOM   142  C  CG  . ASP A 1 37  ? -9.513  14.733  3.541   1.00 17.44 ? 124 ASP A CG  1 
ATOM   143  O  OD1 . ASP A 1 37  ? -10.026 14.013  2.648   1.00 13.64 ? 124 ASP A OD1 1 
ATOM   144  O  OD2 . ASP A 1 37  ? -10.056 15.759  3.982   1.00 23.85 ? 124 ASP A OD2 1 
ATOM   145  N  N   . GLN A 1 38  ? -5.993  16.417  3.291   1.00 22.32 ? 125 GLN A N   1 
ATOM   146  C  CA  . GLN A 1 38  ? -5.595  17.752  2.842   1.00 23.56 ? 125 GLN A CA  1 
ATOM   147  C  C   . GLN A 1 38  ? -4.758  17.637  1.568   1.00 24.15 ? 125 GLN A C   1 
ATOM   148  O  O   . GLN A 1 38  ? -5.009  18.326  0.576   1.00 24.25 ? 125 GLN A O   1 
ATOM   149  C  CB  . GLN A 1 38  ? -4.798  18.457  3.939   1.00 25.65 ? 125 GLN A CB  1 
ATOM   150  C  CG  . GLN A 1 38  ? -4.559  19.935  3.683   1.00 30.84 ? 125 GLN A CG  1 
ATOM   151  C  CD  . GLN A 1 38  ? -3.691  20.582  4.752   1.00 33.32 ? 125 GLN A CD  1 
ATOM   152  O  OE1 . GLN A 1 38  ? -3.833  20.298  5.942   1.00 33.02 ? 125 GLN A OE1 1 
ATOM   153  N  NE2 . GLN A 1 38  ? -2.793  21.467  4.331   1.00 34.76 ? 125 GLN A NE2 1 
ATOM   154  N  N   . LEU A 1 39  ? -3.764  16.755  1.596   1.00 23.54 ? 126 LEU A N   1 
ATOM   155  C  CA  . LEU A 1 39  ? -2.910  16.539  0.434   1.00 22.49 ? 126 LEU A CA  1 
ATOM   156  C  C   . LEU A 1 39  ? -3.731  16.171  -0.821  1.00 22.89 ? 126 LEU A C   1 
ATOM   157  O  O   . LEU A 1 39  ? -3.580  16.779  -1.876  1.00 23.11 ? 126 LEU A O   1 
ATOM   158  C  CB  . LEU A 1 39  ? -1.910  15.420  0.734   1.00 24.06 ? 126 LEU A CB  1 
ATOM   159  C  CG  . LEU A 1 39  ? -1.079  14.941  -0.460  1.00 24.86 ? 126 LEU A CG  1 
ATOM   160  C  CD1 . LEU A 1 39  ? -0.018  15.977  -0.803  1.00 25.29 ? 126 LEU A CD1 1 
ATOM   161  C  CD2 . LEU A 1 39  ? -0.440  13.610  -0.127  1.00 25.36 ? 126 LEU A CD2 1 
ATOM   162  N  N   . ILE A 1 40  ? -4.601  15.175  -0.707  1.00 21.11 ? 127 ILE A N   1 
ATOM   163  C  CA  . ILE A 1 40  ? -5.406  14.751  -1.849  1.00 21.84 ? 127 ILE A CA  1 
ATOM   164  C  C   . ILE A 1 40  ? -6.296  15.852  -2.431  1.00 22.72 ? 127 ILE A C   1 
ATOM   165  O  O   . ILE A 1 40  ? -6.368  16.019  -3.656  1.00 24.63 ? 127 ILE A O   1 
ATOM   166  C  CB  . ILE A 1 40  ? -6.275  13.538  -1.457  1.00 21.87 ? 127 ILE A CB  1 
ATOM   167  C  CG1 . ILE A 1 40  ? -5.368  12.326  -1.221  1.00 22.54 ? 127 ILE A CG1 1 
ATOM   168  C  CG2 . ILE A 1 40  ? -7.293  13.237  -2.534  1.00 24.95 ? 127 ILE A CG2 1 
ATOM   169  C  CD1 . ILE A 1 40  ? -6.038  11.186  -0.477  1.00 22.30 ? 127 ILE A CD1 1 
ATOM   170  N  N   . GLU A 1 41  ? -6.954  16.610  -1.556  1.00 23.58 ? 128 GLU A N   1 
ATOM   171  C  CA  . GLU A 1 41  ? -7.848  17.684  -1.979  1.00 26.60 ? 128 GLU A CA  1 
ATOM   172  C  C   . GLU A 1 41  ? -7.138  18.950  -2.474  1.00 29.67 ? 128 GLU A C   1 
ATOM   173  O  O   . GLU A 1 41  ? -7.785  19.820  -3.039  1.00 31.65 ? 128 GLU A O   1 
ATOM   174  C  CB  . GLU A 1 41  ? -8.829  18.032  -0.845  1.00 24.60 ? 128 GLU A CB  1 
ATOM   175  C  CG  . GLU A 1 41  ? -9.808  16.901  -0.547  1.00 25.04 ? 128 GLU A CG  1 
ATOM   176  C  CD  . GLU A 1 41  ? -10.536 17.070  0.764   1.00 24.76 ? 128 GLU A CD  1 
ATOM   177  O  OE1 . GLU A 1 41  ? -10.234 18.027  1.513   1.00 21.86 ? 128 GLU A OE1 1 
ATOM   178  O  OE2 . GLU A 1 41  ? -11.417 16.237  1.063   1.00 32.60 ? 128 GLU A OE2 1 
ATOM   179  N  N   . SER A 1 42  ? -5.825  19.051  -2.274  1.00 30.20 ? 129 SER A N   1 
ATOM   180  C  CA  . SER A 1 42  ? -5.091  20.218  -2.743  1.00 32.63 ? 129 SER A CA  1 
ATOM   181  C  C   . SER A 1 42  ? -4.319  19.894  -4.023  1.00 32.70 ? 129 SER A C   1 
ATOM   182  O  O   . SER A 1 42  ? -3.651  20.758  -4.578  1.00 32.61 ? 129 SER A O   1 
ATOM   183  C  CB  . SER A 1 42  ? -4.096  20.699  -1.686  1.00 32.54 ? 129 SER A CB  1 
ATOM   184  O  OG  . SER A 1 42  ? -3.293  19.611  -1.260  1.00 38.30 ? 129 SER A OG  1 
ATOM   185  N  N   . ASP A 1 43  ? -4.387  18.651  -4.483  1.00 33.58 ? 130 ASP A N   1 
ATOM   186  C  CA  . ASP A 1 43  ? -3.663  18.271  -5.699  1.00 35.80 ? 130 ASP A CA  1 
ATOM   187  C  C   . ASP A 1 43  ? -4.603  17.799  -6.813  1.00 35.34 ? 130 ASP A C   1 
ATOM   188  O  O   . ASP A 1 43  ? -5.263  16.771  -6.682  1.00 33.44 ? 130 ASP A O   1 
ATOM   189  C  CB  . ASP A 1 43  ? -2.658  17.155  -5.390  1.00 38.34 ? 130 ASP A CB  1 
ATOM   190  C  CG  . ASP A 1 43  ? -1.754  16.816  -6.584  1.00 42.84 ? 130 ASP A CG  1 
ATOM   191  O  OD1 . ASP A 1 43  ? -2.258  16.634  -7.717  1.00 44.42 ? 130 ASP A OD1 1 
ATOM   192  O  OD2 . ASP A 1 43  ? -0.528  16.710  -6.380  1.00 44.30 ? 130 ASP A OD2 1 
ATOM   193  N  N   . PRO A 1 44  ? -4.648  18.537  -7.937  1.00 36.32 ? 131 PRO A N   1 
ATOM   194  C  CA  . PRO A 1 44  ? -5.491  18.228  -9.098  1.00 36.48 ? 131 PRO A CA  1 
ATOM   195  C  C   . PRO A 1 44  ? -5.383  16.764  -9.533  1.00 36.89 ? 131 PRO A C   1 
ATOM   196  O  O   . PRO A 1 44  ? -6.396  16.088  -9.715  1.00 36.55 ? 131 PRO A O   1 
ATOM   197  C  CB  . PRO A 1 44  ? -4.968  19.192  -10.161 1.00 36.64 ? 131 PRO A CB  1 
ATOM   198  C  CG  . PRO A 1 44  ? -4.567  20.385  -9.337  1.00 37.54 ? 131 PRO A CG  1 
ATOM   199  C  CD  . PRO A 1 44  ? -3.827  19.733  -8.197  1.00 36.10 ? 131 PRO A CD  1 
ATOM   200  N  N   . LYS A 1 45  ? -4.151  16.283  -9.685  1.00 37.08 ? 132 LYS A N   1 
ATOM   201  C  CA  . LYS A 1 45  ? -3.896  14.905  -10.101 1.00 36.64 ? 132 LYS A CA  1 
ATOM   202  C  C   . LYS A 1 45  ? -4.462  13.881  -9.123  1.00 34.99 ? 132 LYS A C   1 
ATOM   203  O  O   . LYS A 1 45  ? -5.002  12.856  -9.541  1.00 34.82 ? 132 LYS A O   1 
ATOM   204  C  CB  . LYS A 1 45  ? -2.390  14.675  -10.286 1.00 38.92 ? 132 LYS A CB  1 
ATOM   205  C  CG  . LYS A 1 45  ? -1.790  15.483  -11.429 1.00 41.64 ? 132 LYS A CG  1 
ATOM   206  C  CD  . LYS A 1 45  ? -0.265  15.389  -11.479 1.00 46.15 ? 132 LYS A CD  1 
ATOM   207  C  CE  . LYS A 1 45  ? 0.225   14.474  -12.597 1.00 47.38 ? 132 LYS A CE  1 
ATOM   208  N  NZ  . LYS A 1 45  ? 1.711   14.536  -12.726 1.00 51.05 ? 132 LYS A NZ  1 
ATOM   209  N  N   . LEU A 1 46  ? -4.344  14.154  -7.826  1.00 32.75 ? 133 LEU A N   1 
ATOM   210  C  CA  . LEU A 1 46  ? -4.864  13.238  -6.821  1.00 28.41 ? 133 LEU A CA  1 
ATOM   211  C  C   . LEU A 1 46  ? -6.385  13.330  -6.748  1.00 27.34 ? 133 LEU A C   1 
ATOM   212  O  O   . LEU A 1 46  ? -7.064  12.320  -6.554  1.00 25.44 ? 133 LEU A O   1 
ATOM   213  C  CB  . LEU A 1 46  ? -4.253  13.538  -5.453  1.00 27.70 ? 133 LEU A CB  1 
ATOM   214  C  CG  . LEU A 1 46  ? -2.728  13.420  -5.369  1.00 28.05 ? 133 LEU A CG  1 
ATOM   215  C  CD1 . LEU A 1 46  ? -2.272  13.673  -3.933  1.00 26.92 ? 133 LEU A CD1 1 
ATOM   216  C  CD2 . LEU A 1 46  ? -2.295  12.032  -5.836  1.00 28.10 ? 133 LEU A CD2 1 
ATOM   217  N  N   . ARG A 1 47  ? -6.924  14.538  -6.893  1.00 26.26 ? 134 ARG A N   1 
ATOM   218  C  CA  . ARG A 1 47  ? -8.374  14.705  -6.862  1.00 27.67 ? 134 ARG A CA  1 
ATOM   219  C  C   . ARG A 1 47  ? -8.997  13.874  -7.979  1.00 25.75 ? 134 ARG A C   1 
ATOM   220  O  O   . ARG A 1 47  ? -10.053 13.271  -7.806  1.00 26.98 ? 134 ARG A O   1 
ATOM   221  C  CB  . ARG A 1 47  ? -8.776  16.177  -7.062  1.00 29.23 ? 134 ARG A CB  1 
ATOM   222  C  CG  . ARG A 1 47  ? -8.530  17.085  -5.866  1.00 33.65 ? 134 ARG A CG  1 
ATOM   223  C  CD  . ARG A 1 47  ? -9.377  18.353  -5.968  1.00 36.60 ? 134 ARG A CD  1 
ATOM   224  N  NE  . ARG A 1 47  ? -9.067  19.142  -7.159  1.00 39.56 ? 134 ARG A NE  1 
ATOM   225  C  CZ  . ARG A 1 47  ? -8.099  20.052  -7.232  1.00 41.36 ? 134 ARG A CZ  1 
ATOM   226  N  NH1 . ARG A 1 47  ? -7.330  20.302  -6.177  1.00 40.51 ? 134 ARG A NH1 1 
ATOM   227  N  NH2 . ARG A 1 47  ? -7.898  20.712  -8.363  1.00 42.38 ? 134 ARG A NH2 1 
ATOM   228  N  N   . ALA A 1 48  ? -8.325  13.833  -9.123  1.00 24.99 ? 135 ALA A N   1 
ATOM   229  C  CA  . ALA A 1 48  ? -8.826  13.092  -10.275 1.00 28.21 ? 135 ALA A CA  1 
ATOM   230  C  C   . ALA A 1 48  ? -8.828  11.579  -10.058 1.00 28.70 ? 135 ALA A C   1 
ATOM   231  O  O   . ALA A 1 48  ? -9.577  10.849  -10.712 1.00 30.64 ? 135 ALA A O   1 
ATOM   232  C  CB  . ALA A 1 48  ? -7.995  13.436  -11.494 1.00 27.79 ? 135 ALA A CB  1 
ATOM   233  N  N   . LEU A 1 49  ? -7.987  11.117  -9.139  1.00 26.67 ? 136 LEU A N   1 
ATOM   234  C  CA  . LEU A 1 49  ? -7.870  9.693   -8.845  1.00 26.99 ? 136 LEU A CA  1 
ATOM   235  C  C   . LEU A 1 49  ? -8.542  9.290   -7.532  1.00 25.51 ? 136 LEU A C   1 
ATOM   236  O  O   . LEU A 1 49  ? -8.529  8.116   -7.163  1.00 25.07 ? 136 LEU A O   1 
ATOM   237  C  CB  . LEU A 1 49  ? -6.385  9.308   -8.793  1.00 26.00 ? 136 LEU A CB  1 
ATOM   238  C  CG  . LEU A 1 49  ? -5.598  9.515   -10.092 1.00 29.13 ? 136 LEU A CG  1 
ATOM   239  C  CD1 . LEU A 1 49  ? -4.094  9.508   -9.825  1.00 31.25 ? 136 LEU A CD1 1 
ATOM   240  C  CD2 . LEU A 1 49  ? -5.980  8.428   -11.084 1.00 32.95 ? 136 LEU A CD2 1 
ATOM   241  N  N   . ARG A 1 50  ? -9.141  10.258  -6.841  1.00 24.34 ? 137 ARG A N   1 
ATOM   242  C  CA  . ARG A 1 50  ? -9.777  10.018  -5.539  1.00 25.47 ? 137 ARG A CA  1 
ATOM   243  C  C   . ARG A 1 50  ? -10.651 8.768   -5.432  1.00 24.35 ? 137 ARG A C   1 
ATOM   244  O  O   . ARG A 1 50  ? -10.563 8.025   -4.449  1.00 24.02 ? 137 ARG A O   1 
ATOM   245  C  CB  . ARG A 1 50  ? -10.569 11.268  -5.109  1.00 28.67 ? 137 ARG A CB  1 
ATOM   246  C  CG  . ARG A 1 50  ? -10.242 11.785  -3.707  1.00 35.93 ? 137 ARG A CG  1 
ATOM   247  C  CD  . ARG A 1 50  ? -11.079 11.095  -2.640  1.00 40.58 ? 137 ARG A CD  1 
ATOM   248  N  NE  . ARG A 1 50  ? -10.566 11.294  -1.281  1.00 44.09 ? 137 ARG A NE  1 
ATOM   249  C  CZ  . ARG A 1 50  ? -10.817 12.343  -0.501  1.00 45.87 ? 137 ARG A CZ  1 
ATOM   250  N  NH1 . ARG A 1 50  ? -11.590 13.337  -0.921  1.00 46.92 ? 137 ARG A NH1 1 
ATOM   251  N  NH2 . ARG A 1 50  ? -10.298 12.387  0.720   1.00 46.38 ? 137 ARG A NH2 1 
ATOM   252  N  N   . PRO A 1 51  ? -11.507 8.509   -6.437  1.00 24.80 ? 138 PRO A N   1 
ATOM   253  C  CA  . PRO A 1 51  ? -12.364 7.318   -6.374  1.00 24.48 ? 138 PRO A CA  1 
ATOM   254  C  C   . PRO A 1 51  ? -11.568 6.023   -6.232  1.00 25.13 ? 138 PRO A C   1 
ATOM   255  O  O   . PRO A 1 51  ? -12.102 5.005   -5.786  1.00 23.42 ? 138 PRO A O   1 
ATOM   256  C  CB  . PRO A 1 51  ? -13.132 7.378   -7.691  1.00 25.58 ? 138 PRO A CB  1 
ATOM   257  C  CG  . PRO A 1 51  ? -13.241 8.869   -7.936  1.00 25.21 ? 138 PRO A CG  1 
ATOM   258  C  CD  . PRO A 1 51  ? -11.833 9.320   -7.626  1.00 23.77 ? 138 PRO A CD  1 
ATOM   259  N  N   . HIS A 1 52  ? -10.297 6.067   -6.623  1.00 22.65 ? 139 HIS A N   1 
ATOM   260  C  CA  . HIS A 1 52  ? -9.418  4.903   -6.532  1.00 22.25 ? 139 HIS A CA  1 
ATOM   261  C  C   . HIS A 1 52  ? -8.530  4.939   -5.278  1.00 22.86 ? 139 HIS A C   1 
ATOM   262  O  O   . HIS A 1 52  ? -7.635  4.107   -5.123  1.00 23.98 ? 139 HIS A O   1 
ATOM   263  C  CB  . HIS A 1 52  ? -8.526  4.804   -7.782  1.00 21.18 ? 139 HIS A CB  1 
ATOM   264  C  CG  . HIS A 1 52  ? -9.185  4.127   -8.945  1.00 21.69 ? 139 HIS A CG  1 
ATOM   265  N  ND1 . HIS A 1 52  ? -8.610  3.063   -9.612  1.00 21.54 ? 139 HIS A ND1 1 
ATOM   266  C  CD2 . HIS A 1 52  ? -10.381 4.342   -9.540  1.00 19.35 ? 139 HIS A CD2 1 
ATOM   267  C  CE1 . HIS A 1 52  ? -9.427  2.653   -10.565 1.00 20.03 ? 139 HIS A CE1 1 
ATOM   268  N  NE2 . HIS A 1 52  ? -10.507 3.410   -10.545 1.00 26.26 ? 139 HIS A NE2 1 
ATOM   269  N  N   . LEU A 1 53  ? -8.783  5.899   -4.390  1.00 22.48 ? 140 LEU A N   1 
ATOM   270  C  CA  . LEU A 1 53  ? -8.013  6.053   -3.152  1.00 24.73 ? 140 LEU A CA  1 
ATOM   271  C  C   . LEU A 1 53  ? -8.960  5.977   -1.962  1.00 27.92 ? 140 LEU A C   1 
ATOM   272  O  O   . LEU A 1 53  ? -9.768  6.881   -1.727  1.00 29.94 ? 140 LEU A O   1 
ATOM   273  C  CB  . LEU A 1 53  ? -7.282  7.402   -3.133  1.00 24.79 ? 140 LEU A CB  1 
ATOM   274  C  CG  . LEU A 1 53  ? -6.318  7.711   -4.278  1.00 25.20 ? 140 LEU A CG  1 
ATOM   275  C  CD1 . LEU A 1 53  ? -5.715  9.096   -4.071  1.00 27.71 ? 140 LEU A CD1 1 
ATOM   276  C  CD2 . LEU A 1 53  ? -5.216  6.658   -4.336  1.00 27.24 ? 140 LEU A CD2 1 
ATOM   277  N  N   . LYS A 1 54  ? -8.858  4.898   -1.203  1.00 26.10 ? 141 LYS A N   1 
ATOM   278  C  CA  . LYS A 1 54  ? -9.739  4.711   -0.069  1.00 27.08 ? 141 LYS A CA  1 
ATOM   279  C  C   . LYS A 1 54  ? -8.948  4.712   1.227   1.00 26.57 ? 141 LYS A C   1 
ATOM   280  O  O   . LYS A 1 54  ? -7.930  4.026   1.352   1.00 24.21 ? 141 LYS A O   1 
ATOM   281  C  CB  . LYS A 1 54  ? -10.522 3.403   -0.256  1.00 29.80 ? 141 LYS A CB  1 
ATOM   282  C  CG  . LYS A 1 54  ? -11.370 3.407   -1.540  1.00 36.54 ? 141 LYS A CG  1 
ATOM   283  C  CD  . LYS A 1 54  ? -11.829 2.015   -1.982  1.00 41.84 ? 141 LYS A CD  1 
ATOM   284  C  CE  . LYS A 1 54  ? -12.886 1.416   -1.057  1.00 45.42 ? 141 LYS A CE  1 
ATOM   285  N  NZ  . LYS A 1 54  ? -13.382 0.092   -1.558  1.00 47.41 ? 141 LYS A NZ  1 
ATOM   286  N  N   . ILE A 1 55  ? -9.423  5.498   2.185   1.00 25.09 ? 142 ILE A N   1 
ATOM   287  C  CA  . ILE A 1 55  ? -8.769  5.619   3.480   1.00 26.88 ? 142 ILE A CA  1 
ATOM   288  C  C   . ILE A 1 55  ? -9.748  5.356   4.603   1.00 29.73 ? 142 ILE A C   1 
ATOM   289  O  O   . ILE A 1 55  ? -10.815 5.968   4.662   1.00 28.96 ? 142 ILE A O   1 
ATOM   290  C  CB  . ILE A 1 55  ? -8.207  7.032   3.674   1.00 28.30 ? 142 ILE A CB  1 
ATOM   291  C  CG1 . ILE A 1 55  ? -7.137  7.301   2.621   1.00 26.51 ? 142 ILE A CG1 1 
ATOM   292  C  CG2 . ILE A 1 55  ? -7.657  7.183   5.097   1.00 27.86 ? 142 ILE A CG2 1 
ATOM   293  C  CD1 . ILE A 1 55  ? -6.777  8.761   2.481   1.00 28.88 ? 142 ILE A CD1 1 
ATOM   294  N  N   . ASP A 1 56  ? -9.388  4.452   5.502   1.00 29.82 ? 143 ASP A N   1 
ATOM   295  C  CA  . ASP A 1 56  ? -10.258 4.156   6.624   1.00 32.19 ? 143 ASP A CA  1 
ATOM   296  C  C   . ASP A 1 56  ? -9.471  3.626   7.821   1.00 33.49 ? 143 ASP A C   1 
ATOM   297  O  O   . ASP A 1 56  ? -8.282  3.313   7.713   1.00 31.33 ? 143 ASP A O   1 
ATOM   298  C  CB  . ASP A 1 56  ? -11.338 3.161   6.191   1.00 35.44 ? 143 ASP A CB  1 
ATOM   299  C  CG  . ASP A 1 56  ? -10.778 1.792   5.867   1.00 38.96 ? 143 ASP A CG  1 
ATOM   300  O  OD1 . ASP A 1 56  ? -9.619  1.711   5.421   1.00 40.31 ? 143 ASP A OD1 1 
ATOM   301  O  OD2 . ASP A 1 56  ? -11.505 0.797   6.060   1.00 40.88 ? 143 ASP A OD2 1 
ATOM   302  N  N   . LEU A 1 57  ? -10.130 3.557   8.970   1.00 36.04 ? 144 LEU A N   1 
ATOM   303  C  CA  . LEU A 1 57  ? -9.502  3.070   10.193  1.00 37.14 ? 144 LEU A CA  1 
ATOM   304  C  C   . LEU A 1 57  ? -9.884  1.619   10.387  1.00 37.58 ? 144 LEU A C   1 
ATOM   305  O  O   . LEU A 1 57  ? -11.061 1.284   10.329  1.00 38.66 ? 144 LEU A O   1 
ATOM   306  C  CB  . LEU A 1 57  ? -9.999  3.881   11.388  1.00 38.21 ? 144 LEU A CB  1 
ATOM   307  C  CG  . LEU A 1 57  ? -9.017  4.851   12.041  1.00 40.20 ? 144 LEU A CG  1 
ATOM   308  C  CD1 . LEU A 1 57  ? -8.243  5.589   10.975  1.00 42.02 ? 144 LEU A CD1 1 
ATOM   309  C  CD2 . LEU A 1 57  ? -9.777  5.822   12.934  1.00 42.59 ? 144 LEU A CD2 1 
ATOM   310  N  N   . VAL A 1 58  ? -8.904  0.752   10.597  1.00 35.70 ? 145 VAL A N   1 
ATOM   311  C  CA  . VAL A 1 58  ? -9.224  -0.646  10.819  1.00 35.68 ? 145 VAL A CA  1 
ATOM   312  C  C   . VAL A 1 58  ? -8.641  -1.016  12.173  1.00 36.52 ? 145 VAL A C   1 
ATOM   313  O  O   . VAL A 1 58  ? -7.942  -0.215  12.794  1.00 34.74 ? 145 VAL A O   1 
ATOM   314  C  CB  . VAL A 1 58  ? -8.617  -1.550  9.740   1.00 36.25 ? 145 VAL A CB  1 
ATOM   315  C  CG1 . VAL A 1 58  ? -9.291  -1.288  8.386   1.00 38.31 ? 145 VAL A CG1 1 
ATOM   316  C  CG2 . VAL A 1 58  ? -7.132  -1.305  9.669   1.00 34.50 ? 145 VAL A CG2 1 
ATOM   317  N  N   . GLN A 1 59  ? -8.924  -2.230  12.620  1.00 37.52 ? 146 GLN A N   1 
ATOM   318  C  CA  . GLN A 1 59  ? -8.448  -2.714  13.906  1.00 39.10 ? 146 GLN A CA  1 
ATOM   319  C  C   . GLN A 1 59  ? -6.948  -2.489  14.107  1.00 37.46 ? 146 GLN A C   1 
ATOM   320  O  O   . GLN A 1 59  ? -6.507  -2.035  15.168  1.00 37.46 ? 146 GLN A O   1 
ATOM   321  C  CB  . GLN A 1 59  ? -8.771  -4.203  14.010  1.00 42.90 ? 146 GLN A CB  1 
ATOM   322  C  CG  . GLN A 1 59  ? -10.182 -4.566  13.511  1.00 47.60 ? 146 GLN A CG  1 
ATOM   323  C  CD  . GLN A 1 59  ? -10.328 -4.510  11.986  1.00 49.92 ? 146 GLN A CD  1 
ATOM   324  O  OE1 . GLN A 1 59  ? -11.287 -3.936  11.464  1.00 50.86 ? 146 GLN A OE1 1 
ATOM   325  N  NE2 . GLN A 1 59  ? -9.384  -5.119  11.273  1.00 50.97 ? 146 GLN A NE2 1 
ATOM   326  N  N   . GLU A 1 60  ? -6.171  -2.790  13.071  1.00 34.97 ? 147 GLU A N   1 
ATOM   327  C  CA  . GLU A 1 60  ? -4.721  -2.672  13.136  1.00 33.83 ? 147 GLU A CA  1 
ATOM   328  C  C   . GLU A 1 60  ? -4.120  -1.295  12.848  1.00 31.41 ? 147 GLU A C   1 
ATOM   329  O  O   . GLU A 1 60  ? -2.904  -1.137  12.898  1.00 28.35 ? 147 GLU A O   1 
ATOM   330  C  CB  . GLU A 1 60  ? -4.098  -3.714  12.204  1.00 37.29 ? 147 GLU A CB  1 
ATOM   331  C  CG  . GLU A 1 60  ? -4.560  -5.138  12.507  1.00 41.28 ? 147 GLU A CG  1 
ATOM   332  C  CD  . GLU A 1 60  ? -5.834  -5.533  11.772  1.00 44.94 ? 147 GLU A CD  1 
ATOM   333  O  OE1 . GLU A 1 60  ? -6.728  -4.677  11.578  1.00 44.99 ? 147 GLU A OE1 1 
ATOM   334  O  OE2 . GLU A 1 60  ? -5.947  -6.722  11.397  1.00 47.22 ? 147 GLU A OE2 1 
ATOM   335  N  N   . GLY A 1 61  ? -4.952  -0.302  12.548  1.00 29.48 ? 148 GLY A N   1 
ATOM   336  C  CA  . GLY A 1 61  ? -4.413  1.022   12.279  1.00 27.59 ? 148 GLY A CA  1 
ATOM   337  C  C   . GLY A 1 61  ? -5.115  1.753   11.150  1.00 25.72 ? 148 GLY A C   1 
ATOM   338  O  O   . GLY A 1 61  ? -6.294  1.522   10.905  1.00 26.94 ? 148 GLY A O   1 
ATOM   339  N  N   . LEU A 1 62  ? -4.396  2.640   10.467  1.00 24.58 ? 149 LEU A N   1 
ATOM   340  C  CA  . LEU A 1 62  ? -4.971  3.405   9.358   1.00 24.97 ? 149 LEU A CA  1 
ATOM   341  C  C   . LEU A 1 62  ? -4.639  2.719   8.036   1.00 23.84 ? 149 LEU A C   1 
ATOM   342  O  O   . LEU A 1 62  ? -3.468  2.483   7.727   1.00 22.95 ? 149 LEU A O   1 
ATOM   343  C  CB  . LEU A 1 62  ? -4.422  4.840   9.358   1.00 25.19 ? 149 LEU A CB  1 
ATOM   344  C  CG  . LEU A 1 62  ? -4.920  5.785   8.256   1.00 27.34 ? 149 LEU A CG  1 
ATOM   345  C  CD1 . LEU A 1 62  ? -6.424  5.933   8.364   1.00 28.16 ? 149 LEU A CD1 1 
ATOM   346  C  CD2 . LEU A 1 62  ? -4.249  7.145   8.371   1.00 27.82 ? 149 LEU A CD2 1 
ATOM   347  N  N   . ARG A 1 63  ? -5.677  2.407   7.261   1.00 22.21 ? 150 ARG A N   1 
ATOM   348  C  CA  . ARG A 1 63  ? -5.514  1.730   5.979   1.00 22.44 ? 150 ARG A CA  1 
ATOM   349  C  C   . ARG A 1 63  ? -5.793  2.593   4.755   1.00 20.99 ? 150 ARG A C   1 
ATOM   350  O  O   . ARG A 1 63  ? -6.812  3.283   4.678   1.00 21.05 ? 150 ARG A O   1 
ATOM   351  C  CB  . ARG A 1 63  ? -6.414  0.492   5.909   1.00 22.28 ? 150 ARG A CB  1 
ATOM   352  C  CG  . ARG A 1 63  ? -6.342  -0.229  4.567   1.00 25.50 ? 150 ARG A CG  1 
ATOM   353  C  CD  . ARG A 1 63  ? -7.265  -1.440  4.525   1.00 26.31 ? 150 ARG A CD  1 
ATOM   354  N  NE  . ARG A 1 63  ? -8.666  -1.075  4.706   1.00 29.15 ? 150 ARG A NE  1 
ATOM   355  C  CZ  . ARG A 1 63  ? -9.669  -1.951  4.730   1.00 31.49 ? 150 ARG A CZ  1 
ATOM   356  N  NH1 . ARG A 1 63  ? -9.421  -3.245  4.586   1.00 33.62 ? 150 ARG A NH1 1 
ATOM   357  N  NH2 . ARG A 1 63  ? -10.918 -1.537  4.901   1.00 32.00 ? 150 ARG A NH2 1 
ATOM   358  N  N   . ILE A 1 64  ? -4.874  2.521   3.797   1.00 20.77 ? 151 ILE A N   1 
ATOM   359  C  CA  . ILE A 1 64  ? -4.975  3.245   2.543   1.00 21.29 ? 151 ILE A CA  1 
ATOM   360  C  C   . ILE A 1 64  ? -4.988  2.234   1.402   1.00 22.06 ? 151 ILE A C   1 
ATOM   361  O  O   . ILE A 1 64  ? -4.016  1.498   1.195   1.00 21.28 ? 151 ILE A O   1 
ATOM   362  C  CB  . ILE A 1 64  ? -3.775  4.190   2.341   1.00 22.33 ? 151 ILE A CB  1 
ATOM   363  C  CG1 . ILE A 1 64  ? -3.681  5.154   3.531   1.00 24.14 ? 151 ILE A CG1 1 
ATOM   364  C  CG2 . ILE A 1 64  ? -3.924  4.924   1.003   1.00 23.96 ? 151 ILE A CG2 1 
ATOM   365  C  CD1 . ILE A 1 64  ? -2.349  5.852   3.662   1.00 30.01 ? 151 ILE A CD1 1 
ATOM   366  N  N   . GLN A 1 65  ? -6.096  2.179   0.677   1.00 18.31 ? 152 GLN A N   1 
ATOM   367  C  CA  . GLN A 1 65  ? -6.207  1.259   -0.444  1.00 18.58 ? 152 GLN A CA  1 
ATOM   368  C  C   . GLN A 1 65  ? -6.157  1.996   -1.775  1.00 19.22 ? 152 GLN A C   1 
ATOM   369  O  O   . GLN A 1 65  ? -6.848  2.998   -1.971  1.00 19.09 ? 152 GLN A O   1 
ATOM   370  C  CB  . GLN A 1 65  ? -7.512  0.465   -0.362  1.00 19.09 ? 152 GLN A CB  1 
ATOM   371  C  CG  . GLN A 1 65  ? -7.571  -0.532  0.786   1.00 25.57 ? 152 GLN A CG  1 
ATOM   372  C  CD  . GLN A 1 65  ? -8.867  -1.319  0.797   1.00 26.19 ? 152 GLN A CD  1 
ATOM   373  O  OE1 . GLN A 1 65  ? -8.873  -2.525  0.576   1.00 34.09 ? 152 GLN A OE1 1 
ATOM   374  N  NE2 . GLN A 1 65  ? -9.971  -0.634  1.045   1.00 31.56 ? 152 GLN A NE2 1 
ATOM   375  N  N   . ILE A 1 66  ? -5.329  1.496   -2.682  1.00 18.09 ? 153 ILE A N   1 
ATOM   376  C  CA  . ILE A 1 66  ? -5.208  2.077   -4.013  1.00 18.90 ? 153 ILE A CA  1 
ATOM   377  C  C   . ILE A 1 66  ? -5.754  1.026   -4.979  1.00 18.93 ? 153 ILE A C   1 
ATOM   378  O  O   . ILE A 1 66  ? -5.168  -0.050  -5.159  1.00 17.47 ? 153 ILE A O   1 
ATOM   379  C  CB  . ILE A 1 66  ? -3.731  2.420   -4.360  1.00 18.94 ? 153 ILE A CB  1 
ATOM   380  C  CG1 . ILE A 1 66  ? -3.140  3.322   -3.268  1.00 18.51 ? 153 ILE A CG1 1 
ATOM   381  C  CG2 . ILE A 1 66  ? -3.661  3.165   -5.694  1.00 18.48 ? 153 ILE A CG2 1 
ATOM   382  C  CD1 . ILE A 1 66  ? -1.624  3.531   -3.379  1.00 18.00 ? 153 ILE A CD1 1 
ATOM   383  N  N   . ILE A 1 67  ? -6.901  1.335   -5.574  1.00 18.42 ? 154 ILE A N   1 
ATOM   384  C  CA  . ILE A 1 67  ? -7.553  0.418   -6.508  1.00 19.87 ? 154 ILE A CA  1 
ATOM   385  C  C   . ILE A 1 67  ? -6.880  0.358   -7.874  1.00 19.38 ? 154 ILE A C   1 
ATOM   386  O  O   . ILE A 1 67  ? -6.630  1.378   -8.510  1.00 20.04 ? 154 ILE A O   1 
ATOM   387  C  CB  . ILE A 1 67  ? -9.036  0.788   -6.692  1.00 20.17 ? 154 ILE A CB  1 
ATOM   388  C  CG1 . ILE A 1 67  ? -9.723  0.809   -5.325  1.00 22.28 ? 154 ILE A CG1 1 
ATOM   389  C  CG2 . ILE A 1 67  ? -9.717  -0.206  -7.633  1.00 21.99 ? 154 ILE A CG2 1 
ATOM   390  C  CD1 . ILE A 1 67  ? -9.485  -0.457  -4.512  1.00 24.84 ? 154 ILE A CD1 1 
ATOM   391  N  N   . ASP A 1 68  ? -6.608  -0.864  -8.319  1.00 20.32 ? 155 ASP A N   1 
ATOM   392  C  CA  . ASP A 1 68  ? -5.952  -1.119  -9.592  1.00 22.05 ? 155 ASP A CA  1 
ATOM   393  C  C   . ASP A 1 68  ? -6.936  -1.865  -10.502 1.00 23.60 ? 155 ASP A C   1 
ATOM   394  O  O   . ASP A 1 68  ? -7.121  -3.077  -10.378 1.00 22.62 ? 155 ASP A O   1 
ATOM   395  C  CB  . ASP A 1 68  ? -4.683  -1.936  -9.318  1.00 21.63 ? 155 ASP A CB  1 
ATOM   396  C  CG  . ASP A 1 68  ? -4.026  -2.466  -10.570 1.00 22.92 ? 155 ASP A CG  1 
ATOM   397  O  OD1 . ASP A 1 68  ? -4.213  -1.897  -11.669 1.00 22.35 ? 155 ASP A OD1 1 
ATOM   398  O  OD2 . ASP A 1 68  ? -3.290  -3.462  -10.441 1.00 21.10 ? 155 ASP A OD2 1 
ATOM   399  N  N   . SER A 1 69  ? -7.573  -1.131  -11.414 1.00 23.74 ? 156 SER A N   1 
ATOM   400  C  CA  . SER A 1 69  ? -8.569  -1.729  -12.306 1.00 25.51 ? 156 SER A CA  1 
ATOM   401  C  C   . SER A 1 69  ? -8.212  -1.700  -13.778 1.00 24.74 ? 156 SER A C   1 
ATOM   402  O  O   . SER A 1 69  ? -7.232  -1.075  -14.190 1.00 22.16 ? 156 SER A O   1 
ATOM   403  C  CB  . SER A 1 69  ? -9.915  -1.023  -12.146 1.00 26.22 ? 156 SER A CB  1 
ATOM   404  O  OG  . SER A 1 69  ? -9.830  0.307   -12.645 1.00 29.31 ? 156 SER A OG  1 
ATOM   405  N  N   . GLN A 1 70  ? -9.041  -2.377  -14.568 1.00 26.84 ? 157 GLN A N   1 
ATOM   406  C  CA  . GLN A 1 70  ? -8.862  -2.443  -16.015 1.00 29.05 ? 157 GLN A CA  1 
ATOM   407  C  C   . GLN A 1 70  ? -9.018  -1.069  -16.657 1.00 26.23 ? 157 GLN A C   1 
ATOM   408  O  O   . GLN A 1 70  ? -8.322  -0.748  -17.619 1.00 25.95 ? 157 GLN A O   1 
ATOM   409  C  CB  . GLN A 1 70  ? -9.886  -3.399  -16.637 1.00 33.46 ? 157 GLN A CB  1 
ATOM   410  C  CG  . GLN A 1 70  ? -9.576  -4.877  -16.486 1.00 40.14 ? 157 GLN A CG  1 
ATOM   411  C  CD  . GLN A 1 70  ? -8.295  -5.268  -17.191 1.00 43.99 ? 157 GLN A CD  1 
ATOM   412  O  OE1 . GLN A 1 70  ? -7.201  -5.100  -16.648 1.00 46.08 ? 157 GLN A OE1 1 
ATOM   413  N  NE2 . GLN A 1 70  ? -8.420  -5.775  -18.417 1.00 43.87 ? 157 GLN A NE2 1 
ATOM   414  N  N   . ASN A 1 71  ? -9.936  -0.260  -16.132 1.00 26.05 ? 158 ASN A N   1 
ATOM   415  C  CA  . ASN A 1 71  ? -10.154 1.076   -16.691 1.00 27.17 ? 158 ASN A CA  1 
ATOM   416  C  C   . ASN A 1 71  ? -9.023  2.034   -16.334 1.00 26.90 ? 158 ASN A C   1 
ATOM   417  O  O   . ASN A 1 71  ? -8.604  2.839   -17.169 1.00 29.75 ? 158 ASN A O   1 
ATOM   418  C  CB  . ASN A 1 71  ? -11.502 1.642   -16.245 1.00 26.19 ? 158 ASN A CB  1 
ATOM   419  C  CG  . ASN A 1 71  ? -12.671 0.947   -16.920 1.00 29.81 ? 158 ASN A CG  1 
ATOM   420  O  OD1 . ASN A 1 71  ? -12.527 0.387   -18.009 1.00 29.80 ? 158 ASN A OD1 1 
ATOM   421  N  ND2 . ASN A 1 71  ? -13.838 0.990   -16.285 1.00 29.12 ? 158 ASN A ND2 1 
ATOM   422  N  N   . ARG A 1 72  ? -8.542  1.950   -15.094 1.00 25.22 ? 159 ARG A N   1 
ATOM   423  C  CA  . ARG A 1 72  ? -7.416  2.759   -14.637 1.00 25.21 ? 159 ARG A CA  1 
ATOM   424  C  C   . ARG A 1 72  ? -6.435  1.875   -13.857 1.00 24.32 ? 159 ARG A C   1 
ATOM   425  O  O   . ARG A 1 72  ? -6.476  1.802   -12.625 1.00 23.80 ? 159 ARG A O   1 
ATOM   426  C  CB  . ARG A 1 72  ? -7.884  3.952   -13.782 1.00 23.85 ? 159 ARG A CB  1 
ATOM   427  C  CG  . ARG A 1 72  ? -8.389  5.118   -14.643 1.00 26.80 ? 159 ARG A CG  1 
ATOM   428  C  CD  . ARG A 1 72  ? -8.504  6.441   -13.880 1.00 27.46 ? 159 ARG A CD  1 
ATOM   429  N  NE  . ARG A 1 72  ? -9.676  6.511   -13.011 1.00 27.30 ? 159 ARG A NE  1 
ATOM   430  C  CZ  . ARG A 1 72  ? -10.040 7.604   -12.341 1.00 28.36 ? 159 ARG A CZ  1 
ATOM   431  N  NH1 . ARG A 1 72  ? -9.324  8.713   -12.444 1.00 27.32 ? 159 ARG A NH1 1 
ATOM   432  N  NH2 . ARG A 1 72  ? -11.116 7.590   -11.565 1.00 28.34 ? 159 ARG A NH2 1 
ATOM   433  N  N   . PRO A 1 73  ? -5.550  1.169   -14.582 1.00 24.09 ? 160 PRO A N   1 
ATOM   434  C  CA  . PRO A 1 73  ? -4.546  0.278   -13.991 1.00 24.29 ? 160 PRO A CA  1 
ATOM   435  C  C   . PRO A 1 73  ? -3.424  1.042   -13.305 1.00 24.34 ? 160 PRO A C   1 
ATOM   436  O  O   . PRO A 1 73  ? -3.029  2.121   -13.751 1.00 22.91 ? 160 PRO A O   1 
ATOM   437  C  CB  . PRO A 1 73  ? -4.050  -0.524  -15.190 1.00 24.97 ? 160 PRO A CB  1 
ATOM   438  C  CG  . PRO A 1 73  ? -4.150  0.456   -16.300 1.00 26.87 ? 160 PRO A CG  1 
ATOM   439  C  CD  . PRO A 1 73  ? -5.502  1.095   -16.055 1.00 25.20 ? 160 PRO A CD  1 
HETATM 440  N  N   . MSE A 1 74  ? -2.912  0.488   -12.212 1.00 24.04 ? 161 MSE A N   1 
HETATM 441  C  CA  . MSE A 1 74  ? -1.828  1.139   -11.492 1.00 23.08 ? 161 MSE A CA  1 
HETATM 442  C  C   . MSE A 1 74  ? -0.487  0.575   -11.952 1.00 22.74 ? 161 MSE A C   1 
HETATM 443  O  O   . MSE A 1 74  ? 0.564   1.127   -11.641 1.00 21.59 ? 161 MSE A O   1 
HETATM 444  C  CB  . MSE A 1 74  ? -2.001  0.950   -9.983  1.00 25.11 ? 161 MSE A CB  1 
HETATM 445  C  CG  . MSE A 1 74  ? -3.190  1.693   -9.390  1.00 26.61 ? 161 MSE A CG  1 
HETATM 446  SE SE  . MSE A 1 74  ? -3.118  3.641   -9.597  1.00 32.39 ? 161 MSE A SE  1 
HETATM 447  C  CE  . MSE A 1 74  ? -4.481  3.816   -10.998 1.00 31.63 ? 161 MSE A CE  1 
ATOM   448  N  N   . PHE A 1 75  ? -0.535  -0.518  -12.708 1.00 22.33 ? 162 PHE A N   1 
ATOM   449  C  CA  . PHE A 1 75  ? 0.670   -1.171  -13.219 1.00 22.65 ? 162 PHE A CA  1 
ATOM   450  C  C   . PHE A 1 75  ? 0.491   -1.557  -14.674 1.00 24.72 ? 162 PHE A C   1 
ATOM   451  O  O   . PHE A 1 75  ? -0.629  -1.709  -15.147 1.00 23.11 ? 162 PHE A O   1 
ATOM   452  C  CB  . PHE A 1 75  ? 0.960   -2.448  -12.426 1.00 21.66 ? 162 PHE A CB  1 
ATOM   453  C  CG  . PHE A 1 75  ? 1.207   -2.217  -10.970 1.00 20.17 ? 162 PHE A CG  1 
ATOM   454  C  CD1 . PHE A 1 75  ? 2.478   -1.884  -10.508 1.00 21.05 ? 162 PHE A CD1 1 
ATOM   455  C  CD2 . PHE A 1 75  ? 0.162   -2.310  -10.061 1.00 19.29 ? 162 PHE A CD2 1 
ATOM   456  C  CE1 . PHE A 1 75  ? 2.701   -1.651  -9.147  1.00 22.76 ? 162 PHE A CE1 1 
ATOM   457  C  CE2 . PHE A 1 75  ? 0.369   -2.080  -8.705  1.00 18.14 ? 162 PHE A CE2 1 
ATOM   458  C  CZ  . PHE A 1 75  ? 1.642   -1.745  -8.244  1.00 19.71 ? 162 PHE A CZ  1 
ATOM   459  N  N   . LYS A 1 76  ? 1.601   -1.714  -15.385 1.00 29.18 ? 163 LYS A N   1 
ATOM   460  C  CA  . LYS A 1 76  ? 1.533   -2.126  -16.776 1.00 31.88 ? 163 LYS A CA  1 
ATOM   461  C  C   . LYS A 1 76  ? 1.093   -3.575  -16.800 1.00 33.00 ? 163 LYS A C   1 
ATOM   462  O  O   . LYS A 1 76  ? 1.351   -4.327  -15.858 1.00 33.12 ? 163 LYS A O   1 
ATOM   463  C  CB  . LYS A 1 76  ? 2.893   -1.942  -17.449 1.00 34.94 ? 163 LYS A CB  1 
ATOM   464  C  CG  . LYS A 1 76  ? 3.172   -0.475  -17.703 1.00 36.89 ? 163 LYS A CG  1 
ATOM   465  C  CD  . LYS A 1 76  ? 4.607   -0.145  -18.037 1.00 39.89 ? 163 LYS A CD  1 
ATOM   466  C  CE  . LYS A 1 76  ? 4.728   1.368   -18.189 1.00 41.28 ? 163 LYS A CE  1 
ATOM   467  N  NZ  . LYS A 1 76  ? 6.114   1.859   -18.431 1.00 43.05 ? 163 LYS A NZ  1 
ATOM   468  N  N   . THR A 1 77  ? 0.415   -3.963  -17.874 1.00 34.53 ? 164 THR A N   1 
ATOM   469  C  CA  . THR A 1 77  ? -0.101  -5.321  -17.996 1.00 36.49 ? 164 THR A CA  1 
ATOM   470  C  C   . THR A 1 77  ? 0.914   -6.421  -17.707 1.00 35.29 ? 164 THR A C   1 
ATOM   471  O  O   . THR A 1 77  ? 2.003   -6.463  -18.283 1.00 35.96 ? 164 THR A O   1 
ATOM   472  C  CB  . THR A 1 77  ? -0.724  -5.564  -19.385 1.00 38.06 ? 164 THR A CB  1 
ATOM   473  O  OG1 . THR A 1 77  ? -1.717  -4.565  -19.644 1.00 39.31 ? 164 THR A OG1 1 
ATOM   474  C  CG2 . THR A 1 77  ? -1.390  -6.935  -19.430 1.00 36.79 ? 164 THR A CG2 1 
ATOM   475  N  N   . GLY A 1 78  ? 0.530   -7.305  -16.792 1.00 35.25 ? 165 GLY A N   1 
ATOM   476  C  CA  . GLY A 1 78  ? 1.375   -8.419  -16.398 1.00 35.03 ? 165 GLY A CA  1 
ATOM   477  C  C   . GLY A 1 78  ? 2.725   -7.999  -15.859 1.00 35.08 ? 165 GLY A C   1 
ATOM   478  O  O   . GLY A 1 78  ? 3.649   -8.806  -15.803 1.00 36.62 ? 165 GLY A O   1 
ATOM   479  N  N   . SER A 1 79  ? 2.841   -6.743  -15.440 1.00 33.25 ? 166 SER A N   1 
ATOM   480  C  CA  . SER A 1 79  ? 4.106   -6.234  -14.933 1.00 31.67 ? 166 SER A CA  1 
ATOM   481  C  C   . SER A 1 79  ? 4.008   -5.549  -13.572 1.00 29.98 ? 166 SER A C   1 
ATOM   482  O  O   . SER A 1 79  ? 2.940   -5.103  -13.163 1.00 27.11 ? 166 SER A O   1 
ATOM   483  C  CB  . SER A 1 79  ? 4.694   -5.254  -15.949 1.00 32.77 ? 166 SER A CB  1 
ATOM   484  O  OG  . SER A 1 79  ? 5.839   -4.605  -15.431 1.00 36.36 ? 166 SER A OG  1 
ATOM   485  N  N   . ALA A 1 80  ? 5.138   -5.467  -12.877 1.00 28.35 ? 167 ALA A N   1 
ATOM   486  C  CA  . ALA A 1 80  ? 5.186   -4.806  -11.577 1.00 28.55 ? 167 ALA A CA  1 
ATOM   487  C  C   . ALA A 1 80  ? 5.670   -3.377  -11.800 1.00 28.50 ? 167 ALA A C   1 
ATOM   488  O  O   . ALA A 1 80  ? 5.957   -2.651  -10.854 1.00 28.48 ? 167 ALA A O   1 
ATOM   489  C  CB  . ALA A 1 80  ? 6.138   -5.547  -10.639 1.00 27.58 ? 167 ALA A CB  1 
ATOM   490  N  N   . GLU A 1 81  ? 5.766   -2.982  -13.064 1.00 28.43 ? 168 GLU A N   1 
ATOM   491  C  CA  . GLU A 1 81  ? 6.213   -1.636  -13.410 1.00 31.21 ? 168 GLU A CA  1 
ATOM   492  C  C   . GLU A 1 81  ? 5.044   -0.681  -13.163 1.00 30.13 ? 168 GLU A C   1 
ATOM   493  O  O   . GLU A 1 81  ? 3.966   -0.861  -13.733 1.00 31.18 ? 168 GLU A O   1 
ATOM   494  C  CB  . GLU A 1 81  ? 6.621   -1.588  -14.889 1.00 34.13 ? 168 GLU A CB  1 
ATOM   495  C  CG  . GLU A 1 81  ? 7.654   -0.529  -15.228 1.00 39.60 ? 168 GLU A CG  1 
ATOM   496  C  CD  . GLU A 1 81  ? 7.941   -0.437  -16.725 1.00 44.66 ? 168 GLU A CD  1 
ATOM   497  O  OE1 . GLU A 1 81  ? 8.038   -1.495  -17.390 1.00 46.98 ? 168 GLU A OE1 1 
ATOM   498  O  OE2 . GLU A 1 81  ? 8.083   0.698   -17.230 1.00 46.97 ? 168 GLU A OE2 1 
ATOM   499  N  N   . VAL A 1 82  ? 5.248   0.326   -12.320 1.00 29.12 ? 169 VAL A N   1 
ATOM   500  C  CA  . VAL A 1 82  ? 4.183   1.275   -12.024 1.00 29.24 ? 169 VAL A CA  1 
ATOM   501  C  C   . VAL A 1 82  ? 3.815   2.170   -13.194 1.00 30.76 ? 169 VAL A C   1 
ATOM   502  O  O   . VAL A 1 82  ? 4.637   2.471   -14.061 1.00 30.03 ? 169 VAL A O   1 
ATOM   503  C  CB  . VAL A 1 82  ? 4.539   2.202   -10.825 1.00 30.00 ? 169 VAL A CB  1 
ATOM   504  C  CG1 . VAL A 1 82  ? 4.861   1.361   -9.598  1.00 29.26 ? 169 VAL A CG1 1 
ATOM   505  C  CG2 . VAL A 1 82  ? 5.703   3.126   -11.194 1.00 29.42 ? 169 VAL A CG2 1 
ATOM   506  N  N   . GLU A 1 83  ? 2.557   2.585   -13.217 1.00 30.19 ? 170 GLU A N   1 
ATOM   507  C  CA  . GLU A 1 83  ? 2.075   3.484   -14.251 1.00 30.08 ? 170 GLU A CA  1 
ATOM   508  C  C   . GLU A 1 83  ? 2.310   4.901   -13.699 1.00 29.75 ? 170 GLU A C   1 
ATOM   509  O  O   . GLU A 1 83  ? 2.519   5.074   -12.489 1.00 25.92 ? 170 GLU A O   1 
ATOM   510  C  CB  . GLU A 1 83  ? 0.584   3.215   -14.511 1.00 30.14 ? 170 GLU A CB  1 
ATOM   511  C  CG  . GLU A 1 83  ? 0.300   1.849   -15.173 1.00 34.14 ? 170 GLU A CG  1 
ATOM   512  C  CD  . GLU A 1 83  ? 0.322   1.913   -16.704 1.00 37.74 ? 170 GLU A CD  1 
ATOM   513  O  OE1 . GLU A 1 83  ? 1.103   2.716   -17.264 1.00 37.72 ? 170 GLU A OE1 1 
ATOM   514  O  OE2 . GLU A 1 83  ? -0.429  1.154   -17.368 1.00 40.11 ? 170 GLU A OE2 1 
ATOM   515  N  N   . PRO A 1 84  ? 2.303   5.922   -14.573 1.00 30.20 ? 171 PRO A N   1 
ATOM   516  C  CA  . PRO A 1 84  ? 2.518   7.320   -14.180 1.00 31.77 ? 171 PRO A CA  1 
ATOM   517  C  C   . PRO A 1 84  ? 1.737   7.753   -12.940 1.00 32.14 ? 171 PRO A C   1 
ATOM   518  O  O   . PRO A 1 84  ? 2.309   8.241   -11.964 1.00 32.86 ? 171 PRO A O   1 
ATOM   519  C  CB  . PRO A 1 84  ? 2.104   8.090   -15.433 1.00 32.39 ? 171 PRO A CB  1 
ATOM   520  C  CG  . PRO A 1 84  ? 2.559   7.167   -16.525 1.00 33.32 ? 171 PRO A CG  1 
ATOM   521  C  CD  . PRO A 1 84  ? 2.078   5.817   -16.026 1.00 31.49 ? 171 PRO A CD  1 
ATOM   522  N  N   . TYR A 1 85  ? 0.426   7.559   -12.985 1.00 32.64 ? 172 TYR A N   1 
ATOM   523  C  CA  . TYR A 1 85  ? -0.443  7.940   -11.884 1.00 33.44 ? 172 TYR A CA  1 
ATOM   524  C  C   . TYR A 1 85  ? -0.157  7.199   -10.578 1.00 30.30 ? 172 TYR A C   1 
ATOM   525  O  O   . TYR A 1 85  ? -0.373  7.742   -9.500  1.00 27.56 ? 172 TYR A O   1 
ATOM   526  C  CB  . TYR A 1 85  ? -1.920  7.791   -12.295 1.00 37.70 ? 172 TYR A CB  1 
ATOM   527  C  CG  . TYR A 1 85  ? -2.202  6.770   -13.389 1.00 42.31 ? 172 TYR A CG  1 
ATOM   528  C  CD1 . TYR A 1 85  ? -1.410  6.703   -14.542 1.00 43.40 ? 172 TYR A CD1 1 
ATOM   529  C  CD2 . TYR A 1 85  ? -3.274  5.886   -13.281 1.00 43.16 ? 172 TYR A CD2 1 
ATOM   530  C  CE1 . TYR A 1 85  ? -1.675  5.783   -15.547 1.00 42.98 ? 172 TYR A CE1 1 
ATOM   531  C  CE2 . TYR A 1 85  ? -3.553  4.962   -14.288 1.00 43.52 ? 172 TYR A CE2 1 
ATOM   532  C  CZ  . TYR A 1 85  ? -2.749  4.913   -15.413 1.00 43.52 ? 172 TYR A CZ  1 
ATOM   533  O  OH  . TYR A 1 85  ? -3.005  3.984   -16.394 1.00 44.32 ? 172 TYR A OH  1 
HETATM 534  N  N   . MSE A 1 86  ? 0.339   5.970   -10.665 1.00 27.21 ? 173 MSE A N   1 
HETATM 535  C  CA  . MSE A 1 86  ? 0.662   5.237   -9.456  1.00 24.89 ? 173 MSE A CA  1 
HETATM 536  C  C   . MSE A 1 86  ? 1.904   5.889   -8.865  1.00 24.78 ? 173 MSE A C   1 
HETATM 537  O  O   . MSE A 1 86  ? 2.015   6.063   -7.654  1.00 24.07 ? 173 MSE A O   1 
HETATM 538  C  CB  . MSE A 1 86  ? 0.939   3.767   -9.755  1.00 24.59 ? 173 MSE A CB  1 
HETATM 539  C  CG  . MSE A 1 86  ? 1.261   2.969   -8.497  1.00 22.31 ? 173 MSE A CG  1 
HETATM 540  SE SE  . MSE A 1 86  ? -0.132  3.074   -7.142  1.00 31.63 ? 173 MSE A SE  1 
HETATM 541  C  CE  . MSE A 1 86  ? -0.033  1.268   -6.431  1.00 22.77 ? 173 MSE A CE  1 
ATOM   542  N  N   . ARG A 1 87  ? 2.844   6.251   -9.731  1.00 26.92 ? 174 ARG A N   1 
ATOM   543  C  CA  . ARG A 1 87  ? 4.051   6.919   -9.272  1.00 29.16 ? 174 ARG A CA  1 
ATOM   544  C  C   . ARG A 1 87  ? 3.668   8.235   -8.580  1.00 28.24 ? 174 ARG A C   1 
ATOM   545  O  O   . ARG A 1 87  ? 4.176   8.541   -7.499  1.00 27.93 ? 174 ARG A O   1 
ATOM   546  C  CB  . ARG A 1 87  ? 4.993   7.188   -10.451 1.00 31.44 ? 174 ARG A CB  1 
ATOM   547  C  CG  . ARG A 1 87  ? 6.152   8.120   -10.120 1.00 36.07 ? 174 ARG A CG  1 
ATOM   548  C  CD  . ARG A 1 87  ? 7.250   8.033   -11.167 1.00 40.58 ? 174 ARG A CD  1 
ATOM   549  N  NE  . ARG A 1 87  ? 7.926   6.738   -11.134 1.00 43.10 ? 174 ARG A NE  1 
ATOM   550  C  CZ  . ARG A 1 87  ? 7.964   5.884   -12.152 1.00 45.52 ? 174 ARG A CZ  1 
ATOM   551  N  NH1 . ARG A 1 87  ? 7.362   6.182   -13.297 1.00 45.19 ? 174 ARG A NH1 1 
ATOM   552  N  NH2 . ARG A 1 87  ? 8.611   4.730   -12.025 1.00 45.62 ? 174 ARG A NH2 1 
ATOM   553  N  N   . ASP A 1 88  ? 2.761   8.996   -9.192  1.00 28.79 ? 175 ASP A N   1 
ATOM   554  C  CA  . ASP A 1 88  ? 2.317   10.271  -8.621  1.00 27.49 ? 175 ASP A CA  1 
ATOM   555  C  C   . ASP A 1 88  ? 1.680   10.083  -7.244  1.00 25.61 ? 175 ASP A C   1 
ATOM   556  O  O   . ASP A 1 88  ? 1.958   10.839  -6.319  1.00 23.62 ? 175 ASP A O   1 
ATOM   557  C  CB  . ASP A 1 88  ? 1.298   10.971  -9.531  1.00 30.87 ? 175 ASP A CB  1 
ATOM   558  C  CG  . ASP A 1 88  ? 1.867   11.332  -10.884 1.00 30.36 ? 175 ASP A CG  1 
ATOM   559  O  OD1 . ASP A 1 88  ? 3.066   11.665  -10.965 1.00 35.34 ? 175 ASP A OD1 1 
ATOM   560  O  OD2 . ASP A 1 88  ? 1.099   11.293  -11.867 1.00 36.43 ? 175 ASP A OD2 1 
ATOM   561  N  N   . ILE A 1 89  ? 0.807   9.088   -7.119  1.00 20.66 ? 176 ILE A N   1 
ATOM   562  C  CA  . ILE A 1 89  ? 0.159   8.818   -5.840  1.00 19.35 ? 176 ILE A CA  1 
ATOM   563  C  C   . ILE A 1 89  ? 1.174   8.455   -4.751  1.00 19.69 ? 176 ILE A C   1 
ATOM   564  O  O   . ILE A 1 89  ? 1.222   9.089   -3.699  1.00 18.24 ? 176 ILE A O   1 
ATOM   565  C  CB  . ILE A 1 89  ? -0.847  7.644   -5.966  1.00 19.58 ? 176 ILE A CB  1 
ATOM   566  C  CG1 . ILE A 1 89  ? -2.051  8.082   -6.800  1.00 17.75 ? 176 ILE A CG1 1 
ATOM   567  C  CG2 . ILE A 1 89  ? -1.283  7.174   -4.587  1.00 19.54 ? 176 ILE A CG2 1 
ATOM   568  C  CD1 . ILE A 1 89  ? -2.948  6.939   -7.202  1.00 22.40 ? 176 ILE A CD1 1 
ATOM   569  N  N   . LEU A 1 90  ? 1.977   7.423   -4.998  1.00 20.00 ? 177 LEU A N   1 
ATOM   570  C  CA  . LEU A 1 90  ? 2.964   6.972   -4.010  1.00 21.21 ? 177 LEU A CA  1 
ATOM   571  C  C   . LEU A 1 90  ? 3.991   8.024   -3.585  1.00 21.70 ? 177 LEU A C   1 
ATOM   572  O  O   . LEU A 1 90  ? 4.272   8.180   -2.391  1.00 21.15 ? 177 LEU A O   1 
ATOM   573  C  CB  . LEU A 1 90  ? 3.682   5.724   -4.528  1.00 19.84 ? 177 LEU A CB  1 
ATOM   574  C  CG  . LEU A 1 90  ? 2.755   4.521   -4.722  1.00 22.15 ? 177 LEU A CG  1 
ATOM   575  C  CD1 . LEU A 1 90  ? 3.507   3.412   -5.426  1.00 19.41 ? 177 LEU A CD1 1 
ATOM   576  C  CD2 . LEU A 1 90  ? 2.202   4.053   -3.360  1.00 18.84 ? 177 LEU A CD2 1 
ATOM   577  N  N   . ARG A 1 91  ? 4.548   8.752   -4.548  1.00 22.43 ? 178 ARG A N   1 
ATOM   578  C  CA  . ARG A 1 91  ? 5.536   9.776   -4.219  1.00 25.29 ? 178 ARG A CA  1 
ATOM   579  C  C   . ARG A 1 91  ? 4.902   10.939  -3.472  1.00 25.42 ? 178 ARG A C   1 
ATOM   580  O  O   . ARG A 1 91  ? 5.554   11.595  -2.663  1.00 23.70 ? 178 ARG A O   1 
ATOM   581  C  CB  . ARG A 1 91  ? 6.217   10.291  -5.489  1.00 27.32 ? 178 ARG A CB  1 
ATOM   582  C  CG  . ARG A 1 91  ? 6.865   9.189   -6.297  1.00 30.20 ? 178 ARG A CG  1 
ATOM   583  C  CD  . ARG A 1 91  ? 8.325   9.453   -6.546  1.00 34.30 ? 178 ARG A CD  1 
ATOM   584  N  NE  . ARG A 1 91  ? 8.930   8.388   -7.339  1.00 36.45 ? 178 ARG A NE  1 
ATOM   585  C  CZ  . ARG A 1 91  ? 10.133  8.473   -7.893  1.00 38.24 ? 178 ARG A CZ  1 
ATOM   586  N  NH1 . ARG A 1 91  ? 10.850  9.576   -7.731  1.00 38.95 ? 178 ARG A NH1 1 
ATOM   587  N  NH2 . ARG A 1 91  ? 10.612  7.467   -8.615  1.00 36.47 ? 178 ARG A NH2 1 
ATOM   588  N  N   . ALA A 1 92  ? 3.623   11.189  -3.733  1.00 25.12 ? 179 ALA A N   1 
ATOM   589  C  CA  . ALA A 1 92  ? 2.930   12.290  -3.075  1.00 24.57 ? 179 ALA A CA  1 
ATOM   590  C  C   . ALA A 1 92  ? 2.640   11.977  -1.614  1.00 24.35 ? 179 ALA A C   1 
ATOM   591  O  O   . ALA A 1 92  ? 2.792   12.838  -0.751  1.00 26.10 ? 179 ALA A O   1 
ATOM   592  C  CB  . ALA A 1 92  ? 1.620   12.621  -3.826  1.00 25.25 ? 179 ALA A CB  1 
ATOM   593  N  N   . ILE A 1 93  ? 2.229   10.745  -1.327  1.00 24.03 ? 180 ILE A N   1 
ATOM   594  C  CA  . ILE A 1 93  ? 1.918   10.379  0.049   1.00 21.84 ? 180 ILE A CA  1 
ATOM   595  C  C   . ILE A 1 93  ? 3.137   10.005  0.895   1.00 20.91 ? 180 ILE A C   1 
ATOM   596  O  O   . ILE A 1 93  ? 3.093   10.082  2.119   1.00 20.90 ? 180 ILE A O   1 
ATOM   597  C  CB  . ILE A 1 93  ? 0.897   9.202   0.118   1.00 22.59 ? 180 ILE A CB  1 
ATOM   598  C  CG1 . ILE A 1 93  ? 1.524   7.919   -0.421  1.00 20.94 ? 180 ILE A CG1 1 
ATOM   599  C  CG2 . ILE A 1 93  ? -0.378  9.562   -0.670  1.00 19.51 ? 180 ILE A CG2 1 
ATOM   600  C  CD1 . ILE A 1 93  ? 0.645   6.674   -0.232  1.00 22.91 ? 180 ILE A CD1 1 
ATOM   601  N  N   . ALA A 1 94  ? 4.228   9.614   0.250   1.00 21.96 ? 181 ALA A N   1 
ATOM   602  C  CA  . ALA A 1 94  ? 5.428   9.207   0.980   1.00 21.94 ? 181 ALA A CA  1 
ATOM   603  C  C   . ALA A 1 94  ? 5.870   10.179  2.092   1.00 24.13 ? 181 ALA A C   1 
ATOM   604  O  O   . ALA A 1 94  ? 6.032   9.774   3.248   1.00 22.80 ? 181 ALA A O   1 
ATOM   605  C  CB  . ALA A 1 94  ? 6.570   8.967   -0.010  1.00 22.41 ? 181 ALA A CB  1 
ATOM   606  N  N   . PRO A 1 95  ? 6.065   11.474  1.762   1.00 25.38 ? 182 PRO A N   1 
ATOM   607  C  CA  . PRO A 1 95  ? 6.489   12.472  2.755   1.00 26.53 ? 182 PRO A CA  1 
ATOM   608  C  C   . PRO A 1 95  ? 5.531   12.570  3.945   1.00 27.16 ? 182 PRO A C   1 
ATOM   609  O  O   . PRO A 1 95  ? 5.954   12.720  5.095   1.00 27.03 ? 182 PRO A O   1 
ATOM   610  C  CB  . PRO A 1 95  ? 6.515   13.772  1.952   1.00 28.65 ? 182 PRO A CB  1 
ATOM   611  C  CG  . PRO A 1 95  ? 6.775   13.313  0.547   1.00 27.96 ? 182 PRO A CG  1 
ATOM   612  C  CD  . PRO A 1 95  ? 5.890   12.100  0.440   1.00 25.40 ? 182 PRO A CD  1 
ATOM   613  N  N   . VAL A 1 96  ? 4.237   12.489  3.654   1.00 24.76 ? 183 VAL A N   1 
ATOM   614  C  CA  . VAL A 1 96  ? 3.210   12.581  4.684   1.00 24.08 ? 183 VAL A CA  1 
ATOM   615  C  C   . VAL A 1 96  ? 3.260   11.397  5.640   1.00 23.43 ? 183 VAL A C   1 
ATOM   616  O  O   . VAL A 1 96  ? 3.171   11.575  6.853   1.00 23.37 ? 183 VAL A O   1 
ATOM   617  C  CB  . VAL A 1 96  ? 1.810   12.688  4.044   1.00 24.46 ? 183 VAL A CB  1 
ATOM   618  C  CG1 . VAL A 1 96  ? 0.747   12.850  5.116   1.00 26.13 ? 183 VAL A CG1 1 
ATOM   619  C  CG2 . VAL A 1 96  ? 1.786   13.876  3.099   1.00 23.66 ? 183 VAL A CG2 1 
ATOM   620  N  N   . LEU A 1 97  ? 3.421   10.192  5.099   1.00 24.14 ? 184 LEU A N   1 
ATOM   621  C  CA  . LEU A 1 97  ? 3.501   8.987   5.924   1.00 25.72 ? 184 LEU A CA  1 
ATOM   622  C  C   . LEU A 1 97  ? 4.722   9.074   6.829   1.00 27.76 ? 184 LEU A C   1 
ATOM   623  O  O   . LEU A 1 97  ? 4.750   8.501   7.915   1.00 28.57 ? 184 LEU A O   1 
ATOM   624  C  CB  . LEU A 1 97  ? 3.616   7.738   5.039   1.00 22.41 ? 184 LEU A CB  1 
ATOM   625  C  CG  . LEU A 1 97  ? 2.390   7.433   4.173   1.00 24.81 ? 184 LEU A CG  1 
ATOM   626  C  CD1 . LEU A 1 97  ? 2.717   6.342   3.162   1.00 24.63 ? 184 LEU A CD1 1 
ATOM   627  C  CD2 . LEU A 1 97  ? 1.232   7.024   5.080   1.00 24.34 ? 184 LEU A CD2 1 
ATOM   628  N  N   . ASN A 1 98  ? 5.732   9.798   6.366   1.00 30.55 ? 185 ASN A N   1 
ATOM   629  C  CA  . ASN A 1 98  ? 6.966   9.967   7.121   1.00 35.21 ? 185 ASN A CA  1 
ATOM   630  C  C   . ASN A 1 98  ? 6.811   10.837  8.360   1.00 37.09 ? 185 ASN A C   1 
ATOM   631  O  O   . ASN A 1 98  ? 7.686   10.860  9.222   1.00 38.85 ? 185 ASN A O   1 
ATOM   632  C  CB  . ASN A 1 98  ? 8.033   10.568  6.220   1.00 35.50 ? 185 ASN A CB  1 
ATOM   633  C  CG  . ASN A 1 98  ? 9.172   9.621   5.980   1.00 38.39 ? 185 ASN A CG  1 
ATOM   634  O  OD1 . ASN A 1 98  ? 10.034  9.873   5.139   1.00 41.47 ? 185 ASN A OD1 1 
ATOM   635  N  ND2 . ASN A 1 98  ? 9.193   8.519   6.727   1.00 37.23 ? 185 ASN A ND2 1 
ATOM   636  N  N   . GLY A 1 99  ? 5.689   11.546  8.435   1.00 38.91 ? 186 GLY A N   1 
ATOM   637  C  CA  . GLY A 1 99  ? 5.419   12.433  9.553   1.00 40.05 ? 186 GLY A CA  1 
ATOM   638  C  C   . GLY A 1 99  ? 5.328   11.749  10.898  1.00 41.07 ? 186 GLY A C   1 
ATOM   639  O  O   . GLY A 1 99  ? 5.692   12.332  11.918  1.00 42.13 ? 186 GLY A O   1 
ATOM   640  N  N   . ILE A 1 100 ? 4.831   10.517  10.912  1.00 40.32 ? 187 ILE A N   1 
ATOM   641  C  CA  . ILE A 1 100 ? 4.711   9.778   12.160  1.00 39.58 ? 187 ILE A CA  1 
ATOM   642  C  C   . ILE A 1 100 ? 5.714   8.625   12.182  1.00 38.15 ? 187 ILE A C   1 
ATOM   643  O  O   . ILE A 1 100 ? 6.258   8.248   11.148  1.00 36.11 ? 187 ILE A O   1 
ATOM   644  C  CB  . ILE A 1 100 ? 3.280   9.226   12.350  1.00 42.31 ? 187 ILE A CB  1 
ATOM   645  C  CG1 . ILE A 1 100 ? 2.954   8.208   11.260  1.00 43.08 ? 187 ILE A CG1 1 
ATOM   646  C  CG2 . ILE A 1 100 ? 2.271   10.366  12.289  1.00 43.30 ? 187 ILE A CG2 1 
ATOM   647  C  CD1 . ILE A 1 100 ? 1.645   7.483   11.497  1.00 45.11 ? 187 ILE A CD1 1 
ATOM   648  N  N   . PRO A 1 101 ? 5.982   8.062   13.369  1.00 36.39 ? 188 PRO A N   1 
ATOM   649  C  CA  . PRO A 1 101 ? 6.935   6.954   13.465  1.00 34.98 ? 188 PRO A CA  1 
ATOM   650  C  C   . PRO A 1 101 ? 6.360   5.563   13.173  1.00 33.25 ? 188 PRO A C   1 
ATOM   651  O  O   . PRO A 1 101 ? 7.115   4.603   12.999  1.00 32.51 ? 188 PRO A O   1 
ATOM   652  C  CB  . PRO A 1 101 ? 7.457   7.083   14.895  1.00 36.64 ? 188 PRO A CB  1 
ATOM   653  C  CG  . PRO A 1 101 ? 6.238   7.558   15.639  1.00 37.63 ? 188 PRO A CG  1 
ATOM   654  C  CD  . PRO A 1 101 ? 5.662   8.607   14.704  1.00 36.69 ? 188 PRO A CD  1 
ATOM   655  N  N   . ASN A 1 102 ? 5.035   5.450   13.113  1.00 31.07 ? 189 ASN A N   1 
ATOM   656  C  CA  . ASN A 1 102 ? 4.404   4.159   12.854  1.00 28.95 ? 189 ASN A CA  1 
ATOM   657  C  C   . ASN A 1 102 ? 4.938   3.488   11.607  1.00 28.68 ? 189 ASN A C   1 
ATOM   658  O  O   . ASN A 1 102 ? 5.217   4.129   10.595  1.00 26.37 ? 189 ASN A O   1 
ATOM   659  C  CB  . ASN A 1 102 ? 2.891   4.305   12.713  1.00 28.17 ? 189 ASN A CB  1 
ATOM   660  C  CG  . ASN A 1 102 ? 2.262   4.913   13.929  1.00 27.76 ? 189 ASN A CG  1 
ATOM   661  O  OD1 . ASN A 1 102 ? 2.575   6.046   14.286  1.00 28.77 ? 189 ASN A OD1 1 
ATOM   662  N  ND2 . ASN A 1 102 ? 1.377   4.165   14.585  1.00 27.60 ? 189 ASN A ND2 1 
ATOM   663  N  N   . ARG A 1 103 ? 5.065   2.175   11.672  1.00 28.10 ? 190 ARG A N   1 
ATOM   664  C  CA  . ARG A 1 103 ? 5.567   1.464   10.523  1.00 28.34 ? 190 ARG A CA  1 
ATOM   665  C  C   . ARG A 1 103 ? 4.423   0.950   9.670   1.00 26.37 ? 190 ARG A C   1 
ATOM   666  O  O   . ARG A 1 103 ? 3.256   1.043   10.056  1.00 25.79 ? 190 ARG A O   1 
ATOM   667  C  CB  . ARG A 1 103 ? 6.507   0.368   10.986  1.00 30.62 ? 190 ARG A CB  1 
ATOM   668  C  CG  . ARG A 1 103 ? 7.632   0.963   11.829  1.00 34.19 ? 190 ARG A CG  1 
ATOM   669  C  CD  . ARG A 1 103 ? 8.645   -0.069  12.264  1.00 36.31 ? 190 ARG A CD  1 
ATOM   670  N  NE  . ARG A 1 103 ? 9.380   -0.651  11.140  1.00 40.26 ? 190 ARG A NE  1 
ATOM   671  C  CZ  . ARG A 1 103 ? 10.268  -1.633  11.268  1.00 41.64 ? 190 ARG A CZ  1 
ATOM   672  N  NH1 . ARG A 1 103 ? 10.516  -2.136  12.475  1.00 39.99 ? 190 ARG A NH1 1 
ATOM   673  N  NH2 . ARG A 1 103 ? 10.916  -2.096  10.206  1.00 39.79 ? 190 ARG A NH2 1 
ATOM   674  N  N   . ILE A 1 104 ? 4.768   0.401   8.515   1.00 24.59 ? 191 ILE A N   1 
ATOM   675  C  CA  . ILE A 1 104 ? 3.763   -0.015  7.559   1.00 23.54 ? 191 ILE A CA  1 
ATOM   676  C  C   . ILE A 1 104 ? 3.855   -1.414  6.986   1.00 22.63 ? 191 ILE A C   1 
ATOM   677  O  O   . ILE A 1 104 ? 4.943   -1.936  6.738   1.00 24.11 ? 191 ILE A O   1 
ATOM   678  C  CB  . ILE A 1 104 ? 3.791   0.978   6.374   1.00 26.22 ? 191 ILE A CB  1 
ATOM   679  C  CG1 . ILE A 1 104 ? 3.594   2.398   6.899   1.00 24.32 ? 191 ILE A CG1 1 
ATOM   680  C  CG2 . ILE A 1 104 ? 2.753   0.601   5.322   1.00 27.06 ? 191 ILE A CG2 1 
ATOM   681  C  CD1 . ILE A 1 104 ? 3.906   3.475   5.882   1.00 27.23 ? 191 ILE A CD1 1 
ATOM   682  N  N   . SER A 1 105 ? 2.692   -2.014  6.780   1.00 19.82 ? 192 SER A N   1 
ATOM   683  C  CA  . SER A 1 105 ? 2.597   -3.317  6.146   1.00 20.85 ? 192 SER A CA  1 
ATOM   684  C  C   . SER A 1 105 ? 2.037   -2.963  4.765   1.00 22.26 ? 192 SER A C   1 
ATOM   685  O  O   . SER A 1 105 ? 0.972   -2.348  4.668   1.00 22.49 ? 192 SER A O   1 
ATOM   686  C  CB  . SER A 1 105 ? 1.618   -4.222  6.892   1.00 20.08 ? 192 SER A CB  1 
ATOM   687  O  OG  . SER A 1 105 ? 1.408   -5.434  6.184   1.00 23.60 ? 192 SER A OG  1 
ATOM   688  N  N   . LEU A 1 106 ? 2.764   -3.318  3.708   1.00 21.45 ? 193 LEU A N   1 
ATOM   689  C  CA  . LEU A 1 106 ? 2.342   -3.026  2.336   1.00 21.38 ? 193 LEU A CA  1 
ATOM   690  C  C   . LEU A 1 106 ? 1.907   -4.309  1.637   1.00 21.98 ? 193 LEU A C   1 
ATOM   691  O  O   . LEU A 1 106 ? 2.720   -5.213  1.445   1.00 20.24 ? 193 LEU A O   1 
ATOM   692  C  CB  . LEU A 1 106 ? 3.500   -2.410  1.548   1.00 23.26 ? 193 LEU A CB  1 
ATOM   693  C  CG  . LEU A 1 106 ? 3.279   -1.094  0.802   1.00 28.23 ? 193 LEU A CG  1 
ATOM   694  C  CD1 . LEU A 1 106 ? 4.524   -0.773  -0.020  1.00 28.12 ? 193 LEU A CD1 1 
ATOM   695  C  CD2 . LEU A 1 106 ? 2.066   -1.194  -0.093  1.00 31.06 ? 193 LEU A CD2 1 
ATOM   696  N  N   . ALA A 1 107 ? 0.638   -4.383  1.235   1.00 19.73 ? 194 ALA A N   1 
ATOM   697  C  CA  . ALA A 1 107 ? 0.127   -5.583  0.572   1.00 19.04 ? 194 ALA A CA  1 
ATOM   698  C  C   . ALA A 1 107 ? -0.317  -5.414  -0.880  1.00 20.83 ? 194 ALA A C   1 
ATOM   699  O  O   . ALA A 1 107 ? -0.979  -4.431  -1.241  1.00 21.91 ? 194 ALA A O   1 
ATOM   700  C  CB  . ALA A 1 107 ? -1.038  -6.169  1.388   1.00 16.43 ? 194 ALA A CB  1 
ATOM   701  N  N   . GLY A 1 108 ? 0.059   -6.387  -1.702  1.00 20.32 ? 195 GLY A N   1 
ATOM   702  C  CA  . GLY A 1 108 ? -0.341  -6.403  -3.097  1.00 23.06 ? 195 GLY A CA  1 
ATOM   703  C  C   . GLY A 1 108 ? -1.384  -7.501  -3.234  1.00 25.54 ? 195 GLY A C   1 
ATOM   704  O  O   . GLY A 1 108 ? -1.119  -8.659  -2.897  1.00 25.98 ? 195 GLY A O   1 
ATOM   705  N  N   . HIS A 1 109 ? -2.576  -7.139  -3.702  1.00 24.80 ? 196 HIS A N   1 
ATOM   706  C  CA  . HIS A 1 109 ? -3.671  -8.087  -3.876  1.00 26.21 ? 196 HIS A CA  1 
ATOM   707  C  C   . HIS A 1 109 ? -3.957  -8.201  -5.374  1.00 27.83 ? 196 HIS A C   1 
ATOM   708  O  O   . HIS A 1 109 ? -4.322  -7.217  -6.012  1.00 24.43 ? 196 HIS A O   1 
ATOM   709  C  CB  . HIS A 1 109 ? -4.910  -7.572  -3.152  1.00 30.52 ? 196 HIS A CB  1 
ATOM   710  C  CG  . HIS A 1 109 ? -5.859  -8.647  -2.733  1.00 34.38 ? 196 HIS A CG  1 
ATOM   711  N  ND1 . HIS A 1 109 ? -6.079  -8.965  -1.412  1.00 37.03 ? 196 HIS A ND1 1 
ATOM   712  C  CD2 . HIS A 1 109 ? -6.652  -9.474  -3.456  1.00 38.07 ? 196 HIS A CD2 1 
ATOM   713  C  CE1 . HIS A 1 109 ? -6.967  -9.941  -1.337  1.00 36.35 ? 196 HIS A CE1 1 
ATOM   714  N  NE2 . HIS A 1 109 ? -7.330  -10.267 -2.562  1.00 39.48 ? 196 HIS A NE2 1 
ATOM   715  N  N   . THR A 1 110 ? -3.796  -9.399  -5.929  1.00 26.10 ? 197 THR A N   1 
ATOM   716  C  CA  . THR A 1 110 ? -4.007  -9.592  -7.355  1.00 27.51 ? 197 THR A CA  1 
ATOM   717  C  C   . THR A 1 110 ? -4.930  -10.763 -7.689  1.00 29.41 ? 197 THR A C   1 
ATOM   718  O  O   . THR A 1 110 ? -4.474  -11.898 -7.833  1.00 26.04 ? 197 THR A O   1 
ATOM   719  C  CB  . THR A 1 110 ? -2.652  -9.819  -8.080  1.00 28.40 ? 197 THR A CB  1 
ATOM   720  O  OG1 . THR A 1 110 ? -1.759  -8.739  -7.787  1.00 26.37 ? 197 THR A OG1 1 
ATOM   721  C  CG2 . THR A 1 110 ? -2.847  -9.906  -9.597  1.00 27.20 ? 197 THR A CG2 1 
ATOM   722  N  N   . ASP A 1 111 ? -6.228  -10.485 -7.779  1.00 31.23 ? 198 ASP A N   1 
ATOM   723  C  CA  . ASP A 1 111 ? -7.218  -11.492 -8.154  1.00 34.30 ? 198 ASP A CA  1 
ATOM   724  C  C   . ASP A 1 111 ? -7.555  -11.166 -9.601  1.00 35.55 ? 198 ASP A C   1 
ATOM   725  O  O   . ASP A 1 111 ? -8.431  -10.340 -9.879  1.00 35.29 ? 198 ASP A O   1 
ATOM   726  C  CB  . ASP A 1 111 ? -8.478  -11.392 -7.288  1.00 36.26 ? 198 ASP A CB  1 
ATOM   727  C  CG  . ASP A 1 111 ? -8.195  -11.636 -5.821  1.00 39.13 ? 198 ASP A CG  1 
ATOM   728  O  OD1 . ASP A 1 111 ? -7.106  -12.161 -5.505  1.00 40.24 ? 198 ASP A OD1 1 
ATOM   729  O  OD2 . ASP A 1 111 ? -9.063  -11.312 -4.981  1.00 42.44 ? 198 ASP A OD2 1 
ATOM   730  N  N   . ASP A 1 112 ? -6.838  -11.812 -10.515 1.00 35.31 ? 199 ASP A N   1 
ATOM   731  C  CA  . ASP A 1 112 ? -6.995  -11.577 -11.948 1.00 37.18 ? 199 ASP A CA  1 
ATOM   732  C  C   . ASP A 1 112 ? -6.927  -12.914 -12.690 1.00 39.06 ? 199 ASP A C   1 
ATOM   733  O  O   . ASP A 1 112 ? -6.705  -13.967 -12.089 1.00 35.64 ? 199 ASP A O   1 
ATOM   734  C  CB  . ASP A 1 112 ? -5.854  -10.666 -12.426 1.00 36.41 ? 199 ASP A CB  1 
ATOM   735  C  CG  . ASP A 1 112 ? -6.200  -9.864  -13.678 1.00 37.51 ? 199 ASP A CG  1 
ATOM   736  O  OD1 . ASP A 1 112 ? -7.085  -10.278 -14.455 1.00 39.29 ? 199 ASP A OD1 1 
ATOM   737  O  OD2 . ASP A 1 112 ? -5.557  -8.812  -13.895 1.00 35.09 ? 199 ASP A OD2 1 
ATOM   738  N  N   . PHE A 1 113 ? -7.104  -12.866 -14.004 1.00 42.05 ? 200 PHE A N   1 
ATOM   739  C  CA  . PHE A 1 113 ? -7.042  -14.074 -14.811 1.00 46.37 ? 200 PHE A CA  1 
ATOM   740  C  C   . PHE A 1 113 ? -5.608  -14.595 -14.866 1.00 48.70 ? 200 PHE A C   1 
ATOM   741  O  O   . PHE A 1 113 ? -4.650  -13.830 -14.722 1.00 48.54 ? 200 PHE A O   1 
ATOM   742  C  CB  . PHE A 1 113 ? -7.560  -13.789 -16.219 1.00 46.97 ? 200 PHE A CB  1 
ATOM   743  C  CG  . PHE A 1 113 ? -9.026  -13.481 -16.263 1.00 48.87 ? 200 PHE A CG  1 
ATOM   744  C  CD1 . PHE A 1 113 ? -9.954  -14.426 -15.834 1.00 50.05 ? 200 PHE A CD1 1 
ATOM   745  C  CD2 . PHE A 1 113 ? -9.480  -12.244 -16.706 1.00 49.42 ? 200 PHE A CD2 1 
ATOM   746  C  CE1 . PHE A 1 113 ? -11.316 -14.143 -15.842 1.00 50.78 ? 200 PHE A CE1 1 
ATOM   747  C  CE2 . PHE A 1 113 ? -10.841 -11.950 -16.719 1.00 50.16 ? 200 PHE A CE2 1 
ATOM   748  C  CZ  . PHE A 1 113 ? -11.761 -12.901 -16.286 1.00 50.85 ? 200 PHE A CZ  1 
ATOM   749  N  N   . PRO A 1 114 ? -5.444  -15.911 -15.075 1.00 50.87 ? 201 PRO A N   1 
ATOM   750  C  CA  . PRO A 1 114 ? -4.124  -16.537 -15.145 1.00 52.82 ? 201 PRO A CA  1 
ATOM   751  C  C   . PRO A 1 114 ? -3.087  -15.686 -15.863 1.00 55.16 ? 201 PRO A C   1 
ATOM   752  O  O   . PRO A 1 114 ? -3.328  -15.183 -16.961 1.00 56.18 ? 201 PRO A O   1 
ATOM   753  C  CB  . PRO A 1 114 ? -4.408  -17.842 -15.876 1.00 53.03 ? 201 PRO A CB  1 
ATOM   754  C  CG  . PRO A 1 114 ? -5.755  -18.205 -15.349 1.00 52.01 ? 201 PRO A CG  1 
ATOM   755  C  CD  . PRO A 1 114 ? -6.498  -16.885 -15.415 1.00 51.16 ? 201 PRO A CD  1 
ATOM   756  N  N   . TYR A 1 115 ? -1.936  -15.521 -15.224 1.00 56.85 ? 202 TYR A N   1 
ATOM   757  C  CA  . TYR A 1 115 ? -0.848  -14.746 -15.798 1.00 58.94 ? 202 TYR A CA  1 
ATOM   758  C  C   . TYR A 1 115 ? -0.426  -15.422 -17.100 1.00 60.57 ? 202 TYR A C   1 
ATOM   759  O  O   . TYR A 1 115 ? -0.164  -16.625 -17.128 1.00 60.48 ? 202 TYR A O   1 
ATOM   760  C  CB  . TYR A 1 115 ? 0.322   -14.689 -14.812 1.00 58.22 ? 202 TYR A CB  1 
ATOM   761  C  CG  . TYR A 1 115 ? 1.536   -13.967 -15.341 1.00 58.43 ? 202 TYR A CG  1 
ATOM   762  C  CD1 . TYR A 1 115 ? 2.353   -14.555 -16.302 1.00 58.09 ? 202 TYR A CD1 1 
ATOM   763  C  CD2 . TYR A 1 115 ? 1.858   -12.688 -14.892 1.00 58.45 ? 202 TYR A CD2 1 
ATOM   764  C  CE1 . TYR A 1 115 ? 3.461   -13.889 -16.804 1.00 59.07 ? 202 TYR A CE1 1 
ATOM   765  C  CE2 . TYR A 1 115 ? 2.968   -12.011 -15.390 1.00 58.99 ? 202 TYR A CE2 1 
ATOM   766  C  CZ  . TYR A 1 115 ? 3.766   -12.619 -16.345 1.00 59.06 ? 202 TYR A CZ  1 
ATOM   767  O  OH  . TYR A 1 115 ? 4.873   -11.965 -16.835 1.00 60.15 ? 202 TYR A OH  1 
ATOM   768  N  N   . ALA A 1 116 ? -0.359  -14.642 -18.174 1.00 62.70 ? 203 ALA A N   1 
ATOM   769  C  CA  . ALA A 1 116 ? 0.012   -15.179 -19.474 1.00 65.20 ? 203 ALA A CA  1 
ATOM   770  C  C   . ALA A 1 116 ? 1.412   -14.773 -19.913 1.00 67.48 ? 203 ALA A C   1 
ATOM   771  O  O   . ALA A 1 116 ? 1.966   -13.786 -19.429 1.00 67.80 ? 203 ALA A O   1 
ATOM   772  C  CB  . ALA A 1 116 ? -1.001  -14.738 -20.518 1.00 64.87 ? 203 ALA A CB  1 
ATOM   773  N  N   . ASN A 1 117 ? 1.966   -15.553 -20.839 1.00 70.02 ? 204 ASN A N   1 
ATOM   774  C  CA  . ASN A 1 117 ? 3.294   -15.316 -21.399 1.00 72.34 ? 204 ASN A CA  1 
ATOM   775  C  C   . ASN A 1 117 ? 4.433   -15.600 -20.420 1.00 72.99 ? 204 ASN A C   1 
ATOM   776  O  O   . ASN A 1 117 ? 4.302   -16.458 -19.546 1.00 73.59 ? 204 ASN A O   1 
ATOM   777  C  CB  . ASN A 1 117 ? 3.385   -13.880 -21.922 1.00 73.11 ? 204 ASN A CB  1 
ATOM   778  C  CG  . ASN A 1 117 ? 2.162   -13.480 -22.729 1.00 74.30 ? 204 ASN A CG  1 
ATOM   779  O  OD1 . ASN A 1 117 ? 1.635   -14.274 -23.512 1.00 74.76 ? 204 ASN A OD1 1 
ATOM   780  N  ND2 . ASN A 1 117 ? 1.707   -12.245 -22.547 1.00 74.63 ? 204 ASN A ND2 1 
ATOM   781  N  N   . GLY A 1 118 ? 5.547   -14.884 -20.581 1.00 73.45 ? 205 GLY A N   1 
ATOM   782  C  CA  . GLY A 1 118 ? 6.709   -15.066 -19.722 1.00 73.54 ? 205 GLY A CA  1 
ATOM   783  C  C   . GLY A 1 118 ? 6.407   -15.622 -18.341 1.00 73.52 ? 205 GLY A C   1 
ATOM   784  O  O   . GLY A 1 118 ? 5.808   -14.943 -17.510 1.00 73.89 ? 205 GLY A O   1 
ATOM   785  N  N   . GLU A 1 119 ? 6.825   -16.859 -18.089 1.00 72.66 ? 206 GLU A N   1 
ATOM   786  C  CA  . GLU A 1 119 ? 6.576   -17.477 -16.794 1.00 71.53 ? 206 GLU A CA  1 
ATOM   787  C  C   . GLU A 1 119 ? 7.316   -18.778 -16.534 1.00 70.26 ? 206 GLU A C   1 
ATOM   788  O  O   . GLU A 1 119 ? 7.073   -19.784 -17.201 1.00 70.86 ? 206 GLU A O   1 
ATOM   789  C  CB  . GLU A 1 119 ? 5.084   -17.770 -16.608 1.00 72.21 ? 206 GLU A CB  1 
ATOM   790  C  CG  . GLU A 1 119 ? 4.829   -18.721 -15.439 1.00 73.52 ? 206 GLU A CG  1 
ATOM   791  C  CD  . GLU A 1 119 ? 3.489   -19.426 -15.501 1.00 74.43 ? 206 GLU A CD  1 
ATOM   792  O  OE1 . GLU A 1 119 ? 3.259   -20.319 -14.657 1.00 74.83 ? 206 GLU A OE1 1 
ATOM   793  O  OE2 . GLU A 1 119 ? 2.673   -19.090 -16.385 1.00 75.10 ? 206 GLU A OE2 1 
ATOM   794  N  N   . LYS A 1 120 ? 8.213   -18.762 -15.557 1.00 68.19 ? 207 LYS A N   1 
ATOM   795  C  CA  . LYS A 1 120 ? 8.909   -19.976 -15.175 1.00 65.56 ? 207 LYS A CA  1 
ATOM   796  C  C   . LYS A 1 120 ? 8.300   -20.287 -13.816 1.00 62.64 ? 207 LYS A C   1 
ATOM   797  O  O   . LYS A 1 120 ? 8.998   -20.420 -12.810 1.00 63.21 ? 207 LYS A O   1 
ATOM   798  C  CB  . LYS A 1 120 ? 10.404  -19.741 -15.040 1.00 66.83 ? 207 LYS A CB  1 
ATOM   799  C  CG  . LYS A 1 120 ? 11.115  -20.986 -14.665 1.00 67.88 ? 207 LYS A CG  1 
ATOM   800  C  CD  . LYS A 1 120 ? 12.578  -20.806 -14.669 1.00 69.02 ? 207 LYS A CD  1 
ATOM   801  C  CE  . LYS A 1 120 ? 13.152  -22.128 -14.224 1.00 69.19 ? 207 LYS A CE  1 
ATOM   802  N  NZ  . LYS A 1 120 ? 12.642  -23.223 -15.087 1.00 69.69 ? 207 LYS A NZ  1 
ATOM   803  N  N   . GLY A 1 121 ? 6.974   -20.381 -13.807 1.00 59.12 ? 208 GLY A N   1 
ATOM   804  C  CA  . GLY A 1 121 ? 6.244   -20.625 -12.581 1.00 53.84 ? 208 GLY A CA  1 
ATOM   805  C  C   . GLY A 1 121 ? 5.716   -19.289 -12.086 1.00 50.47 ? 208 GLY A C   1 
ATOM   806  O  O   . GLY A 1 121 ? 5.038   -19.214 -11.059 1.00 51.65 ? 208 GLY A O   1 
ATOM   807  N  N   . TYR A 1 122 ? 6.033   -18.229 -12.827 1.00 45.53 ? 209 TYR A N   1 
ATOM   808  C  CA  . TYR A 1 122 ? 5.599   -16.877 -12.483 1.00 40.98 ? 209 TYR A CA  1 
ATOM   809  C  C   . TYR A 1 122 ? 4.084   -16.753 -12.640 1.00 38.61 ? 209 TYR A C   1 
ATOM   810  O  O   . TYR A 1 122 ? 3.557   -16.843 -13.747 1.00 39.78 ? 209 TYR A O   1 
ATOM   811  C  CB  . TYR A 1 122 ? 6.304   -15.854 -13.380 1.00 39.45 ? 209 TYR A CB  1 
ATOM   812  C  CG  . TYR A 1 122 ? 6.226   -14.431 -12.872 1.00 36.39 ? 209 TYR A CG  1 
ATOM   813  C  CD1 . TYR A 1 122 ? 5.038   -13.706 -12.937 1.00 36.13 ? 209 TYR A CD1 1 
ATOM   814  C  CD2 . TYR A 1 122 ? 7.341   -13.817 -12.304 1.00 36.02 ? 209 TYR A CD2 1 
ATOM   815  C  CE1 . TYR A 1 122 ? 4.962   -12.400 -12.447 1.00 35.10 ? 209 TYR A CE1 1 
ATOM   816  C  CE2 . TYR A 1 122 ? 7.279   -12.516 -11.812 1.00 34.08 ? 209 TYR A CE2 1 
ATOM   817  C  CZ  . TYR A 1 122 ? 6.092   -11.813 -11.885 1.00 33.27 ? 209 TYR A CZ  1 
ATOM   818  O  OH  . TYR A 1 122 ? 6.047   -10.528 -11.403 1.00 30.51 ? 209 TYR A OH  1 
ATOM   819  N  N   . SER A 1 123 ? 3.389   -16.552 -11.527 1.00 33.91 ? 210 SER A N   1 
ATOM   820  C  CA  . SER A 1 123 ? 1.938   -16.423 -11.543 1.00 31.12 ? 210 SER A CA  1 
ATOM   821  C  C   . SER A 1 123 ? 1.535   -15.112 -10.888 1.00 28.21 ? 210 SER A C   1 
ATOM   822  O  O   . SER A 1 123 ? 2.378   -14.255 -10.610 1.00 26.88 ? 210 SER A O   1 
ATOM   823  C  CB  . SER A 1 123 ? 1.296   -17.582 -10.777 1.00 30.10 ? 210 SER A CB  1 
ATOM   824  O  OG  . SER A 1 123 ? 1.627   -17.522 -9.396  1.00 28.31 ? 210 SER A OG  1 
ATOM   825  N  N   . ASN A 1 124 ? 0.239   -14.971 -10.638 1.00 25.93 ? 211 ASN A N   1 
ATOM   826  C  CA  . ASN A 1 124 ? -0.293  -13.785 -9.990  1.00 25.43 ? 211 ASN A CA  1 
ATOM   827  C  C   . ASN A 1 124 ? 0.257   -13.684 -8.571  1.00 23.30 ? 211 ASN A C   1 
ATOM   828  O  O   . ASN A 1 124 ? 0.213   -12.618 -7.960  1.00 21.34 ? 211 ASN A O   1 
ATOM   829  C  CB  . ASN A 1 124 ? -1.823  -13.829 -9.975  1.00 25.11 ? 211 ASN A CB  1 
ATOM   830  C  CG  . ASN A 1 124 ? -2.421  -13.508 -11.336 1.00 26.77 ? 211 ASN A CG  1 
ATOM   831  O  OD1 . ASN A 1 124 ? -3.633  -13.601 -11.539 1.00 27.92 ? 211 ASN A OD1 1 
ATOM   832  N  ND2 . ASN A 1 124 ? -1.568  -13.124 -12.274 1.00 22.79 ? 211 ASN A ND2 1 
ATOM   833  N  N   . TRP A 1 125 ? 0.773   -14.796 -8.052  1.00 22.56 ? 212 TRP A N   1 
ATOM   834  C  CA  . TRP A 1 125 ? 1.365   -14.795 -6.711  1.00 23.37 ? 212 TRP A CA  1 
ATOM   835  C  C   . TRP A 1 125 ? 2.663   -14.004 -6.747  1.00 22.44 ? 212 TRP A C   1 
ATOM   836  O  O   . TRP A 1 125 ? 2.897   -13.136 -5.906  1.00 23.83 ? 212 TRP A O   1 
ATOM   837  C  CB  . TRP A 1 125 ? 1.652   -16.224 -6.223  1.00 22.45 ? 212 TRP A CB  1 
ATOM   838  C  CG  . TRP A 1 125 ? 0.469   -16.873 -5.589  1.00 22.21 ? 212 TRP A CG  1 
ATOM   839  C  CD1 . TRP A 1 125 ? -0.371  -17.790 -6.155  1.00 22.23 ? 212 TRP A CD1 1 
ATOM   840  C  CD2 . TRP A 1 125 ? -0.076  -16.576 -4.299  1.00 23.27 ? 212 TRP A CD2 1 
ATOM   841  N  NE1 . TRP A 1 125 ? -1.407  -18.073 -5.300  1.00 25.27 ? 212 TRP A NE1 1 
ATOM   842  C  CE2 . TRP A 1 125 ? -1.250  -17.341 -4.149  1.00 23.21 ? 212 TRP A CE2 1 
ATOM   843  C  CE3 . TRP A 1 125 ? 0.319   -15.730 -3.250  1.00 21.90 ? 212 TRP A CE3 1 
ATOM   844  C  CZ2 . TRP A 1 125 ? -2.048  -17.287 -2.998  1.00 21.47 ? 212 TRP A CZ2 1 
ATOM   845  C  CZ3 . TRP A 1 125 ? -0.471  -15.672 -2.106  1.00 21.15 ? 212 TRP A CZ3 1 
ATOM   846  C  CH2 . TRP A 1 125 ? -1.641  -16.447 -1.989  1.00 19.17 ? 212 TRP A CH2 1 
ATOM   847  N  N   . GLU A 1 126 ? 3.511   -14.307 -7.722  1.00 23.60 ? 213 GLU A N   1 
ATOM   848  C  CA  . GLU A 1 126 ? 4.779   -13.602 -7.849  1.00 22.49 ? 213 GLU A CA  1 
ATOM   849  C  C   . GLU A 1 126 ? 4.488   -12.161 -8.259  1.00 23.97 ? 213 GLU A C   1 
ATOM   850  O  O   . GLU A 1 126 ? 5.173   -11.230 -7.829  1.00 21.56 ? 213 GLU A O   1 
ATOM   851  C  CB  . GLU A 1 126 ? 5.666   -14.267 -8.904  1.00 24.15 ? 213 GLU A CB  1 
ATOM   852  C  CG  . GLU A 1 126 ? 6.264   -15.613 -8.499  1.00 23.97 ? 213 GLU A CG  1 
ATOM   853  C  CD  . GLU A 1 126 ? 5.229   -16.712 -8.356  1.00 24.75 ? 213 GLU A CD  1 
ATOM   854  O  OE1 . GLU A 1 126 ? 4.219   -16.693 -9.095  1.00 25.64 ? 213 GLU A OE1 1 
ATOM   855  O  OE2 . GLU A 1 126 ? 5.434   -17.613 -7.515  1.00 24.13 ? 213 GLU A OE2 1 
ATOM   856  N  N   . LEU A 1 127 ? 3.450   -11.979 -9.074  1.00 22.18 ? 214 LEU A N   1 
ATOM   857  C  CA  . LEU A 1 127 ? 3.085   -10.643 -9.536  1.00 22.31 ? 214 LEU A CA  1 
ATOM   858  C  C   . LEU A 1 127 ? 2.609   -9.751  -8.391  1.00 21.07 ? 214 LEU A C   1 
ATOM   859  O  O   . LEU A 1 127 ? 2.988   -8.578  -8.313  1.00 20.93 ? 214 LEU A O   1 
ATOM   860  C  CB  . LEU A 1 127 ? 1.996   -10.719 -10.620 1.00 22.36 ? 214 LEU A CB  1 
ATOM   861  C  CG  . LEU A 1 127 ? 1.600   -9.378  -11.266 1.00 24.02 ? 214 LEU A CG  1 
ATOM   862  C  CD1 . LEU A 1 127 ? 2.829   -8.726  -11.899 1.00 23.33 ? 214 LEU A CD1 1 
ATOM   863  C  CD2 . LEU A 1 127 ? 0.497   -9.593  -12.307 1.00 25.99 ? 214 LEU A CD2 1 
ATOM   864  N  N   . SER A 1 128 ? 1.792   -10.311 -7.504  1.00 21.29 ? 215 SER A N   1 
ATOM   865  C  CA  . SER A 1 128 ? 1.259   -9.562  -6.370  1.00 21.16 ? 215 SER A CA  1 
ATOM   866  C  C   . SER A 1 128 ? 2.362   -9.090  -5.412  1.00 22.06 ? 215 SER A C   1 
ATOM   867  O  O   . SER A 1 128 ? 2.357   -7.938  -4.960  1.00 18.78 ? 215 SER A O   1 
ATOM   868  C  CB  . SER A 1 128 ? 0.224   -10.412 -5.612  1.00 22.97 ? 215 SER A CB  1 
ATOM   869  O  OG  . SER A 1 128 ? 0.822   -11.506 -4.929  1.00 22.39 ? 215 SER A OG  1 
ATOM   870  N  N   . ALA A 1 129 ? 3.306   -9.975  -5.105  1.00 20.89 ? 216 ALA A N   1 
ATOM   871  C  CA  . ALA A 1 129 ? 4.414   -9.637  -4.212  1.00 20.80 ? 216 ALA A CA  1 
ATOM   872  C  C   . ALA A 1 129 ? 5.360   -8.646  -4.894  1.00 20.37 ? 216 ALA A C   1 
ATOM   873  O  O   . ALA A 1 129 ? 5.873   -7.728  -4.252  1.00 20.79 ? 216 ALA A O   1 
ATOM   874  C  CB  . ALA A 1 129 ? 5.181   -10.906 -3.820  1.00 20.64 ? 216 ALA A CB  1 
ATOM   875  N  N   . ASP A 1 130 ? 5.600   -8.848  -6.189  1.00 19.45 ? 217 ASP A N   1 
ATOM   876  C  CA  . ASP A 1 130 ? 6.469   -7.958  -6.955  1.00 20.76 ? 217 ASP A CA  1 
ATOM   877  C  C   . ASP A 1 130 ? 5.881   -6.551  -7.024  1.00 22.11 ? 217 ASP A C   1 
ATOM   878  O  O   . ASP A 1 130 ? 6.612   -5.563  -6.972  1.00 21.30 ? 217 ASP A O   1 
ATOM   879  C  CB  . ASP A 1 130 ? 6.670   -8.488  -8.380  1.00 22.81 ? 217 ASP A CB  1 
ATOM   880  C  CG  . ASP A 1 130 ? 7.682   -9.621  -8.443  1.00 25.57 ? 217 ASP A CG  1 
ATOM   881  O  OD1 . ASP A 1 130 ? 8.203   -10.005 -7.374  1.00 28.31 ? 217 ASP A OD1 1 
ATOM   882  O  OD2 . ASP A 1 130 ? 7.959   -10.126 -9.557  1.00 22.48 ? 217 ASP A OD2 1 
ATOM   883  N  N   . ARG A 1 131 ? 4.561   -6.461  -7.157  1.00 20.80 ? 218 ARG A N   1 
ATOM   884  C  CA  . ARG A 1 131 ? 3.913   -5.155  -7.218  1.00 19.63 ? 218 ARG A CA  1 
ATOM   885  C  C   . ARG A 1 131 ? 3.984   -4.494  -5.844  1.00 19.13 ? 218 ARG A C   1 
ATOM   886  O  O   . ARG A 1 131 ? 4.156   -3.282  -5.739  1.00 19.31 ? 218 ARG A O   1 
ATOM   887  C  CB  . ARG A 1 131 ? 2.466   -5.299  -7.692  1.00 22.06 ? 218 ARG A CB  1 
ATOM   888  C  CG  . ARG A 1 131 ? 2.374   -5.571  -9.189  1.00 22.26 ? 218 ARG A CG  1 
ATOM   889  C  CD  . ARG A 1 131 ? 0.953   -5.841  -9.684  1.00 21.76 ? 218 ARG A CD  1 
ATOM   890  N  NE  . ARG A 1 131 ? 0.941   -5.809  -11.141 1.00 23.56 ? 218 ARG A NE  1 
ATOM   891  C  CZ  . ARG A 1 131 ? -0.097  -6.129  -11.909 1.00 25.54 ? 218 ARG A CZ  1 
ATOM   892  N  NH1 . ARG A 1 131 ? -1.244  -6.524  -11.373 1.00 25.54 ? 218 ARG A NH1 1 
ATOM   893  N  NH2 . ARG A 1 131 ? 0.020   -6.038  -13.226 1.00 24.31 ? 218 ARG A NH2 1 
ATOM   894  N  N   . ALA A 1 132 ? 3.861   -5.296  -4.791  1.00 17.44 ? 219 ALA A N   1 
ATOM   895  C  CA  . ALA A 1 132 ? 3.961   -4.774  -3.438  1.00 18.53 ? 219 ALA A CA  1 
ATOM   896  C  C   . ALA A 1 132 ? 5.355   -4.141  -3.252  1.00 18.75 ? 219 ALA A C   1 
ATOM   897  O  O   . ALA A 1 132 ? 5.479   -3.039  -2.711  1.00 17.78 ? 219 ALA A O   1 
ATOM   898  C  CB  . ALA A 1 132 ? 3.750   -5.901  -2.422  1.00 16.54 ? 219 ALA A CB  1 
ATOM   899  N  N   . ASN A 1 133 ? 6.399   -4.836  -3.707  1.00 19.82 ? 220 ASN A N   1 
ATOM   900  C  CA  . ASN A 1 133 ? 7.756   -4.314  -3.577  1.00 19.45 ? 220 ASN A CA  1 
ATOM   901  C  C   . ASN A 1 133 ? 7.998   -3.135  -4.510  1.00 19.28 ? 220 ASN A C   1 
ATOM   902  O  O   . ASN A 1 133 ? 8.726   -2.209  -4.164  1.00 19.68 ? 220 ASN A O   1 
ATOM   903  C  CB  . ASN A 1 133 ? 8.798   -5.414  -3.834  1.00 19.94 ? 220 ASN A CB  1 
ATOM   904  C  CG  . ASN A 1 133 ? 9.256   -6.087  -2.551  1.00 18.07 ? 220 ASN A CG  1 
ATOM   905  O  OD1 . ASN A 1 133 ? 9.527   -5.415  -1.550  1.00 18.05 ? 220 ASN A OD1 1 
ATOM   906  N  ND2 . ASN A 1 133 ? 9.355   -7.411  -2.571  1.00 18.67 ? 220 ASN A ND2 1 
ATOM   907  N  N   . ALA A 1 134 ? 7.384   -3.170  -5.687  1.00 20.45 ? 221 ALA A N   1 
ATOM   908  C  CA  . ALA A 1 134 ? 7.519   -2.077  -6.635  1.00 20.63 ? 221 ALA A CA  1 
ATOM   909  C  C   . ALA A 1 134 ? 6.925   -0.821  -5.991  1.00 21.02 ? 221 ALA A C   1 
ATOM   910  O  O   . ALA A 1 134 ? 7.451   0.277   -6.154  1.00 21.99 ? 221 ALA A O   1 
ATOM   911  C  CB  . ALA A 1 134 ? 6.783   -2.414  -7.941  1.00 22.17 ? 221 ALA A CB  1 
ATOM   912  N  N   . SER A 1 135 ? 5.830   -0.987  -5.254  1.00 20.56 ? 222 SER A N   1 
ATOM   913  C  CA  . SER A 1 135 ? 5.198   0.146   -4.574  1.00 20.04 ? 222 SER A CA  1 
ATOM   914  C  C   . SER A 1 135 ? 6.102   0.631   -3.438  1.00 18.29 ? 222 SER A C   1 
ATOM   915  O  O   . SER A 1 135 ? 6.218   1.832   -3.185  1.00 16.67 ? 222 SER A O   1 
ATOM   916  C  CB  . SER A 1 135 ? 3.832   -0.264  -4.011  1.00 20.55 ? 222 SER A CB  1 
ATOM   917  O  OG  . SER A 1 135 ? 2.964   -0.677  -5.054  1.00 21.31 ? 222 SER A OG  1 
ATOM   918  N  N   . ARG A 1 136 ? 6.737   -0.317  -2.757  1.00 20.21 ? 223 ARG A N   1 
ATOM   919  C  CA  . ARG A 1 136 ? 7.651   -0.014  -1.651  1.00 19.85 ? 223 ARG A CA  1 
ATOM   920  C  C   . ARG A 1 136 ? 8.793   0.867   -2.158  1.00 20.82 ? 223 ARG A C   1 
ATOM   921  O  O   . ARG A 1 136 ? 9.131   1.881   -1.547  1.00 21.89 ? 223 ARG A O   1 
ATOM   922  C  CB  . ARG A 1 136 ? 8.224   -1.322  -1.082  1.00 19.56 ? 223 ARG A CB  1 
ATOM   923  C  CG  . ARG A 1 136 ? 9.198   -1.157  0.083   1.00 19.27 ? 223 ARG A CG  1 
ATOM   924  C  CD  . ARG A 1 136 ? 9.925   -2.465  0.371   1.00 21.84 ? 223 ARG A CD  1 
ATOM   925  N  NE  . ARG A 1 136 ? 10.781  -2.865  -0.747  1.00 20.55 ? 223 ARG A NE  1 
ATOM   926  C  CZ  . ARG A 1 136 ? 11.970  -2.326  -1.015  1.00 22.12 ? 223 ARG A CZ  1 
ATOM   927  N  NH1 . ARG A 1 136 ? 12.456  -1.367  -0.245  1.00 21.55 ? 223 ARG A NH1 1 
ATOM   928  N  NH2 . ARG A 1 136 ? 12.675  -2.749  -2.054  1.00 23.75 ? 223 ARG A NH2 1 
ATOM   929  N  N   . ARG A 1 137 ? 9.380   0.483   -3.285  1.00 22.17 ? 224 ARG A N   1 
ATOM   930  C  CA  . ARG A 1 137 ? 10.491  1.250   -3.837  1.00 23.27 ? 224 ARG A CA  1 
ATOM   931  C  C   . ARG A 1 137 ? 10.082  2.664   -4.246  1.00 23.89 ? 224 ARG A C   1 
ATOM   932  O  O   . ARG A 1 137 ? 10.893  3.588   -4.164  1.00 19.90 ? 224 ARG A O   1 
ATOM   933  C  CB  . ARG A 1 137 ? 11.114  0.520   -5.033  1.00 24.65 ? 224 ARG A CB  1 
ATOM   934  C  CG  . ARG A 1 137 ? 11.779  -0.806  -4.680  1.00 24.78 ? 224 ARG A CG  1 
ATOM   935  C  CD  . ARG A 1 137 ? 12.651  -1.302  -5.829  1.00 24.54 ? 224 ARG A CD  1 
ATOM   936  N  NE  . ARG A 1 137 ? 11.906  -1.459  -7.076  1.00 24.25 ? 224 ARG A NE  1 
ATOM   937  C  CZ  . ARG A 1 137 ? 11.125  -2.492  -7.369  1.00 22.59 ? 224 ARG A CZ  1 
ATOM   938  N  NH1 . ARG A 1 137 ? 10.973  -3.484  -6.501  1.00 22.21 ? 224 ARG A NH1 1 
ATOM   939  N  NH2 . ARG A 1 137 ? 10.493  -2.534  -8.537  1.00 24.11 ? 224 ARG A NH2 1 
ATOM   940  N  N   . GLU A 1 138 ? 8.834   2.834   -4.687  1.00 22.56 ? 225 GLU A N   1 
ATOM   941  C  CA  . GLU A 1 138 ? 8.352   4.158   -5.082  1.00 24.10 ? 225 GLU A CA  1 
ATOM   942  C  C   . GLU A 1 138 ? 8.211   5.042   -3.856  1.00 23.10 ? 225 GLU A C   1 
ATOM   943  O  O   . GLU A 1 138 ? 8.555   6.224   -3.891  1.00 23.71 ? 225 GLU A O   1 
ATOM   944  C  CB  . GLU A 1 138 ? 6.998   4.081   -5.794  1.00 25.55 ? 225 GLU A CB  1 
ATOM   945  C  CG  . GLU A 1 138 ? 7.061   3.671   -7.250  1.00 31.04 ? 225 GLU A CG  1 
ATOM   946  C  CD  . GLU A 1 138 ? 8.124   4.423   -8.035  1.00 33.92 ? 225 GLU A CD  1 
ATOM   947  O  OE1 . GLU A 1 138 ? 8.193   5.671   -7.934  1.00 34.52 ? 225 GLU A OE1 1 
ATOM   948  O  OE2 . GLU A 1 138 ? 8.886   3.754   -8.763  1.00 33.82 ? 225 GLU A OE2 1 
ATOM   949  N  N   . LEU A 1 139 ? 7.694   4.476   -2.772  1.00 22.98 ? 226 LEU A N   1 
ATOM   950  C  CA  . LEU A 1 139 ? 7.539   5.233   -1.540  1.00 22.64 ? 226 LEU A CA  1 
ATOM   951  C  C   . LEU A 1 139 ? 8.913   5.720   -1.070  1.00 24.55 ? 226 LEU A C   1 
ATOM   952  O  O   . LEU A 1 139 ? 9.075   6.876   -0.671  1.00 23.36 ? 226 LEU A O   1 
ATOM   953  C  CB  . LEU A 1 139 ? 6.890   4.364   -0.461  1.00 20.43 ? 226 LEU A CB  1 
ATOM   954  C  CG  . LEU A 1 139 ? 5.394   4.081   -0.678  1.00 18.82 ? 226 LEU A CG  1 
ATOM   955  C  CD1 . LEU A 1 139 ? 4.908   3.021   0.292   1.00 18.00 ? 226 LEU A CD1 1 
ATOM   956  C  CD2 . LEU A 1 139 ? 4.604   5.379   -0.491  1.00 17.89 ? 226 LEU A CD2 1 
ATOM   957  N  N   . VAL A 1 140 ? 9.897   4.829   -1.126  1.00 24.64 ? 227 VAL A N   1 
ATOM   958  C  CA  . VAL A 1 140 ? 11.262  5.157   -0.717  1.00 26.12 ? 227 VAL A CA  1 
ATOM   959  C  C   . VAL A 1 140 ? 11.821  6.270   -1.609  1.00 25.79 ? 227 VAL A C   1 
ATOM   960  O  O   . VAL A 1 140 ? 12.403  7.238   -1.113  1.00 28.01 ? 227 VAL A O   1 
ATOM   961  C  CB  . VAL A 1 140 ? 12.167  3.899   -0.784  1.00 25.75 ? 227 VAL A CB  1 
ATOM   962  C  CG1 . VAL A 1 140 ? 13.642  4.264   -0.534  1.00 28.19 ? 227 VAL A CG1 1 
ATOM   963  C  CG2 . VAL A 1 140 ? 11.700  2.894   0.257   1.00 27.94 ? 227 VAL A CG2 1 
ATOM   964  N  N   . ALA A 1 141 ? 11.630  6.138   -2.920  1.00 25.33 ? 228 ALA A N   1 
ATOM   965  C  CA  . ALA A 1 141 ? 12.104  7.152   -3.860  1.00 25.68 ? 228 ALA A CA  1 
ATOM   966  C  C   . ALA A 1 141 ? 11.433  8.472   -3.517  1.00 27.54 ? 228 ALA A C   1 
ATOM   967  O  O   . ALA A 1 141 ? 12.037  9.538   -3.635  1.00 26.86 ? 228 ALA A O   1 
ATOM   968  C  CB  . ALA A 1 141 ? 11.757  6.754   -5.291  1.00 26.18 ? 228 ALA A CB  1 
ATOM   969  N  N   . GLY A 1 142 ? 10.177  8.390   -3.086  1.00 27.08 ? 229 GLY A N   1 
ATOM   970  C  CA  . GLY A 1 142 ? 9.425   9.584   -2.735  1.00 26.33 ? 229 GLY A CA  1 
ATOM   971  C  C   . GLY A 1 142 ? 9.781   10.188  -1.393  1.00 26.04 ? 229 GLY A C   1 
ATOM   972  O  O   . GLY A 1 142 ? 9.225   11.212  -1.001  1.00 28.03 ? 229 GLY A O   1 
ATOM   973  N  N   . GLY A 1 143 ? 10.696  9.553   -0.670  1.00 28.18 ? 230 GLY A N   1 
ATOM   974  C  CA  . GLY A 1 143 ? 11.096  10.091  0.616   1.00 27.07 ? 230 GLY A CA  1 
ATOM   975  C  C   . GLY A 1 143 ? 10.698  9.300   1.846   1.00 26.84 ? 230 GLY A C   1 
ATOM   976  O  O   . GLY A 1 143 ? 10.935  9.754   2.961   1.00 28.38 ? 230 GLY A O   1 
ATOM   977  N  N   . LEU A 1 144 ? 10.086  8.134   1.673   1.00 25.06 ? 231 LEU A N   1 
ATOM   978  C  CA  . LEU A 1 144 ? 9.705   7.336   2.830   1.00 26.69 ? 231 LEU A CA  1 
ATOM   979  C  C   . LEU A 1 144 ? 10.987  6.829   3.491   1.00 28.16 ? 231 LEU A C   1 
ATOM   980  O  O   . LEU A 1 144 ? 11.891  6.354   2.802   1.00 29.63 ? 231 LEU A O   1 
ATOM   981  C  CB  . LEU A 1 144 ? 8.835   6.133   2.420   1.00 25.47 ? 231 LEU A CB  1 
ATOM   982  C  CG  . LEU A 1 144 ? 8.300   5.331   3.615   1.00 25.87 ? 231 LEU A CG  1 
ATOM   983  C  CD1 . LEU A 1 144 ? 7.314   6.200   4.378   1.00 27.51 ? 231 LEU A CD1 1 
ATOM   984  C  CD2 . LEU A 1 144 ? 7.628   4.035   3.176   1.00 22.07 ? 231 LEU A CD2 1 
ATOM   985  N  N   . ASP A 1 145 ? 11.069  6.942   4.813   1.00 28.56 ? 232 ASP A N   1 
ATOM   986  C  CA  . ASP A 1 145 ? 12.241  6.476   5.548   1.00 34.38 ? 232 ASP A CA  1 
ATOM   987  C  C   . ASP A 1 145 ? 12.390  4.957   5.407   1.00 35.59 ? 232 ASP A C   1 
ATOM   988  O  O   . ASP A 1 145 ? 11.418  4.215   5.551   1.00 34.30 ? 232 ASP A O   1 
ATOM   989  C  CB  . ASP A 1 145 ? 12.125  6.834   7.041   1.00 36.35 ? 232 ASP A CB  1 
ATOM   990  C  CG  . ASP A 1 145 ? 12.176  8.337   7.300   1.00 41.53 ? 232 ASP A CG  1 
ATOM   991  O  OD1 . ASP A 1 145 ? 13.097  9.000   6.776   1.00 43.60 ? 232 ASP A OD1 1 
ATOM   992  O  OD2 . ASP A 1 145 ? 11.303  8.852   8.038   1.00 43.02 ? 232 ASP A OD2 1 
ATOM   993  N  N   . ASN A 1 146 ? 13.598  4.488   5.106   1.00 37.79 ? 233 ASN A N   1 
ATOM   994  C  CA  . ASN A 1 146 ? 13.805  3.047   4.995   1.00 40.03 ? 233 ASN A CA  1 
ATOM   995  C  C   . ASN A 1 146 ? 13.584  2.495   6.401   1.00 38.90 ? 233 ASN A C   1 
ATOM   996  O  O   . ASN A 1 146 ? 13.904  3.153   7.390   1.00 40.16 ? 233 ASN A O   1 
ATOM   997  C  CB  . ASN A 1 146 ? 15.222  2.735   4.498   1.00 43.70 ? 233 ASN A CB  1 
ATOM   998  C  CG  . ASN A 1 146 ? 15.224  2.028   3.150   1.00 47.04 ? 233 ASN A CG  1 
ATOM   999  O  OD1 . ASN A 1 146 ? 14.724  0.907   3.022   1.00 49.25 ? 233 ASN A OD1 1 
ATOM   1000 N  ND2 . ASN A 1 146 ? 15.782  2.683   2.138   1.00 47.30 ? 233 ASN A ND2 1 
ATOM   1001 N  N   . GLY A 1 147 ? 13.023  1.298   6.498   1.00 37.81 ? 234 GLY A N   1 
ATOM   1002 C  CA  . GLY A 1 147 ? 12.761  0.737   7.811   1.00 35.67 ? 234 GLY A CA  1 
ATOM   1003 C  C   . GLY A 1 147 ? 11.306  0.945   8.193   1.00 33.74 ? 234 GLY A C   1 
ATOM   1004 O  O   . GLY A 1 147 ? 10.749  0.192   8.985   1.00 34.89 ? 234 GLY A O   1 
ATOM   1005 N  N   . LYS A 1 148 ? 10.688  1.977   7.625   1.00 32.32 ? 235 LYS A N   1 
ATOM   1006 C  CA  . LYS A 1 148 ? 9.284   2.277   7.899   1.00 30.83 ? 235 LYS A CA  1 
ATOM   1007 C  C   . LYS A 1 148 ? 8.387   1.103   7.503   1.00 27.88 ? 235 LYS A C   1 
ATOM   1008 O  O   . LYS A 1 148 ? 7.442   0.768   8.212   1.00 29.11 ? 235 LYS A O   1 
ATOM   1009 C  CB  . LYS A 1 148 ? 8.880   3.542   7.150   1.00 32.09 ? 235 LYS A CB  1 
ATOM   1010 C  CG  . LYS A 1 148 ? 9.357   4.817   7.840   1.00 34.36 ? 235 LYS A CG  1 
ATOM   1011 C  CD  . LYS A 1 148 ? 8.336   5.280   8.873   1.00 36.62 ? 235 LYS A CD  1 
ATOM   1012 C  CE  . LYS A 1 148 ? 6.992   5.648   8.219   1.00 35.79 ? 235 LYS A CE  1 
ATOM   1013 N  NZ  . LYS A 1 148 ? 6.073   6.288   9.212   1.00 36.20 ? 235 LYS A NZ  1 
ATOM   1014 N  N   . VAL A 1 149 ? 8.690   0.484   6.369   1.00 25.24 ? 236 VAL A N   1 
ATOM   1015 C  CA  . VAL A 1 149 ? 7.937   -0.678  5.913   1.00 24.54 ? 236 VAL A CA  1 
ATOM   1016 C  C   . VAL A 1 149 ? 8.447   -1.852  6.744   1.00 24.20 ? 236 VAL A C   1 
ATOM   1017 O  O   . VAL A 1 149 ? 9.644   -2.126  6.781   1.00 25.80 ? 236 VAL A O   1 
ATOM   1018 C  CB  . VAL A 1 149 ? 8.180   -0.947  4.405   1.00 24.75 ? 236 VAL A CB  1 
ATOM   1019 C  CG1 . VAL A 1 149 ? 7.466   -2.221  3.970   1.00 21.92 ? 236 VAL A CG1 1 
ATOM   1020 C  CG2 . VAL A 1 149 ? 7.686   0.230   3.595   1.00 27.36 ? 236 VAL A CG2 1 
ATOM   1021 N  N   . LEU A 1 150 ? 7.527   -2.520  7.424   1.00 22.50 ? 237 LEU A N   1 
ATOM   1022 C  CA  . LEU A 1 150 ? 7.852   -3.658  8.265   1.00 22.04 ? 237 LEU A CA  1 
ATOM   1023 C  C   . LEU A 1 150 ? 7.752   -4.975  7.495   1.00 22.46 ? 237 LEU A C   1 
ATOM   1024 O  O   . LEU A 1 150 ? 8.476   -5.923  7.793   1.00 20.00 ? 237 LEU A O   1 
ATOM   1025 C  CB  . LEU A 1 150 ? 6.916   -3.684  9.473   1.00 23.59 ? 237 LEU A CB  1 
ATOM   1026 C  CG  . LEU A 1 150 ? 7.080   -4.826  10.487  1.00 26.63 ? 237 LEU A CG  1 
ATOM   1027 C  CD1 . LEU A 1 150 ? 8.479   -4.825  11.101  1.00 26.47 ? 237 LEU A CD1 1 
ATOM   1028 C  CD2 . LEU A 1 150 ? 6.037   -4.660  11.569  1.00 26.10 ? 237 LEU A CD2 1 
ATOM   1029 N  N   . ARG A 1 151 ? 6.852   -5.037  6.515   1.00 19.22 ? 238 ARG A N   1 
ATOM   1030 C  CA  . ARG A 1 151 ? 6.677   -6.244  5.706   1.00 19.52 ? 238 ARG A CA  1 
ATOM   1031 C  C   . ARG A 1 151 ? 5.908   -5.946  4.428   1.00 19.25 ? 238 ARG A C   1 
ATOM   1032 O  O   . ARG A 1 151 ? 5.196   -4.941  4.331   1.00 18.39 ? 238 ARG A O   1 
ATOM   1033 C  CB  . ARG A 1 151 ? 5.890   -7.316  6.480   1.00 18.93 ? 238 ARG A CB  1 
ATOM   1034 C  CG  . ARG A 1 151 ? 4.405   -7.003  6.595   1.00 19.59 ? 238 ARG A CG  1 
ATOM   1035 C  CD  . ARG A 1 151 ? 3.603   -8.110  7.271   1.00 20.01 ? 238 ARG A CD  1 
ATOM   1036 N  NE  . ARG A 1 151 ? 2.208   -7.706  7.428   1.00 21.39 ? 238 ARG A NE  1 
ATOM   1037 C  CZ  . ARG A 1 151 ? 1.306   -8.357  8.158   1.00 24.12 ? 238 ARG A CZ  1 
ATOM   1038 N  NH1 . ARG A 1 151 ? 1.646   -9.459  8.810   1.00 24.09 ? 238 ARG A NH1 1 
ATOM   1039 N  NH2 . ARG A 1 151 ? 0.060   -7.900  8.238   1.00 24.03 ? 238 ARG A NH2 1 
ATOM   1040 N  N   . VAL A 1 152 ? 6.080   -6.818  3.444   1.00 18.30 ? 239 VAL A N   1 
ATOM   1041 C  CA  . VAL A 1 152 ? 5.348   -6.703  2.200   1.00 18.96 ? 239 VAL A CA  1 
ATOM   1042 C  C   . VAL A 1 152 ? 4.564   -8.005  2.144   1.00 19.80 ? 239 VAL A C   1 
ATOM   1043 O  O   . VAL A 1 152 ? 5.014   -9.044  2.645   1.00 18.53 ? 239 VAL A O   1 
ATOM   1044 C  CB  . VAL A 1 152 ? 6.272   -6.556  0.964   1.00 19.57 ? 239 VAL A CB  1 
ATOM   1045 C  CG1 . VAL A 1 152 ? 7.008   -5.215  1.030   1.00 20.05 ? 239 VAL A CG1 1 
ATOM   1046 C  CG2 . VAL A 1 152 ? 7.265   -7.708  0.888   1.00 19.12 ? 239 VAL A CG2 1 
ATOM   1047 N  N   . VAL A 1 153 ? 3.375   -7.933  1.571   1.00 19.00 ? 240 VAL A N   1 
ATOM   1048 C  CA  . VAL A 1 153 ? 2.502   -9.085  1.481   1.00 17.84 ? 240 VAL A CA  1 
ATOM   1049 C  C   . VAL A 1 153 ? 1.978   -9.264  0.069   1.00 19.50 ? 240 VAL A C   1 
ATOM   1050 O  O   . VAL A 1 153 ? 1.772   -8.287  -0.663  1.00 17.06 ? 240 VAL A O   1 
ATOM   1051 C  CB  . VAL A 1 153 ? 1.302   -8.931  2.439   1.00 19.01 ? 240 VAL A CB  1 
ATOM   1052 C  CG1 . VAL A 1 153 ? 0.339   -10.122 2.283   1.00 19.86 ? 240 VAL A CG1 1 
ATOM   1053 C  CG2 . VAL A 1 153 ? 1.796   -8.805  3.883   1.00 17.36 ? 240 VAL A CG2 1 
ATOM   1054 N  N   . GLY A 1 154 ? 1.788   -10.524 -0.308  1.00 19.70 ? 241 GLY A N   1 
ATOM   1055 C  CA  . GLY A 1 154 ? 1.250   -10.862 -1.613  1.00 19.41 ? 241 GLY A CA  1 
ATOM   1056 C  C   . GLY A 1 154 ? 0.056   -11.782 -1.409  1.00 19.91 ? 241 GLY A C   1 
ATOM   1057 O  O   . GLY A 1 154 ? 0.098   -12.683 -0.574  1.00 18.79 ? 241 GLY A O   1 
HETATM 1058 N  N   . MSE A 1 155 ? -1.029  -11.536 -2.130  1.00 20.34 ? 242 MSE A N   1 
HETATM 1059 C  CA  . MSE A 1 155 ? -2.221  -12.382 -2.035  1.00 24.82 ? 242 MSE A CA  1 
HETATM 1060 C  C   . MSE A 1 155 ? -2.817  -12.465 -3.436  1.00 28.16 ? 242 MSE A C   1 
HETATM 1061 O  O   . MSE A 1 155 ? -3.056  -11.432 -4.065  1.00 26.07 ? 242 MSE A O   1 
HETATM 1062 C  CB  . MSE A 1 155 ? -3.260  -11.784 -1.077  1.00 26.97 ? 242 MSE A CB  1 
HETATM 1063 C  CG  . MSE A 1 155 ? -2.891  -11.840 0.403   1.00 32.46 ? 242 MSE A CG  1 
HETATM 1064 SE SE  . MSE A 1 155 ? -4.224  -11.046 1.565   1.00 42.67 ? 242 MSE A SE  1 
HETATM 1065 C  CE  . MSE A 1 155 ? -5.662  -12.336 1.329   1.00 36.42 ? 242 MSE A CE  1 
ATOM   1066 N  N   . ALA A 1 156 ? -3.038  -13.686 -3.925  1.00 29.38 ? 243 ALA A N   1 
ATOM   1067 C  CA  . ALA A 1 156 ? -3.606  -13.901 -5.253  1.00 32.88 ? 243 ALA A CA  1 
ATOM   1068 C  C   . ALA A 1 156 ? -4.511  -15.132 -5.268  1.00 35.76 ? 243 ALA A C   1 
ATOM   1069 O  O   . ALA A 1 156 ? -4.074  -16.238 -4.963  1.00 34.20 ? 243 ALA A O   1 
ATOM   1070 C  CB  . ALA A 1 156 ? -2.495  -14.061 -6.278  1.00 29.34 ? 243 ALA A CB  1 
ATOM   1071 N  N   . ALA A 1 157 ? -5.776  -14.941 -5.621  1.00 42.27 ? 244 ALA A N   1 
ATOM   1072 C  CA  . ALA A 1 157 ? -6.716  -16.060 -5.661  1.00 47.79 ? 244 ALA A CA  1 
ATOM   1073 C  C   . ALA A 1 157 ? -6.701  -16.733 -7.032  1.00 51.08 ? 244 ALA A C   1 
ATOM   1074 O  O   . ALA A 1 157 ? -6.582  -16.053 -8.050  1.00 50.46 ? 244 ALA A O   1 
ATOM   1075 C  CB  . ALA A 1 157 ? -8.122  -15.570 -5.334  1.00 48.53 ? 244 ALA A CB  1 
ATOM   1076 N  N   . THR A 1 158 ? -6.815  -18.064 -7.048  1.00 54.89 ? 245 THR A N   1 
ATOM   1077 C  CA  . THR A 1 158 ? -6.832  -18.859 -8.286  1.00 57.70 ? 245 THR A CA  1 
ATOM   1078 C  C   . THR A 1 158 ? -7.272  -18.063 -9.526  1.00 58.31 ? 245 THR A C   1 
ATOM   1079 O  O   . THR A 1 158 ? -8.428  -17.648 -9.652  1.00 59.23 ? 245 THR A O   1 
ATOM   1080 C  CB  . THR A 1 158 ? -7.752  -20.120 -8.128  1.00 59.87 ? 245 THR A CB  1 
ATOM   1081 O  OG1 . THR A 1 158 ? -6.949  -21.272 -7.837  1.00 62.90 ? 245 THR A OG1 1 
ATOM   1082 C  CG2 . THR A 1 158 ? -8.565  -20.381 -9.393  1.00 60.82 ? 245 THR A CG2 1 
ATOM   1083 N  N   . ASP A 1 168 ? -17.247 -10.097 -13.826 1.00 62.38 ? 255 ASP A N   1 
ATOM   1084 C  CA  . ASP A 1 168 ? -16.411 -8.949  -13.493 1.00 61.31 ? 255 ASP A CA  1 
ATOM   1085 C  C   . ASP A 1 168 ? -15.848 -9.067  -12.079 1.00 59.76 ? 255 ASP A C   1 
ATOM   1086 O  O   . ASP A 1 168 ? -16.019 -8.170  -11.249 1.00 59.57 ? 255 ASP A O   1 
ATOM   1087 C  CB  . ASP A 1 168 ? -17.220 -7.658  -13.636 1.00 63.11 ? 255 ASP A CB  1 
ATOM   1088 C  CG  . ASP A 1 168 ? -17.538 -7.329  -15.085 1.00 65.25 ? 255 ASP A CG  1 
ATOM   1089 O  OD1 . ASP A 1 168 ? -17.995 -8.236  -15.812 1.00 67.01 ? 255 ASP A OD1 1 
ATOM   1090 O  OD2 . ASP A 1 168 ? -17.334 -6.166  -15.495 1.00 66.46 ? 255 ASP A OD2 1 
ATOM   1091 N  N   . ALA A 1 169 ? -15.166 -10.179 -11.821 1.00 56.71 ? 256 ALA A N   1 
ATOM   1092 C  CA  . ALA A 1 169 ? -14.582 -10.437 -10.511 1.00 53.43 ? 256 ALA A CA  1 
ATOM   1093 C  C   . ALA A 1 169 ? -13.117 -10.019 -10.378 1.00 50.13 ? 256 ALA A C   1 
ATOM   1094 O  O   . ALA A 1 169 ? -12.442 -10.433 -9.435  1.00 49.65 ? 256 ALA A O   1 
ATOM   1095 C  CB  . ALA A 1 169 ? -14.732 -11.915 -10.160 1.00 54.31 ? 256 ALA A CB  1 
ATOM   1096 N  N   . ILE A 1 170 ? -12.616 -9.211  -11.310 1.00 46.75 ? 257 ILE A N   1 
ATOM   1097 C  CA  . ILE A 1 170 ? -11.230 -8.761  -11.213 1.00 43.24 ? 257 ILE A CA  1 
ATOM   1098 C  C   . ILE A 1 170 ? -11.086 -7.840  -10.009 1.00 40.43 ? 257 ILE A C   1 
ATOM   1099 O  O   . ILE A 1 170 ? -11.807 -6.853  -9.876  1.00 38.25 ? 257 ILE A O   1 
ATOM   1100 C  CB  . ILE A 1 170 ? -10.765 -7.977  -12.461 1.00 43.94 ? 257 ILE A CB  1 
ATOM   1101 C  CG1 . ILE A 1 170 ? -10.593 -8.927  -13.647 1.00 45.32 ? 257 ILE A CG1 1 
ATOM   1102 C  CG2 . ILE A 1 170 ? -9.441  -7.266  -12.165 1.00 42.57 ? 257 ILE A CG2 1 
ATOM   1103 C  CD1 . ILE A 1 170 ? -10.096 -8.239  -14.914 1.00 46.30 ? 257 ILE A CD1 1 
ATOM   1104 N  N   . ASN A 1 171 ? -10.145 -8.167  -9.134  1.00 37.77 ? 258 ASN A N   1 
ATOM   1105 C  CA  . ASN A 1 171 ? -9.908  -7.362  -7.950  1.00 34.59 ? 258 ASN A CA  1 
ATOM   1106 C  C   . ASN A 1 171 ? -8.413  -7.207  -7.681  1.00 31.95 ? 258 ASN A C   1 
ATOM   1107 O  O   . ASN A 1 171 ? -7.737  -8.140  -7.229  1.00 31.32 ? 258 ASN A O   1 
ATOM   1108 C  CB  . ASN A 1 171 ? -10.628 -7.995  -6.761  1.00 37.13 ? 258 ASN A CB  1 
ATOM   1109 C  CG  . ASN A 1 171 ? -10.299 -7.323  -5.455  1.00 42.44 ? 258 ASN A CG  1 
ATOM   1110 O  OD1 . ASN A 1 171 ? -9.884  -6.159  -5.420  1.00 41.85 ? 258 ASN A OD1 1 
ATOM   1111 N  ND2 . ASN A 1 171 ? -10.498 -8.049  -4.358  1.00 42.14 ? 258 ASN A ND2 1 
ATOM   1112 N  N   . ARG A 1 172 ? -7.897  -6.025  -7.993  1.00 26.74 ? 259 ARG A N   1 
ATOM   1113 C  CA  . ARG A 1 172 ? -6.486  -5.732  -7.791  1.00 24.85 ? 259 ARG A CA  1 
ATOM   1114 C  C   . ARG A 1 172 ? -6.346  -4.451  -6.997  1.00 24.42 ? 259 ARG A C   1 
ATOM   1115 O  O   . ARG A 1 172 ? -7.067  -3.474  -7.226  1.00 19.58 ? 259 ARG A O   1 
ATOM   1116 C  CB  . ARG A 1 172 ? -5.759  -5.568  -9.127  1.00 26.30 ? 259 ARG A CB  1 
ATOM   1117 C  CG  . ARG A 1 172 ? -5.873  -6.755  -10.072 1.00 28.89 ? 259 ARG A CG  1 
ATOM   1118 C  CD  . ARG A 1 172 ? -4.900  -6.609  -11.233 1.00 28.38 ? 259 ARG A CD  1 
ATOM   1119 N  NE  . ARG A 1 172 ? -5.038  -5.316  -11.894 1.00 29.80 ? 259 ARG A NE  1 
ATOM   1120 C  CZ  . ARG A 1 172 ? -5.637  -5.126  -13.066 1.00 34.23 ? 259 ARG A CZ  1 
ATOM   1121 N  NH1 . ARG A 1 172 ? -6.155  -6.157  -13.722 1.00 33.89 ? 259 ARG A NH1 1 
ATOM   1122 N  NH2 . ARG A 1 172 ? -5.731  -3.901  -13.580 1.00 32.87 ? 259 ARG A NH2 1 
ATOM   1123 N  N   . ARG A 1 173 ? -5.421  -4.456  -6.049  1.00 19.89 ? 260 ARG A N   1 
ATOM   1124 C  CA  . ARG A 1 173 ? -5.211  -3.268  -5.253  1.00 22.03 ? 260 ARG A CA  1 
ATOM   1125 C  C   . ARG A 1 173 ? -3.959  -3.347  -4.411  1.00 22.00 ? 260 ARG A C   1 
ATOM   1126 O  O   . ARG A 1 173 ? -3.444  -4.433  -4.136  1.00 21.14 ? 260 ARG A O   1 
ATOM   1127 C  CB  . ARG A 1 173 ? -6.423  -3.008  -4.363  1.00 25.75 ? 260 ARG A CB  1 
ATOM   1128 C  CG  . ARG A 1 173 ? -6.751  -4.120  -3.381  1.00 31.37 ? 260 ARG A CG  1 
ATOM   1129 C  CD  . ARG A 1 173 ? -8.157  -3.905  -2.835  1.00 35.73 ? 260 ARG A CD  1 
ATOM   1130 N  NE  . ARG A 1 173 ? -8.507  -4.829  -1.757  1.00 42.47 ? 260 ARG A NE  1 
ATOM   1131 C  CZ  . ARG A 1 173 ? -8.958  -6.070  -1.932  1.00 43.75 ? 260 ARG A CZ  1 
ATOM   1132 N  NH1 . ARG A 1 173 ? -9.123  -6.560  -3.147  1.00 46.37 ? 260 ARG A NH1 1 
ATOM   1133 N  NH2 . ARG A 1 173 ? -9.261  -6.821  -0.884  1.00 46.16 ? 260 ARG A NH2 1 
ATOM   1134 N  N   . ILE A 1 174 ? -3.457  -2.172  -4.045  1.00 20.58 ? 261 ILE A N   1 
ATOM   1135 C  CA  . ILE A 1 174 ? -2.288  -2.049  -3.196  1.00 21.99 ? 261 ILE A CA  1 
ATOM   1136 C  C   . ILE A 1 174 ? -2.839  -1.491  -1.900  1.00 22.86 ? 261 ILE A C   1 
ATOM   1137 O  O   . ILE A 1 174 ? -3.552  -0.483  -1.908  1.00 21.95 ? 261 ILE A O   1 
ATOM   1138 C  CB  . ILE A 1 174 ? -1.271  -1.054  -3.775  1.00 20.75 ? 261 ILE A CB  1 
ATOM   1139 C  CG1 . ILE A 1 174 ? -0.579  -1.682  -4.985  1.00 20.12 ? 261 ILE A CG1 1 
ATOM   1140 C  CG2 . ILE A 1 174 ? -0.267  -0.623  -2.693  1.00 20.58 ? 261 ILE A CG2 1 
ATOM   1141 C  CD1 . ILE A 1 174 ? 0.306   -2.887  -4.652  1.00 22.67 ? 261 ILE A CD1 1 
ATOM   1142 N  N   . SER A 1 175 ? -2.529  -2.163  -0.794  1.00 22.66 ? 262 SER A N   1 
ATOM   1143 C  CA  . SER A 1 175 ? -2.993  -1.742  0.516   1.00 24.18 ? 262 SER A CA  1 
ATOM   1144 C  C   . SER A 1 175 ? -1.800  -1.294  1.340   1.00 24.35 ? 262 SER A C   1 
ATOM   1145 O  O   . SER A 1 175 ? -0.784  -1.983  1.408   1.00 23.85 ? 262 SER A O   1 
ATOM   1146 C  CB  . SER A 1 175 ? -3.705  -2.890  1.229   1.00 26.01 ? 262 SER A CB  1 
ATOM   1147 O  OG  . SER A 1 175 ? -4.808  -3.332  0.466   1.00 35.31 ? 262 SER A OG  1 
ATOM   1148 N  N   . LEU A 1 176 ? -1.939  -0.132  1.960   1.00 22.09 ? 263 LEU A N   1 
ATOM   1149 C  CA  . LEU A 1 176 ? -0.887  0.429   2.776   1.00 23.29 ? 263 LEU A CA  1 
ATOM   1150 C  C   . LEU A 1 176 ? -1.485  0.587   4.170   1.00 23.13 ? 263 LEU A C   1 
ATOM   1151 O  O   . LEU A 1 176 ? -2.353  1.436   4.393   1.00 22.62 ? 263 LEU A O   1 
ATOM   1152 C  CB  . LEU A 1 176 ? -0.469  1.776   2.181   1.00 26.58 ? 263 LEU A CB  1 
ATOM   1153 C  CG  . LEU A 1 176 ? 0.924   2.325   2.464   1.00 31.00 ? 263 LEU A CG  1 
ATOM   1154 C  CD1 . LEU A 1 176 ? 1.266   3.395   1.432   1.00 30.44 ? 263 LEU A CD1 1 
ATOM   1155 C  CD2 . LEU A 1 176 ? 0.974   2.893   3.878   1.00 33.91 ? 263 LEU A CD2 1 
ATOM   1156 N  N   . LEU A 1 177 ? -1.037  -0.255  5.094   1.00 20.72 ? 264 LEU A N   1 
ATOM   1157 C  CA  . LEU A 1 177 ? -1.535  -0.228  6.462   1.00 20.77 ? 264 LEU A CA  1 
ATOM   1158 C  C   . LEU A 1 177 ? -0.544  0.387   7.430   1.00 23.12 ? 264 LEU A C   1 
ATOM   1159 O  O   . LEU A 1 177 ? 0.519   -0.177  7.686   1.00 21.67 ? 264 LEU A O   1 
ATOM   1160 C  CB  . LEU A 1 177 ? -1.868  -1.646  6.920   1.00 23.65 ? 264 LEU A CB  1 
ATOM   1161 C  CG  . LEU A 1 177 ? -2.320  -1.836  8.368   1.00 24.97 ? 264 LEU A CG  1 
ATOM   1162 C  CD1 . LEU A 1 177 ? -3.514  -0.936  8.685   1.00 25.33 ? 264 LEU A CD1 1 
ATOM   1163 C  CD2 . LEU A 1 177 ? -2.681  -3.304  8.573   1.00 29.03 ? 264 LEU A CD2 1 
ATOM   1164 N  N   . VAL A 1 178 ? -0.891  1.563   7.942   1.00 23.05 ? 265 VAL A N   1 
ATOM   1165 C  CA  . VAL A 1 178 ? -0.067  2.269   8.918   1.00 23.11 ? 265 VAL A CA  1 
ATOM   1166 C  C   . VAL A 1 178 ? -0.488  1.628   10.236  1.00 23.91 ? 265 VAL A C   1 
ATOM   1167 O  O   . VAL A 1 178 ? -1.580  1.876   10.739  1.00 21.69 ? 265 VAL A O   1 
ATOM   1168 C  CB  . VAL A 1 178 ? -0.384  3.781   8.911   1.00 22.50 ? 265 VAL A CB  1 
ATOM   1169 C  CG1 . VAL A 1 178 ? 0.529   4.523   9.880   1.00 22.67 ? 265 VAL A CG1 1 
ATOM   1170 C  CG2 . VAL A 1 178 ? -0.186  4.332   7.507   1.00 22.76 ? 265 VAL A CG2 1 
ATOM   1171 N  N   . LEU A 1 179 ? 0.391   0.785   10.767  1.00 23.16 ? 266 LEU A N   1 
ATOM   1172 C  CA  . LEU A 1 179 ? 0.137   0.015   11.985  1.00 26.61 ? 266 LEU A CA  1 
ATOM   1173 C  C   . LEU A 1 179 ? 0.207   0.731   13.327  1.00 26.82 ? 266 LEU A C   1 
ATOM   1174 O  O   . LEU A 1 179 ? 1.119   1.518   13.567  1.00 26.32 ? 266 LEU A O   1 
ATOM   1175 C  CB  . LEU A 1 179 ? 1.122   -1.154  12.043  1.00 25.75 ? 266 LEU A CB  1 
ATOM   1176 C  CG  . LEU A 1 179 ? 1.165   -2.103  10.846  1.00 26.42 ? 266 LEU A CG  1 
ATOM   1177 C  CD1 . LEU A 1 179 ? 2.516   -2.816  10.793  1.00 27.44 ? 266 LEU A CD1 1 
ATOM   1178 C  CD2 . LEU A 1 179 ? 0.017   -3.100  10.953  1.00 25.84 ? 266 LEU A CD2 1 
ATOM   1179 N  N   . ASN A 1 180 ? -0.755  0.450   14.204  1.00 29.34 ? 267 ASN A N   1 
ATOM   1180 C  CA  . ASN A 1 180 ? -0.700  1.020   15.545  1.00 32.79 ? 267 ASN A CA  1 
ATOM   1181 C  C   . ASN A 1 180 ? 0.281   0.108   16.290  1.00 35.32 ? 267 ASN A C   1 
ATOM   1182 O  O   . ASN A 1 180 ? 0.553   -1.013  15.843  1.00 33.22 ? 267 ASN A O   1 
ATOM   1183 C  CB  . ASN A 1 180 ? -2.076  1.039   16.239  1.00 33.03 ? 267 ASN A CB  1 
ATOM   1184 C  CG  . ASN A 1 180 ? -2.787  -0.301  16.208  1.00 34.75 ? 267 ASN A CG  1 
ATOM   1185 O  OD1 . ASN A 1 180 ? -2.192  -1.346  16.469  1.00 37.47 ? 267 ASN A OD1 1 
ATOM   1186 N  ND2 . ASN A 1 180 ? -4.083  -0.271  15.910  1.00 33.43 ? 267 ASN A ND2 1 
ATOM   1187 N  N   . LYS A 1 181 ? 0.818   0.586   17.409  1.00 38.01 ? 268 LYS A N   1 
ATOM   1188 C  CA  . LYS A 1 181 ? 1.798   -0.184  18.170  1.00 39.23 ? 268 LYS A CA  1 
ATOM   1189 C  C   . LYS A 1 181 ? 1.405   -1.636  18.372  1.00 39.42 ? 268 LYS A C   1 
ATOM   1190 O  O   . LYS A 1 181 ? 2.194   -2.542  18.114  1.00 40.23 ? 268 LYS A O   1 
ATOM   1191 C  CB  . LYS A 1 181 ? 2.049   0.460   19.533  1.00 41.76 ? 268 LYS A CB  1 
ATOM   1192 C  CG  . LYS A 1 181 ? 3.380   0.053   20.138  1.00 44.74 ? 268 LYS A CG  1 
ATOM   1193 C  CD  . LYS A 1 181 ? 4.524   0.544   19.257  1.00 47.78 ? 268 LYS A CD  1 
ATOM   1194 C  CE  . LYS A 1 181 ? 5.874   0.065   19.757  1.00 50.01 ? 268 LYS A CE  1 
ATOM   1195 N  NZ  . LYS A 1 181 ? 6.975   0.608   18.911  1.00 50.24 ? 268 LYS A NZ  1 
ATOM   1196 N  N   . GLN A 1 182 ? 0.187   -1.856  18.847  1.00 39.72 ? 269 GLN A N   1 
ATOM   1197 C  CA  . GLN A 1 182 ? -0.301  -3.206  19.076  1.00 40.41 ? 269 GLN A CA  1 
ATOM   1198 C  C   . GLN A 1 182 ? -0.038  -4.120  17.879  1.00 39.96 ? 269 GLN A C   1 
ATOM   1199 O  O   . GLN A 1 182 ? 0.694   -5.105  17.992  1.00 39.32 ? 269 GLN A O   1 
ATOM   1200 C  CB  . GLN A 1 182 ? -1.802  -3.177  19.374  1.00 44.11 ? 269 GLN A CB  1 
ATOM   1201 C  CG  . GLN A 1 182 ? -2.518  -4.478  19.048  1.00 48.41 ? 269 GLN A CG  1 
ATOM   1202 C  CD  . GLN A 1 182 ? -3.181  -5.108  20.249  1.00 52.47 ? 269 GLN A CD  1 
ATOM   1203 O  OE1 . GLN A 1 182 ? -4.080  -4.524  20.859  1.00 55.15 ? 269 GLN A OE1 1 
ATOM   1204 N  NE2 . GLN A 1 182 ? -2.745  -6.313  20.596  1.00 55.43 ? 269 GLN A NE2 1 
ATOM   1205 N  N   . ALA A 1 183 ? -0.635  -3.787  16.737  1.00 36.63 ? 270 ALA A N   1 
ATOM   1206 C  CA  . ALA A 1 183 ? -0.483  -4.585  15.522  1.00 35.79 ? 270 ALA A CA  1 
ATOM   1207 C  C   . ALA A 1 183 ? 0.978   -4.804  15.142  1.00 35.83 ? 270 ALA A C   1 
ATOM   1208 O  O   . ALA A 1 183 ? 1.358   -5.892  14.707  1.00 35.47 ? 270 ALA A O   1 
ATOM   1209 C  CB  . ALA A 1 183 ? -1.237  -3.921  14.364  1.00 35.31 ? 270 ALA A CB  1 
ATOM   1210 N  N   . GLU A 1 184 ? 1.796   -3.770  15.301  1.00 37.26 ? 271 GLU A N   1 
ATOM   1211 C  CA  . GLU A 1 184 ? 3.214   -3.869  14.983  1.00 38.93 ? 271 GLU A CA  1 
ATOM   1212 C  C   . GLU A 1 184 ? 3.904   -4.916  15.851  1.00 40.93 ? 271 GLU A C   1 
ATOM   1213 O  O   . GLU A 1 184 ? 4.696   -5.721  15.357  1.00 39.96 ? 271 GLU A O   1 
ATOM   1214 C  CB  . GLU A 1 184 ? 3.905   -2.521  15.185  1.00 40.61 ? 271 GLU A CB  1 
ATOM   1215 C  CG  . GLU A 1 184 ? 5.409   -2.653  15.383  1.00 44.49 ? 271 GLU A CG  1 
ATOM   1216 C  CD  . GLU A 1 184 ? 6.131   -1.328  15.395  1.00 47.66 ? 271 GLU A CD  1 
ATOM   1217 O  OE1 . GLU A 1 184 ? 5.466   -0.275  15.300  1.00 50.03 ? 271 GLU A OE1 1 
ATOM   1218 O  OE2 . GLU A 1 184 ? 7.375   -1.339  15.499  1.00 50.94 ? 271 GLU A OE2 1 
ATOM   1219 N  N   . GLN A 1 185 ? 3.607   -4.885  17.146  1.00 42.28 ? 272 GLN A N   1 
ATOM   1220 C  CA  . GLN A 1 185 ? 4.194   -5.822  18.097  1.00 44.45 ? 272 GLN A CA  1 
ATOM   1221 C  C   . GLN A 1 185 ? 3.722   -7.248  17.822  1.00 44.62 ? 272 GLN A C   1 
ATOM   1222 O  O   . GLN A 1 185 ? 4.512   -8.189  17.880  1.00 44.60 ? 272 GLN A O   1 
ATOM   1223 C  CB  . GLN A 1 185 ? 3.818   -5.423  19.526  1.00 46.49 ? 272 GLN A CB  1 
ATOM   1224 C  CG  . GLN A 1 185 ? 4.197   -3.994  19.894  1.00 50.07 ? 272 GLN A CG  1 
ATOM   1225 C  CD  . GLN A 1 185 ? 5.695   -3.764  19.905  1.00 52.17 ? 272 GLN A CD  1 
ATOM   1226 O  OE1 . GLN A 1 185 ? 6.413   -4.318  20.739  1.00 54.35 ? 272 GLN A OE1 1 
ATOM   1227 N  NE2 . GLN A 1 185 ? 6.176   -2.944  18.974  1.00 52.85 ? 272 GLN A NE2 1 
ATOM   1228 N  N   . ALA A 1 186 ? 2.434   -7.402  17.525  1.00 44.77 ? 273 ALA A N   1 
ATOM   1229 C  CA  . ALA A 1 186 ? 1.876   -8.719  17.242  1.00 44.09 ? 273 ALA A CA  1 
ATOM   1230 C  C   . ALA A 1 186 ? 2.589   -9.330  16.043  1.00 44.87 ? 273 ALA A C   1 
ATOM   1231 O  O   . ALA A 1 186 ? 2.812   -10.540 15.992  1.00 44.38 ? 273 ALA A O   1 
ATOM   1232 C  CB  . ALA A 1 186 ? 0.380   -8.615  16.969  1.00 43.91 ? 273 ALA A CB  1 
ATOM   1233 N  N   . ILE A 1 187 ? 2.948   -8.486  15.079  1.00 44.27 ? 274 ILE A N   1 
ATOM   1234 C  CA  . ILE A 1 187 ? 3.637   -8.951  13.879  1.00 43.75 ? 274 ILE A CA  1 
ATOM   1235 C  C   . ILE A 1 187 ? 5.067   -9.362  14.214  1.00 44.81 ? 274 ILE A C   1 
ATOM   1236 O  O   . ILE A 1 187 ? 5.558   -10.384 13.731  1.00 44.54 ? 274 ILE A O   1 
ATOM   1237 C  CB  . ILE A 1 187 ? 3.668   -7.853  12.775  1.00 42.54 ? 274 ILE A CB  1 
ATOM   1238 C  CG1 . ILE A 1 187 ? 2.248   -7.596  12.248  1.00 41.63 ? 274 ILE A CG1 1 
ATOM   1239 C  CG2 . ILE A 1 187 ? 4.593   -8.279  11.636  1.00 41.98 ? 274 ILE A CG2 1 
ATOM   1240 C  CD1 . ILE A 1 187 ? 2.157   -6.482  11.200  1.00 39.60 ? 274 ILE A CD1 1 
ATOM   1241 N  N   . LEU A 1 188 ? 5.729   -8.563  15.047  1.00 45.90 ? 275 LEU A N   1 
ATOM   1242 C  CA  . LEU A 1 188 ? 7.104   -8.843  15.442  1.00 47.43 ? 275 LEU A CA  1 
ATOM   1243 C  C   . LEU A 1 188 ? 7.212   -10.105 16.295  1.00 49.71 ? 275 LEU A C   1 
ATOM   1244 O  O   . LEU A 1 188 ? 8.233   -10.786 16.263  1.00 49.37 ? 275 LEU A O   1 
ATOM   1245 C  CB  . LEU A 1 188 ? 7.685   -7.655  16.213  1.00 45.85 ? 275 LEU A CB  1 
ATOM   1246 C  CG  . LEU A 1 188 ? 7.805   -6.343  15.438  1.00 45.18 ? 275 LEU A CG  1 
ATOM   1247 C  CD1 . LEU A 1 188 ? 8.213   -5.217  16.379  1.00 45.87 ? 275 LEU A CD1 1 
ATOM   1248 C  CD2 . LEU A 1 188 ? 8.819   -6.509  14.321  1.00 43.45 ? 275 LEU A CD2 1 
ATOM   1249 N  N   . HIS A 1 189 ? 6.164   -10.418 17.053  1.00 52.54 ? 276 HIS A N   1 
ATOM   1250 C  CA  . HIS A 1 189 ? 6.173   -11.603 17.904  1.00 55.88 ? 276 HIS A CA  1 
ATOM   1251 C  C   . HIS A 1 189 ? 5.898   -12.875 17.124  1.00 57.64 ? 276 HIS A C   1 
ATOM   1252 O  O   . HIS A 1 189 ? 6.445   -13.941 17.426  1.00 58.58 ? 276 HIS A O   1 
ATOM   1253 C  CB  . HIS A 1 189 ? 5.143   -11.468 19.021  1.00 57.59 ? 276 HIS A CB  1 
ATOM   1254 C  CG  . HIS A 1 189 ? 5.531   -10.480 20.072  1.00 60.97 ? 276 HIS A CG  1 
ATOM   1255 N  ND1 . HIS A 1 189 ? 6.836   -10.090 20.277  1.00 62.57 ? 276 HIS A ND1 1 
ATOM   1256 C  CD2 . HIS A 1 189 ? 4.791   -9.841  21.008  1.00 62.08 ? 276 HIS A CD2 1 
ATOM   1257 C  CE1 . HIS A 1 189 ? 6.884   -9.250  21.298  1.00 62.76 ? 276 HIS A CE1 1 
ATOM   1258 N  NE2 . HIS A 1 189 ? 5.661   -9.083  21.758  1.00 63.22 ? 276 HIS A NE2 1 
ATOM   1259 N  N   . GLU A 1 190 ? 5.029   -12.744 16.131  1.00 59.15 ? 277 GLU A N   1 
ATOM   1260 C  CA  . GLU A 1 190 ? 4.632   -13.835 15.254  1.00 61.02 ? 277 GLU A CA  1 
ATOM   1261 C  C   . GLU A 1 190 ? 5.752   -14.169 14.267  1.00 61.76 ? 277 GLU A C   1 
ATOM   1262 O  O   . GLU A 1 190 ? 5.787   -15.266 13.708  1.00 61.80 ? 277 GLU A O   1 
ATOM   1263 C  CB  . GLU A 1 190 ? 3.375   -13.422 14.487  1.00 62.32 ? 277 GLU A CB  1 
ATOM   1264 C  CG  . GLU A 1 190 ? 3.050   -14.284 13.290  1.00 64.00 ? 277 GLU A CG  1 
ATOM   1265 C  CD  . GLU A 1 190 ? 2.256   -13.518 12.261  1.00 64.80 ? 277 GLU A CD  1 
ATOM   1266 O  OE1 . GLU A 1 190 ? 1.981   -14.074 11.176  1.00 65.40 ? 277 GLU A OE1 1 
ATOM   1267 O  OE2 . GLU A 1 190 ? 1.907   -12.350 12.540  1.00 65.36 ? 277 GLU A OE2 1 
ATOM   1268 N  N   . ASN A 1 191 ? 6.663   -13.219 14.063  1.00 62.70 ? 278 ASN A N   1 
ATOM   1269 C  CA  . ASN A 1 191 ? 7.781   -13.402 13.141  1.00 63.79 ? 278 ASN A CA  1 
ATOM   1270 C  C   . ASN A 1 191 ? 9.149   -13.660 13.754  1.00 65.45 ? 278 ASN A C   1 
ATOM   1271 O  O   . ASN A 1 191 ? 10.100  -13.912 13.019  1.00 65.51 ? 278 ASN A O   1 
ATOM   1272 C  CB  . ASN A 1 191 ? 7.904   -12.205 12.199  1.00 62.69 ? 278 ASN A CB  1 
ATOM   1273 C  CG  . ASN A 1 191 ? 6.970   -12.300 11.020  1.00 61.83 ? 278 ASN A CG  1 
ATOM   1274 O  OD1 . ASN A 1 191 ? 7.172   -13.104 10.109  1.00 60.89 ? 278 ASN A OD1 1 
ATOM   1275 N  ND2 . ASN A 1 191 ? 5.925   -11.485 11.037  1.00 60.68 ? 278 ASN A ND2 1 
ATOM   1276 N  N   . ALA A 1 192 ? 9.273   -13.584 15.074  1.00 66.74 ? 279 ALA A N   1 
ATOM   1277 C  CA  . ALA A 1 192 ? 10.568  -13.830 15.717  1.00 68.40 ? 279 ALA A CA  1 
ATOM   1278 C  C   . ALA A 1 192 ? 10.856  -15.333 15.776  1.00 69.56 ? 279 ALA A C   1 
ATOM   1279 O  O   . ALA A 1 192 ? 9.930   -16.139 15.672  1.00 69.38 ? 279 ALA A O   1 
ATOM   1280 C  CB  . ALA A 1 192 ? 10.565  -13.252 17.129  1.00 67.95 ? 279 ALA A CB  1 
ATOM   1281 N  N   . GLU A 1 193 ? 12.127  -15.712 15.931  1.00 70.85 ? 280 GLU A N   1 
ATOM   1282 C  CA  . GLU A 1 193 ? 12.492  -17.131 16.037  1.00 72.69 ? 280 GLU A CA  1 
ATOM   1283 C  C   . GLU A 1 193 ? 12.141  -17.632 17.433  1.00 73.35 ? 280 GLU A C   1 
ATOM   1284 O  O   . GLU A 1 193 ? 11.835  -18.810 17.624  1.00 72.89 ? 280 GLU A O   1 
ATOM   1285 C  CB  . GLU A 1 193 ? 13.996  -17.349 15.806  1.00 73.30 ? 280 GLU A CB  1 
ATOM   1286 C  CG  . GLU A 1 193 ? 14.871  -16.139 16.053  1.00 75.01 ? 280 GLU A CG  1 
ATOM   1287 C  CD  . GLU A 1 193 ? 16.333  -16.502 16.149  1.00 75.48 ? 280 GLU A CD  1 
ATOM   1288 O  OE1 . GLU A 1 193 ? 17.181  -15.583 16.087  1.00 75.95 ? 280 GLU A OE1 1 
ATOM   1289 O  OE2 . GLU A 1 193 ? 16.633  -17.708 16.296  1.00 75.89 ? 280 GLU A OE2 1 
ATOM   1290 N  N   . SER A 1 194 ? 12.179  -16.709 18.393  1.00 74.86 ? 281 SER A N   1 
ATOM   1291 C  CA  . SER A 1 194 ? 11.905  -16.987 19.800  1.00 75.99 ? 281 SER A CA  1 
ATOM   1292 C  C   . SER A 1 194 ? 10.472  -17.393 20.129  1.00 76.73 ? 281 SER A C   1 
ATOM   1293 O  O   . SER A 1 194 ? 9.583   -17.329 19.277  1.00 76.72 ? 281 SER A O   1 
ATOM   1294 C  CB  . SER A 1 194 ? 12.275  -15.766 20.649  1.00 75.87 ? 281 SER A CB  1 
ATOM   1295 O  OG  . SER A 1 194 ? 12.897  -14.759 19.871  1.00 75.42 ? 281 SER A OG  1 
ATOM   1296 N  N   . GLN A 1 195 ? 10.266  -17.802 21.384  1.00 77.61 ? 282 GLN A N   1 
ATOM   1297 C  CA  . GLN A 1 195 ? 8.950   -18.216 21.878  1.00 78.53 ? 282 GLN A CA  1 
ATOM   1298 C  C   . GLN A 1 195 ? 8.581   -17.454 23.163  1.00 78.76 ? 282 GLN A C   1 
ATOM   1299 O  O   . GLN A 1 195 ? 7.655   -16.621 23.101  1.00 78.70 ? 282 GLN A O   1 
ATOM   1300 C  CB  . GLN A 1 195 ? 8.938   -19.720 22.171  1.00 79.09 ? 282 GLN A CB  1 
ATOM   1301 C  CG  . GLN A 1 195 ? 9.891   -20.539 21.325  1.00 79.55 ? 282 GLN A CG  1 
ATOM   1302 C  CD  . GLN A 1 195 ? 10.946  -21.232 22.169  1.00 80.29 ? 282 GLN A CD  1 
ATOM   1303 O  OE1 . GLN A 1 195 ? 10.976  -21.080 23.395  1.00 80.29 ? 282 GLN A OE1 1 
ATOM   1304 N  NE2 . GLN A 1 195 ? 11.817  -21.998 21.519  1.00 80.37 ? 282 GLN A NE2 1 
HETATM 1305 O  O   . HOH B 2 .   ? -2.187  -6.115  -8.636  1.00 17.13 ? 298 HOH A O   1 
HETATM 1306 O  O   . HOH B 2 .   ? -5.190  -14.152 -9.467  1.00 32.77 ? 299 HOH A O   1 
HETATM 1307 O  O   . HOH B 2 .   ? 3.700   1.167   14.464  1.00 32.48 ? 300 HOH A O   1 
HETATM 1308 O  O   . HOH B 2 .   ? 9.163   -5.757  -7.852  1.00 26.00 ? 301 HOH A O   1 
HETATM 1309 O  O   . HOH B 2 .   ? -1.789  -6.573  -15.280 1.00 29.83 ? 302 HOH A O   1 
HETATM 1310 O  O   . HOH B 2 .   ? -9.080  1.714   3.054   1.00 26.13 ? 303 HOH A O   1 
HETATM 1311 O  O   . HOH B 2 .   ? -3.000  -8.562  -13.007 1.00 31.79 ? 304 HOH A O   1 
HETATM 1312 O  O   . HOH B 2 .   ? 8.624   1.066   -8.457  1.00 36.56 ? 305 HOH A O   1 
HETATM 1313 O  O   . HOH B 2 .   ? -1.172  -5.843  5.434   1.00 33.96 ? 306 HOH A O   1 
HETATM 1314 O  O   . HOH B 2 .   ? 13.624  7.503   1.115   1.00 38.34 ? 307 HOH A O   1 
HETATM 1315 O  O   . HOH B 2 .   ? 11.817  -0.076  2.355   1.00 29.51 ? 308 HOH A O   1 
HETATM 1316 O  O   . HOH B 2 .   ? 7.778   0.376   -10.964 1.00 33.77 ? 309 HOH A O   1 
HETATM 1317 O  O   . HOH B 2 .   ? 11.861  -0.868  5.158   1.00 35.04 ? 310 HOH A O   1 
HETATM 1318 O  O   . HOH B 2 .   ? -3.371  -6.581  10.445  1.00 59.12 ? 311 HOH A O   1 
HETATM 1319 O  O   . HOH B 2 .   ? -6.670  3.335   -18.785 1.00 31.12 ? 312 HOH A O   1 
HETATM 1320 O  O   . HOH B 2 .   ? 13.522  3.356   -4.192  1.00 33.11 ? 313 HOH A O   1 
HETATM 1321 O  O   . HOH B 2 .   ? 3.196   -20.583 -9.758  1.00 39.02 ? 314 HOH A O   1 
HETATM 1322 O  O   . HOH B 2 .   ? -16.442 -0.729  -17.206 1.00 45.01 ? 315 HOH A O   1 
HETATM 1323 O  O   . HOH B 2 .   ? -12.276 -1.104  -14.741 1.00 51.18 ? 316 HOH A O   1 
HETATM 1324 O  O   . HOH B 2 .   ? 3.628   15.242  -0.823  1.00 35.70 ? 317 HOH A O   1 
HETATM 1325 O  O   . HOH B 2 .   ? 3.417   12.996  -6.907  1.00 34.58 ? 318 HOH A O   1 
HETATM 1326 O  O   . HOH B 2 .   ? 2.545   13.553  8.983   1.00 37.81 ? 319 HOH A O   1 
HETATM 1327 O  O   . HOH B 2 .   ? 9.194   -9.238  -4.706  1.00 26.68 ? 320 HOH A O   1 
HETATM 1328 O  O   . HOH B 2 .   ? -0.891  17.512  3.845   1.00 36.22 ? 321 HOH A O   1 
HETATM 1329 O  O   . HOH B 2 .   ? -12.786 9.937   -11.016 1.00 32.06 ? 322 HOH A O   1 
HETATM 1330 O  O   . HOH B 2 .   ? 7.935   13.035  -2.849  1.00 35.36 ? 323 HOH A O   1 
HETATM 1331 O  O   . HOH B 2 .   ? -0.589  -19.050 -14.223 1.00 63.18 ? 324 HOH A O   1 
HETATM 1332 O  O   . HOH B 2 .   ? -1.822  -3.680  3.869   1.00 32.88 ? 325 HOH A O   1 
HETATM 1333 O  O   . HOH B 2 .   ? 9.410   -13.865 9.362   1.00 40.38 ? 326 HOH A O   1 
HETATM 1334 O  O   . HOH B 2 .   ? -9.489  -4.019  -9.044  1.00 33.30 ? 327 HOH A O   1 
HETATM 1335 O  O   . HOH B 2 .   ? 3.965   -11.298 9.176   1.00 38.51 ? 328 HOH A O   1 
HETATM 1336 O  O   . HOH B 2 .   ? -1.704  0.150   19.880  1.00 39.14 ? 329 HOH A O   1 
HETATM 1337 O  O   . HOH B 2 .   ? -11.403 -3.905  -13.306 1.00 46.73 ? 330 HOH A O   1 
HETATM 1338 O  O   . HOH B 2 .   ? -0.764  22.722  5.714   1.00 48.89 ? 331 HOH A O   1 
HETATM 1339 O  O   . HOH B 2 .   ? 8.861   8.118   9.650   1.00 47.88 ? 332 HOH A O   1 
HETATM 1340 O  O   . HOH B 2 .   ? -0.841  -7.479  13.435  1.00 38.90 ? 333 HOH A O   1 
HETATM 1341 O  O   . HOH B 2 .   ? -7.700  9.739   -14.904 1.00 46.49 ? 334 HOH A O   1 
HETATM 1342 O  O   . HOH B 2 .   ? 13.223  11.758  3.596   1.00 59.83 ? 335 HOH A O   1 
HETATM 1343 O  O   . HOH B 2 .   ? 11.801  -3.491  8.112   1.00 40.10 ? 336 HOH A O   1 
HETATM 1344 O  O   . HOH B 2 .   ? -4.488  -3.501  4.991   1.00 59.35 ? 337 HOH A O   1 
HETATM 1345 O  O   . HOH B 2 .   ? -5.534  14.093  15.978  1.00 34.20 ? 338 HOH A O   1 
HETATM 1346 O  O   . HOH B 2 .   ? 10.285  1.901   4.254   1.00 38.97 ? 339 HOH A O   1 
HETATM 1347 O  O   . HOH B 2 .   ? 3.939   12.341  15.519  1.00 64.18 ? 340 HOH A O   1 
HETATM 1348 O  O   . HOH B 2 .   ? -6.884  -4.235  2.319   1.00 49.89 ? 341 HOH A O   1 
HETATM 1349 O  O   . HOH B 2 .   ? 8.320   0.341   -20.070 1.00 65.91 ? 342 HOH A O   1 
HETATM 1350 O  O   . HOH B 2 .   ? -7.683  2.252   14.045  1.00 40.43 ? 343 HOH A O   1 
HETATM 1351 O  O   . HOH B 2 .   ? -18.683 -6.928  -18.087 1.00 55.29 ? 344 HOH A O   1 
HETATM 1352 O  O   . HOH B 2 .   ? -8.563  -4.800  -21.248 1.00 50.17 ? 345 HOH A O   1 
HETATM 1353 O  O   . HOH B 2 .   ? 0.096   12.724  12.643  1.00 40.40 ? 346 HOH A O   1 
HETATM 1354 O  O   . HOH B 2 .   ? -4.207  -5.347  -0.876  1.00 35.70 ? 347 HOH A O   1 
HETATM 1355 O  O   . HOH B 2 .   ? -12.484 7.781   -2.259  1.00 39.59 ? 348 HOH A O   1 
HETATM 1356 O  O   . HOH B 2 .   ? -7.636  -22.087 -5.442  1.00 42.61 ? 349 HOH A O   1 
HETATM 1357 O  O   . HOH B 2 .   ? -8.691  17.200  -10.797 1.00 54.64 ? 350 HOH A O   1 
HETATM 1358 O  O   . HOH B 2 .   ? -13.018 10.546  0.363   1.00 55.31 ? 351 HOH A O   1 
HETATM 1359 O  O   . HOH B 2 .   ? -9.152  9.228   -0.237  1.00 54.00 ? 352 HOH A O   1 
HETATM 1360 O  O   . HOH B 2 .   ? -3.071  -21.890 -11.038 1.00 63.27 ? 353 HOH A O   1 
HETATM 1361 O  O   . HOH B 2 .   ? 2.565   4.394   -18.962 1.00 52.70 ? 354 HOH A O   1 
HETATM 1362 O  O   . HOH B 2 .   ? -2.393  -4.138  -8.065  1.00 21.64 ? 355 HOH A O   1 
HETATM 1363 O  O   . HOH B 2 .   ? 9.779   12.826  4.110   1.00 82.64 ? 356 HOH A O   1 
HETATM 1364 O  O   . HOH B 2 .   ? -1.474  3.493   -18.759 1.00 69.91 ? 357 HOH A O   1 
HETATM 1365 O  O   . HOH B 2 .   ? 4.703   10.059  -13.204 1.00 44.52 ? 358 HOH A O   1 
HETATM 1366 O  O   . HOH B 2 .   ? 15.099  -1.713  7.856   1.00 64.70 ? 359 HOH A O   1 
HETATM 1367 O  O   . HOH B 2 .   ? -11.759 -4.311  -10.829 1.00 54.33 ? 360 HOH A O   1 
HETATM 1368 O  O   . HOH B 2 .   ? 7.700   10.638  12.682  1.00 64.16 ? 361 HOH A O   1 
HETATM 1369 O  O   . HOH B 2 .   ? -15.368 -7.513  -17.474 1.00 63.75 ? 362 HOH A O   1 
HETATM 1370 O  O   . HOH B 2 .   ? -12.748 8.148   4.125   1.00 49.92 ? 363 HOH A O   1 
HETATM 1371 O  O   . HOH B 2 .   ? -4.029  -8.362  -16.336 1.00 51.44 ? 364 HOH A O   1 
HETATM 1372 O  O   . HOH B 2 .   ? 12.687  3.351   -7.923  1.00 71.92 ? 365 HOH A O   1 
HETATM 1373 O  O   . HOH B 2 .   ? -0.350  5.820   -18.699 1.00 61.46 ? 366 HOH A O   1 
HETATM 1374 O  O   . HOH B 2 .   ? -11.370 15.384  -3.418  1.00 43.62 ? 367 HOH A O   1 
HETATM 1375 O  O   . HOH B 2 .   ? 6.479   9.182   18.948  1.00 92.79 ? 368 HOH A O   1 
HETATM 1376 O  O   . HOH B 2 .   ? -13.573 -6.485  -13.427 1.00 63.24 ? 369 HOH A O   1 
HETATM 1377 O  O   . HOH B 2 .   ? -4.457  3.013   19.734  1.00 62.29 ? 370 HOH A O   1 
HETATM 1378 O  O   . HOH B 2 .   ? -5.549  1.885   15.492  1.00 45.63 ? 371 HOH A O   1 
HETATM 1379 O  O   . HOH B 2 .   ? -2.628  19.866  13.411  1.00 72.72 ? 372 HOH A O   1 
HETATM 1380 O  O   . HOH B 2 .   ? -6.862  15.417  14.060  1.00 37.58 ? 373 HOH A O   1 
HETATM 1381 O  O   . HOH B 2 .   ? 0.915   5.884   21.565  1.00 52.60 ? 374 HOH A O   1 
HETATM 1382 O  O   . HOH B 2 .   ? -4.785  17.458  9.171   1.00 45.54 ? 375 HOH A O   1 
HETATM 1383 O  O   . HOH B 2 .   ? -1.467  18.772  6.915   1.00 56.97 ? 376 HOH A O   1 
HETATM 1384 O  O   . HOH B 2 .   ? -6.040  16.664  11.817  1.00 47.09 ? 377 HOH A O   1 
HETATM 1385 O  O   . HOH B 2 .   ? -1.567  20.190  0.344   1.00 81.44 ? 378 HOH A O   1 
HETATM 1386 O  O   . HOH B 2 .   ? -0.219  19.216  2.128   1.00 48.94 ? 379 HOH A O   1 
HETATM 1387 O  O   . HOH B 2 .   ? -1.098  20.901  -6.373  1.00 58.08 ? 380 HOH A O   1 
HETATM 1388 O  O   . HOH B 2 .   ? 1.035   15.110  -7.737  1.00 46.00 ? 381 HOH A O   1 
HETATM 1389 O  O   . HOH B 2 .   ? -5.477  5.276   -16.642 1.00 40.30 ? 382 HOH A O   1 
HETATM 1390 O  O   . HOH B 2 .   ? -8.996  24.541  -6.557  1.00 63.36 ? 383 HOH A O   1 
HETATM 1391 O  O   . HOH B 2 .   ? -12.522 12.414  -9.552  1.00 33.87 ? 384 HOH A O   1 
HETATM 1392 O  O   . HOH B 2 .   ? -14.785 12.586  -2.619  1.00 57.85 ? 385 HOH A O   1 
HETATM 1393 O  O   . HOH B 2 .   ? -14.485 11.767  -6.226  1.00 51.71 ? 386 HOH A O   1 
HETATM 1394 O  O   . HOH B 2 .   ? -11.331 18.334  -3.627  1.00 45.68 ? 387 HOH A O   1 
HETATM 1395 O  O   . HOH B 2 .   ? -15.980 8.306   -4.936  1.00 51.92 ? 388 HOH A O   1 
HETATM 1396 O  O   . HOH B 2 .   ? -13.480 -1.370  -6.677  1.00 51.82 ? 389 HOH A O   1 
HETATM 1397 O  O   . HOH B 2 .   ? -11.785 14.110  -6.002  1.00 38.99 ? 390 HOH A O   1 
HETATM 1398 O  O   . HOH B 2 .   ? -16.405 14.437  -7.583  1.00 44.49 ? 391 HOH A O   1 
HETATM 1399 O  O   . HOH B 2 .   ? -12.704 5.361   1.933   1.00 53.48 ? 392 HOH A O   1 
HETATM 1400 O  O   . HOH B 2 .   ? -18.422 -6.068  -21.003 1.00 66.84 ? 393 HOH A O   1 
HETATM 1401 O  O   . HOH B 2 .   ? -11.632 -0.427  14.407  1.00 61.57 ? 394 HOH A O   1 
HETATM 1402 O  O   . HOH B 2 .   ? -14.589 1.172   16.836  1.00 63.07 ? 395 HOH A O   1 
HETATM 1403 O  O   . HOH B 2 .   ? -10.663 -8.722  11.744  1.00 68.14 ? 396 HOH A O   1 
HETATM 1404 O  O   . HOH B 2 .   ? -3.708  -6.634  16.358  1.00 67.82 ? 397 HOH A O   1 
HETATM 1405 O  O   . HOH B 2 .   ? -11.303 -3.626  -7.204  1.00 42.56 ? 398 HOH A O   1 
HETATM 1406 O  O   . HOH B 2 .   ? -1.456  -5.587  -6.539  1.00 27.69 ? 399 HOH A O   1 
HETATM 1407 O  O   . HOH B 2 .   ? -13.019 0.537   -12.726 1.00 46.93 ? 400 HOH A O   1 
HETATM 1408 O  O   . HOH B 2 .   ? -4.109  -5.953  -17.063 1.00 50.94 ? 401 HOH A O   1 
HETATM 1409 O  O   . HOH B 2 .   ? -6.153  -2.040  -18.468 1.00 41.71 ? 402 HOH A O   1 
HETATM 1410 O  O   . HOH B 2 .   ? -2.031  -1.852  -17.677 1.00 54.95 ? 403 HOH A O   1 
HETATM 1411 O  O   . HOH B 2 .   ? 4.587   2.987   16.995  1.00 58.66 ? 404 HOH A O   1 
HETATM 1412 O  O   . HOH B 2 .   ? 0.128   -11.146 -18.234 1.00 61.55 ? 405 HOH A O   1 
HETATM 1413 O  O   . HOH B 2 .   ? 6.290   -7.571  -18.747 1.00 57.28 ? 406 HOH A O   1 
HETATM 1414 O  O   . HOH B 2 .   ? 6.463   -3.355  -17.843 1.00 49.30 ? 407 HOH A O   1 
HETATM 1415 O  O   . HOH B 2 .   ? -0.743  11.003  -15.358 1.00 67.48 ? 408 HOH A O   1 
HETATM 1416 O  O   . HOH B 2 .   ? 8.524   11.235  -9.631  1.00 62.80 ? 409 HOH A O   1 
HETATM 1417 O  O   . HOH B 2 .   ? 10.965  13.849  0.101   1.00 56.92 ? 410 HOH A O   1 
HETATM 1418 O  O   . HOH B 2 .   ? 7.167   12.066  15.087  1.00 58.25 ? 411 HOH A O   1 
HETATM 1419 O  O   . HOH B 2 .   ? 9.488   3.840   13.705  1.00 51.79 ? 412 HOH A O   1 
HETATM 1420 O  O   . HOH B 2 .   ? -9.808  -11.082 -2.868  1.00 52.32 ? 413 HOH A O   1 
HETATM 1421 O  O   . HOH B 2 .   ? -2.551  -11.035 -13.983 1.00 35.32 ? 414 HOH A O   1 
HETATM 1422 O  O   . HOH B 2 .   ? -4.393  -13.583 -22.151 1.00 65.73 ? 415 HOH A O   1 
HETATM 1423 O  O   . HOH B 2 .   ? 6.836   -8.405  -13.154 1.00 46.93 ? 416 HOH A O   1 
HETATM 1424 O  O   . HOH B 2 .   ? 13.324  -5.014  -8.551  1.00 49.83 ? 417 HOH A O   1 
HETATM 1425 O  O   . HOH B 2 .   ? 9.554   -4.944  -10.432 1.00 63.16 ? 418 HOH A O   1 
HETATM 1426 O  O   . HOH B 2 .   ? 9.059   -2.427  -11.163 1.00 54.50 ? 419 HOH A O   1 
HETATM 1427 O  O   . HOH B 2 .   ? 15.098  0.944   -7.696  1.00 56.01 ? 420 HOH A O   1 
HETATM 1428 O  O   . HOH B 2 .   ? 11.399  0.767   -8.914  1.00 43.64 ? 421 HOH A O   1 
HETATM 1429 O  O   . HOH B 2 .   ? 14.831  -23.378 -11.942 1.00 69.92 ? 422 HOH A O   1 
HETATM 1430 O  O   . HOH B 2 .   ? 12.836  12.045  -2.169  1.00 55.50 ? 423 HOH A O   1 
HETATM 1431 O  O   . HOH B 2 .   ? 9.997   12.198  -6.177  1.00 48.00 ? 424 HOH A O   1 
HETATM 1432 O  O   . HOH B 2 .   ? 11.728  10.754  10.158  1.00 65.63 ? 425 HOH A O   1 
HETATM 1433 O  O   . HOH B 2 .   ? 16.102  6.379   1.962   1.00 50.61 ? 426 HOH A O   1 
HETATM 1434 O  O   . HOH B 2 .   ? 14.341  -1.768  4.612   1.00 47.04 ? 427 HOH A O   1 
HETATM 1435 O  O   . HOH B 2 .   ? 11.105  -6.055  8.184   1.00 33.80 ? 428 HOH A O   1 
HETATM 1436 O  O   . HOH B 2 .   ? 10.843  -7.421  18.156  1.00 55.95 ? 429 HOH A O   1 
HETATM 1437 O  O   . HOH B 2 .   ? 5.356   16.952  3.932   1.00 72.97 ? 430 HOH A O   1 
HETATM 1438 O  O   . HOH B 2 .   ? 9.983   13.387  9.136   1.00 54.02 ? 431 HOH A O   1 
HETATM 1439 O  O   . HOH B 2 .   ? -5.125  -3.811  -16.434 1.00 44.73 ? 432 HOH A O   1 
HETATM 1440 O  O   . HOH B 2 .   ? -11.136 -5.003  -21.565 1.00 51.88 ? 433 HOH A O   1 
HETATM 1441 O  O   . HOH B 2 .   ? -4.839  1.404   -19.561 1.00 54.26 ? 434 HOH A O   1 
HETATM 1442 O  O   . HOH B 2 .   ? 3.242   16.930  -2.993  1.00 56.12 ? 435 HOH A O   1 
HETATM 1443 O  O   . HOH B 2 .   ? 15.066  5.465   -3.748  1.00 37.20 ? 436 HOH A O   1 
HETATM 1444 O  O   . HOH B 2 .   ? 0.164   -1.393  -20.056 1.00 46.94 ? 437 HOH A O   1 
HETATM 1445 O  O   . HOH B 2 .   ? 3.315   14.579  17.457  1.00 60.14 ? 438 HOH A O   1 
HETATM 1446 O  O   . HOH B 2 .   ? -4.099  -4.056  16.610  1.00 45.11 ? 439 HOH A O   1 
HETATM 1447 O  O   . HOH B 2 .   ? -5.341  4.025   17.422  1.00 53.07 ? 440 HOH A O   1 
HETATM 1448 O  O   . HOH B 2 .   ? -0.991  13.962  17.254  1.00 38.33 ? 441 HOH A O   1 
HETATM 1449 O  O   . HOH B 2 .   ? 11.098  1.075   -19.483 1.00 83.26 ? 442 HOH A O   1 
HETATM 1450 O  O   . HOH B 2 .   ? 12.324  -7.423  -9.011  1.00 65.86 ? 443 HOH A O   1 
HETATM 1451 O  O   . HOH B 2 .   ? -7.504  -8.573  -16.658 1.00 62.17 ? 444 HOH A O   1 
HETATM 1452 O  O   . HOH B 2 .   ? 6.854   11.221  17.479  1.00 60.15 ? 445 HOH A O   1 
HETATM 1453 O  O   . HOH B 2 .   ? -15.154 10.738  -0.911  1.00 83.65 ? 446 HOH A O   1 
HETATM 1454 O  O   . HOH B 2 .   ? -10.045 8.753   12.173  1.00 42.11 ? 447 HOH A O   1 
HETATM 1455 O  O   . HOH B 2 .   ? 15.121  -24.179 -14.415 1.00 84.53 ? 448 HOH A O   1 
HETATM 1456 O  O   . HOH B 2 .   ? 2.395   -11.210 -26.088 1.00 69.43 ? 449 HOH A O   1 
HETATM 1457 O  O   . HOH B 2 .   ? 3.906   17.220  1.877   1.00 46.40 ? 450 HOH A O   1 
HETATM 1458 O  O   . HOH B 2 .   ? 14.249  9.530   -5.348  1.00 43.81 ? 451 HOH A O   1 
HETATM 1459 O  O   . HOH B 2 .   ? 0.039   -7.000  20.184  1.00 43.97 ? 452 HOH A O   1 
HETATM 1460 O  O   . HOH B 2 .   ? 5.339   5.304   -18.296 1.00 50.57 ? 453 HOH A O   1 
HETATM 1461 O  O   . HOH B 2 .   ? 7.510   -13.451 23.648  1.00 62.32 ? 454 HOH A O   1 
HETATM 1462 O  O   . HOH B 2 .   ? 9.735   -16.500 -15.867 1.00 55.27 ? 455 HOH A O   1 
HETATM 1463 O  O   . HOH B 2 .   ? -0.331  -19.911 -9.295  1.00 46.85 ? 456 HOH A O   1 
HETATM 1464 O  O   . HOH B 2 .   ? 15.434  1.282   -3.386  1.00 50.68 ? 457 HOH A O   1 
HETATM 1465 O  O   . HOH B 2 .   ? 9.349   12.166  11.487  1.00 55.25 ? 458 HOH A O   1 
HETATM 1466 O  O   . HOH B 2 .   ? -7.513  -12.977 -2.281  1.00 76.18 ? 459 HOH A O   1 
HETATM 1467 O  O   . HOH B 2 .   ? 14.775  10.956  -0.192  1.00 67.32 ? 460 HOH A O   1 
HETATM 1468 O  O   . HOH B 2 .   ? -5.294  19.204  -16.556 1.00 77.01 ? 461 HOH A O   1 
HETATM 1469 O  O   . HOH B 2 .   ? -17.732 -12.412 -12.467 1.00 56.01 ? 462 HOH A O   1 
HETATM 1470 O  O   . HOH B 2 .   ? 1.195   21.080  3.789   1.00 72.65 ? 463 HOH A O   1 
HETATM 1471 O  O   . HOH B 2 .   ? 2.526   16.040  7.014   1.00 69.71 ? 464 HOH A O   1 
HETATM 1472 O  O   . HOH B 2 .   ? 13.238  -17.305 -11.754 1.00 96.53 ? 465 HOH A O   1 
HETATM 1473 O  O   . HOH B 2 .   ? -1.628  13.936  22.275  1.00 64.94 ? 466 HOH A O   1 
HETATM 1474 O  O   . HOH B 2 .   ? 0.576   19.620  8.152   1.00 71.30 ? 467 HOH A O   1 
HETATM 1475 O  O   . HOH B 2 .   ? -9.732  6.881   20.393  1.00 48.97 ? 468 HOH A O   1 
HETATM 1476 O  O   . HOH B 2 .   ? 0.932   0.749   22.362  1.00 76.37 ? 469 HOH A O   1 
HETATM 1477 O  O   . HOH B 2 .   ? 0.144   17.760  -8.991  1.00 73.42 ? 470 HOH A O   1 
HETATM 1478 O  O   . HOH B 2 .   ? 5.400   -15.962 22.354  1.00 55.89 ? 471 HOH A O   1 
HETATM 1479 O  O   . HOH B 2 .   ? 5.009   14.158  20.476  1.00 70.09 ? 472 HOH A O   1 
HETATM 1480 O  O   . HOH B 2 .   ? 0.921   15.487  23.363  1.00 59.94 ? 473 HOH A O   1 
HETATM 1481 O  O   . HOH B 2 .   ? 1.431   14.271  15.509  1.00 69.99 ? 474 HOH A O   1 
HETATM 1482 O  O   . HOH B 2 .   ? 4.104   -7.904  23.194  1.00 68.47 ? 475 HOH A O   1 
HETATM 1483 O  O   . HOH B 2 .   ? 9.494   -3.966  -21.413 1.00 75.06 ? 476 HOH A O   1 
HETATM 1484 O  O   . HOH B 2 .   ? 8.206   -6.369  20.092  1.00 75.18 ? 477 HOH A O   1 
HETATM 1485 O  O   . HOH B 2 .   ? 3.949   -9.955  -19.046 1.00 61.20 ? 478 HOH A O   1 
HETATM 1486 O  O   . HOH B 2 .   ? 13.382  13.066  0.760   1.00 66.39 ? 479 HOH A O   1 
HETATM 1487 O  O   . HOH B 2 .   ? 6.955   14.816  8.586   1.00 53.98 ? 480 HOH A O   1 
HETATM 1488 O  O   . HOH B 2 .   ? -1.047  0.846   -19.775 1.00 70.03 ? 481 HOH A O   1 
HETATM 1489 O  O   . HOH B 2 .   ? -0.467  -2.774  -22.627 1.00 53.71 ? 482 HOH A O   1 
HETATM 1490 O  O   . HOH B 2 .   ? 0.418   15.958  26.072  1.00 64.59 ? 483 HOH A O   1 
HETATM 1491 O  O   . HOH B 2 .   ? 2.831   3.886   20.719  1.00 53.65 ? 484 HOH A O   1 
HETATM 1492 O  O   . HOH B 2 .   ? 15.001  -13.676 21.026  1.00 63.79 ? 485 HOH A O   1 
HETATM 1493 O  O   . HOH B 2 .   ? -3.834  12.019  -12.086 1.00 53.33 ? 486 HOH A O   1 
HETATM 1494 O  O   . HOH B 2 .   ? 13.070  8.238   -9.357  1.00 62.58 ? 487 HOH A O   1 
HETATM 1495 O  O   . HOH B 2 .   ? -4.780  -9.828  -18.413 1.00 58.62 ? 488 HOH A O   1 
HETATM 1496 O  O   . HOH B 2 .   ? 13.902  11.101  -7.513  1.00 68.82 ? 489 HOH A O   1 
HETATM 1497 O  O   . HOH B 2 .   ? 10.592  -14.008 22.673  1.00 78.51 ? 490 HOH A O   1 
HETATM 1498 O  O   . HOH B 2 .   ? 3.110   14.239  -15.544 1.00 70.81 ? 491 HOH A O   1 
HETATM 1499 O  O   . HOH B 2 .   ? 12.770  -1.545  20.260  1.00 70.20 ? 492 HOH A O   1 
HETATM 1500 O  O   . HOH B 2 .   ? -2.311  -1.771  -21.368 1.00 73.39 ? 493 HOH A O   1 
HETATM 1501 O  O   . HOH B 2 .   ? 3.957   -10.494 -23.025 1.00 64.30 ? 494 HOH A O   1 
HETATM 1502 O  O   . HOH B 2 .   ? 5.824   4.674   -15.423 1.00 53.16 ? 495 HOH A O   1 
HETATM 1503 O  O   . HOH B 2 .   ? 0.284   -21.348 -11.481 1.00 60.30 ? 496 HOH A O   1 
HETATM 1504 O  O   . HOH B 2 .   ? 6.398   -11.144 24.224  1.00 64.71 ? 497 HOH A O   1 
HETATM 1505 O  O   . HOH B 2 .   ? -19.211 -13.637 -10.673 1.00 83.24 ? 498 HOH A O   1 
HETATM 1506 O  O   . HOH B 2 .   ? -12.518 2.263   -7.152  1.00 49.07 ? 499 HOH A O   1 
HETATM 1507 O  O   . HOH B 2 .   ? 2.088   -21.735 -17.481 1.00 68.10 ? 500 HOH A O   1 
HETATM 1508 O  O   . HOH B 2 .   ? 7.891   14.063  10.836  1.00 71.09 ? 501 HOH A O   1 
# 
